data_6QCW
#
_entry.id   6QCW
#
_cell.length_a   200.354
_cell.length_b   200.354
_cell.length_c   256.466
_cell.angle_alpha   90.00
_cell.angle_beta   90.00
_cell.angle_gamma   120.00
#
_symmetry.space_group_name_H-M   'P 32 2 1'
#
loop_
_entity.id
_entity.type
_entity.pdbx_description
1 polymer 'Polymerase acidic protein'
2 polymer 'RNA-directed RNA polymerase catalytic subunit'
3 polymer 'Polymerase basic protein 2'
4 polymer "RNA (5'-D(*(GDM))-R(P*GP*AP*AP*UP*GP*CP*CP*AP*UP*AP*AP*UP*AP*G)-3')"
5 polymer "RNA (5'-R(*UP*AP*UP*AP*CP*CP*UP*CP*UP*GP*CP*UP*UP*CP*UP*GP*CP*UP*AP*UP*U)-3')"
6 polymer "RNA (5'-R(P*AP*GP*UP*AP*GP*UP*AP*AP*CP*AP*AP*GP*AP*G)-3')"
7 non-polymer 'PHOSPHATE ION'
#
loop_
_entity_poly.entity_id
_entity_poly.type
_entity_poly.pdbx_seq_one_letter_code
_entity_poly.pdbx_strand_id
1 'polypeptide(L)'
;GSHHHHHHHHGSGSMDTFITRNFQTTIIQKAKNTMAEFSEDPELQPAMLFNICVHLEVCYVISDMNFLDEEGKAYTALEG
QGKEQNLRPQYEVIEGMPRTIAWMVQRSLAQEHGIETPKYLADLFDYKTKRFIEVGITKGLADDYFWKKKEKLGNSMELM
IFSYNQDYSLSNESSLDEEGKGRVLSRLTELQAELSLKNLWQVLIGEEDVEKGIDFKLGQTISRLRDISVPAGFSNFEGM
RSYIDNIDPKGAIERNLARMSPLVSVTPKKLTWEDLRPIGPHIYNHELPEVPYNAFLLMSDELGLANMTEGKSKKPKTLA
KECLEKYSTLRDQTDPILIMKSEKANENFLWKLWRDCVNTISNEEMSNELQKTNYAKWATGDGLTYQKIMKEVAIDDETM
CQEEPKIPNKCRVAAWVQTEMNLLSTLTSKRALDLPEIGPDVAPVEHVGSERRKYFVNEINYCKASTVMMKYVLFHTSLL
NESNASMGKYKVIPITNRVVNEKGESFDMLYGLAVKGQSHLRGDTDVVTVVTFEFSSTDPRVDSGKWPKYTVFRIGSLFV
SGREKSVYLYCRVNGTNKIQMKWGMEARRCLLQSMQQMEAIVEQESSIQGYDMTKACFKGDRVNSPKTFSIGTQEGKLVK
GSFGKALRVIFTKCLMHYVFGNAQLEGFSAESRRLLLLIQALKDRKGPWVFDLEGMYSGIEECISNNPWVIQSAYWFNEW
LGFEKEGSKVLESVDEIMDEGSGSGENLYFQ
;
A
2 'polypeptide(L)'
;GSGSGSGSGMNINPYFLFIDVPIQAAISTTFPYTGVPPYSHGTGTGYTIDTVIRTHEYSNKGKQYISDVTGCTMVDPTNG
PLPEDNEPSAYAQLDCVLEALDRMDEEHPGLFQAASQNAMETLMVTTVDKLTQGRQTFDWTVCRNQPAATALNTTITSFR
LNDLNGADKGGLIPFCQDIIDSLDRPEMTFFSVKNIKKKLPAKNRKGFLIKRIPMKVKDKITKVEYIKRALSLNTMTKDA
ERGKLKRRAIATAGIQIRGFVLVVENLAKNICENLEQSGLPVGGNEKKAKLSNAVAKMLSNCPPGGISMTVTGDNTKWNE
CLNPRIFLAMTERITRDSPIWFRDFCSIAPVLFSNKIARLGKGFMITSKTKRLKAQIPCPDLFSIPLERYNEETRAKLKK
LKPFFNEEGTASLSPGMMMGMFNMLSTVLGVAALGIKNIGNKEYLWDGLQSSDDFALFVNAKDEETCMEGINDFYRTCKL
LGINMSKKKSYCNETGMFEFTSMFYRDGFVSNFAMELPSFGVAGVNESADMAIGMTIIKNNMINNGMGPATAQTAIQLFI
ADYRYTYKCHRGDSKVEGKRMKIIKELWENTKGRDGLLVADGGPNIYNLRNLHIPEIVLKYNLMDPEYKGRLLHPQNPFV
GHLSIEGIKEADITPAHGPVKKMDYDAVSGTHSWRTKRNRSILNTDQRNMILEEQCYAKCCNLFEACFNSASYRKPVGQH
SMLEAMAHRLRMDARLDYESGRMSKDDFEKAMAHLGEIGYIGSGSGENLYFQ
;
B
3 'polypeptide(L)'
;GSGSGSGSGMTLAKIELLKQLLRDNEAKTVLKQTTVDQYNIIRKFNTSRIEKNPSLRMKWAMCSNFPLALTKGDMANRIP
LEYKGIQLKTNAEDIGTKGQMCSIAAVTWWNTYGPIGDTEGFERVYESFFLRKMRLDNATWGRITFGPVERVRKRVLLNP
LTKEMPPDEASNVIMEILFPKEAGIPRESTWIHRELIKEKREKLKGTMITPIVLAYMLERELVARRRFLPVAGATSAEFI
EMLHCLQGENWRQIYHPGGNKLTESRSQSMIVACRKIIRRSIVASNPLELAVEIANKTVIDTEPLKSCLAAIDGGDVACD
IIRAALGLKIRQRQRFGRLELKRISGRGFKNDEEILIGNGTIQKIGIWDGEEEFHVRCGECRGILKKSKMKLEKLLINSA
KKEDMRDLIILCMVFSQDTRMFQGVRGEINFLNRAGQLLSPMYQLQRYFLNRSNDLFDQWGYEESPKASELHGINESMNA
SDYTLKGVVVTRNVIDDFSSTETEKVSITKNLSLIKRTGEVIMGANDVSELESQAQLMITYDTPKMWEMGTTKELVQNTY
QWVLKNLVTLKAQFLLGKEDMFQWDAFEAFESIIPQKMAGQYSGFARAVLKQMRDQEVMKTDQFIKLLPFCFSPPKLRSN
GEPYQFLKLVLKGGGENFIEVRKGSPLFSYNPQTEVLTICGRMMSLKGKIEDEERNRSMGNAVLAGFLVSGKYDPDLGDF
KTIEELEKLKPGEKANILLYQGKPVKVVKRKRYSALSNDISQGIKRQRMTVESMGWALSGWSHPQFEKGSGSENLYFQ
;
C
4 'polyribonucleotide' (M7G)GAAUGCUAUAAUAG M
5 'polyribonucleotide' UAUACCUCUGCUUCUGCUAUU R
6 'polyribonucleotide' AGUAGUAACAAGAG V
#
loop_
_chem_comp.id
_chem_comp.type
_chem_comp.name
_chem_comp.formula
A RNA linking ADENOSINE-5'-MONOPHOSPHATE 'C10 H14 N5 O7 P'
C RNA linking CYTIDINE-5'-MONOPHOSPHATE 'C9 H14 N3 O8 P'
G RNA linking GUANOSINE-5'-MONOPHOSPHATE 'C10 H14 N5 O8 P'
M7G non-polymer 7N-METHYL-8-HYDROGUANOSINE-5'-DIPHOSPHATE 'C11 H19 N5 O11 P2'
PO4 non-polymer 'PHOSPHATE ION' 'O4 P -3'
U RNA linking URIDINE-5'-MONOPHOSPHATE 'C9 H13 N2 O9 P'
#
# COMPACT_ATOMS: atom_id res chain seq x y z
N SER A 14 47.08 -38.62 -3.96
CA SER A 14 45.96 -37.84 -3.36
C SER A 14 44.62 -38.56 -3.58
N MET A 15 43.54 -38.01 -3.01
CA MET A 15 42.20 -38.56 -3.12
C MET A 15 41.56 -38.15 -4.46
N ASP A 16 41.96 -36.99 -4.98
CA ASP A 16 41.37 -36.37 -6.17
C ASP A 16 41.47 -37.33 -7.37
N THR A 17 42.68 -37.86 -7.62
CA THR A 17 42.98 -38.71 -8.77
C THR A 17 42.62 -40.18 -8.49
N PHE A 18 42.51 -40.53 -7.20
CA PHE A 18 42.19 -41.91 -6.76
C PHE A 18 40.82 -42.33 -7.30
N ILE A 19 39.82 -41.46 -7.11
CA ILE A 19 38.41 -41.76 -7.38
C ILE A 19 38.18 -41.93 -8.89
N THR A 20 39.05 -41.32 -9.70
CA THR A 20 38.99 -41.41 -11.17
C THR A 20 39.22 -42.86 -11.63
N ARG A 21 40.16 -43.55 -10.98
CA ARG A 21 40.57 -44.91 -11.38
C ARG A 21 39.49 -45.93 -10.99
N ASN A 22 39.07 -45.88 -9.71
CA ASN A 22 38.24 -46.93 -9.09
C ASN A 22 36.80 -46.82 -9.57
N PHE A 23 36.16 -45.68 -9.29
CA PHE A 23 34.73 -45.46 -9.54
C PHE A 23 34.53 -44.90 -10.95
N GLN A 24 33.32 -45.10 -11.48
CA GLN A 24 32.91 -44.56 -12.79
C GLN A 24 32.49 -43.09 -12.63
N THR A 25 32.38 -42.39 -13.76
CA THR A 25 32.07 -40.95 -13.80
C THR A 25 30.59 -40.73 -13.45
N THR A 26 29.77 -41.78 -13.60
CA THR A 26 28.36 -41.75 -13.19
C THR A 26 28.27 -41.56 -11.66
N ILE A 27 29.05 -42.37 -10.93
CA ILE A 27 29.06 -42.39 -9.46
C ILE A 27 29.69 -41.08 -8.95
N ILE A 28 30.73 -40.59 -9.64
CA ILE A 28 31.44 -39.36 -9.28
C ILE A 28 30.46 -38.18 -9.26
N GLN A 29 29.82 -37.93 -10.41
CA GLN A 29 28.99 -36.73 -10.64
C GLN A 29 27.72 -36.79 -9.77
N LYS A 30 27.17 -37.99 -9.57
CA LYS A 30 25.97 -38.16 -8.74
C LYS A 30 26.28 -37.79 -7.28
N ALA A 31 27.46 -38.20 -6.80
CA ALA A 31 27.90 -37.93 -5.43
C ALA A 31 28.24 -36.45 -5.26
N LYS A 32 28.91 -35.87 -6.28
CA LYS A 32 29.33 -34.46 -6.27
C LYS A 32 28.10 -33.54 -6.18
N ASN A 33 27.02 -33.91 -6.89
CA ASN A 33 25.76 -33.16 -6.89
C ASN A 33 25.11 -33.27 -5.50
N THR A 34 25.06 -34.50 -4.96
CA THR A 34 24.50 -34.78 -3.63
C THR A 34 25.26 -33.98 -2.56
N MET A 35 26.58 -33.90 -2.71
CA MET A 35 27.45 -33.18 -1.77
C MET A 35 27.33 -31.66 -1.98
N ALA A 36 27.11 -31.24 -3.23
CA ALA A 36 26.98 -29.82 -3.58
C ALA A 36 25.68 -29.23 -2.99
N GLU A 37 24.63 -30.05 -2.92
CA GLU A 37 23.31 -29.63 -2.39
C GLU A 37 23.45 -29.12 -0.96
N PHE A 38 24.28 -29.79 -0.15
CA PHE A 38 24.54 -29.41 1.25
C PHE A 38 25.61 -28.30 1.32
N SER A 39 26.08 -27.83 0.15
CA SER A 39 27.01 -26.71 0.01
C SER A 39 28.36 -27.04 0.68
N GLU A 40 29.03 -28.07 0.15
CA GLU A 40 30.37 -28.47 0.58
C GLU A 40 31.19 -28.86 -0.66
N ASP A 41 32.40 -28.30 -0.76
CA ASP A 41 33.26 -28.40 -1.94
C ASP A 41 33.78 -29.84 -2.06
N PRO A 42 33.53 -30.54 -3.21
CA PRO A 42 34.06 -31.89 -3.42
C PRO A 42 35.58 -32.03 -3.34
N GLU A 43 36.32 -30.99 -3.76
CA GLU A 43 37.78 -31.04 -3.86
C GLU A 43 38.43 -30.71 -2.51
N LEU A 44 37.84 -29.76 -1.76
CA LEU A 44 38.40 -29.29 -0.49
C LEU A 44 38.15 -30.30 0.63
N GLN A 45 37.07 -31.11 0.50
CA GLN A 45 36.76 -32.18 1.44
C GLN A 45 36.43 -33.45 0.66
N PRO A 46 37.44 -34.13 0.06
CA PRO A 46 37.21 -35.33 -0.74
C PRO A 46 37.01 -36.63 0.06
N ALA A 47 37.34 -36.58 1.37
CA ALA A 47 37.10 -37.70 2.28
C ALA A 47 35.59 -37.98 2.37
N MET A 48 34.79 -36.91 2.41
CA MET A 48 33.33 -36.98 2.50
C MET A 48 32.74 -37.45 1.17
N LEU A 49 33.43 -37.14 0.06
CA LEU A 49 33.03 -37.54 -1.29
C LEU A 49 33.12 -39.06 -1.43
N PHE A 50 34.22 -39.63 -0.92
CA PHE A 50 34.46 -41.08 -0.94
C PHE A 50 33.36 -41.82 -0.18
N ASN A 51 33.01 -41.31 1.01
CA ASN A 51 31.96 -41.87 1.87
C ASN A 51 30.69 -42.06 1.04
N ILE A 52 30.25 -40.98 0.37
CA ILE A 52 29.03 -40.94 -0.43
C ILE A 52 29.20 -41.84 -1.67
N CYS A 53 30.38 -41.80 -2.30
CA CYS A 53 30.69 -42.65 -3.47
C CYS A 53 30.49 -44.13 -3.12
N VAL A 54 31.10 -44.56 -2.02
CA VAL A 54 30.99 -45.93 -1.52
C VAL A 54 29.51 -46.22 -1.20
N HIS A 55 28.86 -45.27 -0.53
CA HIS A 55 27.43 -45.37 -0.15
C HIS A 55 26.56 -45.61 -1.39
N LEU A 56 26.91 -44.96 -2.50
CA LEU A 56 26.17 -45.04 -3.77
C LEU A 56 26.49 -46.36 -4.49
N GLU A 57 27.79 -46.69 -4.56
CA GLU A 57 28.24 -47.89 -5.29
C GLU A 57 27.73 -49.16 -4.58
N VAL A 58 27.76 -49.16 -3.24
CA VAL A 58 27.23 -50.28 -2.43
C VAL A 58 25.74 -50.46 -2.72
N CYS A 59 25.01 -49.33 -2.83
CA CYS A 59 23.58 -49.32 -3.09
C CYS A 59 23.27 -49.81 -4.52
N TYR A 60 24.06 -49.36 -5.50
CA TYR A 60 23.76 -49.67 -6.92
C TYR A 60 24.02 -51.16 -7.25
N VAL A 61 24.91 -51.81 -6.49
CA VAL A 61 25.25 -53.22 -6.71
C VAL A 61 24.07 -54.11 -6.26
N ILE A 62 23.29 -53.65 -5.28
CA ILE A 62 22.15 -54.39 -4.74
C ILE A 62 21.02 -54.42 -5.78
N SER A 63 20.92 -53.38 -6.61
CA SER A 63 19.84 -53.22 -7.59
C SER A 63 20.37 -53.27 -9.04
N ASP A 64 21.54 -53.89 -9.23
CA ASP A 64 22.14 -54.03 -10.57
C ASP A 64 21.29 -54.97 -11.43
N MET A 65 21.24 -56.25 -11.02
CA MET A 65 20.66 -57.33 -11.83
C MET A 65 19.32 -57.81 -11.24
N ASN A 66 18.82 -57.13 -10.20
CA ASN A 66 17.55 -57.50 -9.56
C ASN A 66 16.38 -57.00 -10.42
N PHE A 67 15.50 -57.94 -10.83
CA PHE A 67 14.37 -57.65 -11.71
C PHE A 67 13.10 -58.32 -11.18
N LEU A 68 11.96 -58.01 -11.79
CA LEU A 68 10.66 -58.61 -11.50
C LEU A 68 9.95 -58.94 -12.83
N ASP A 69 9.25 -60.08 -12.84
CA ASP A 69 8.48 -60.53 -14.01
C ASP A 69 7.01 -60.12 -13.81
N GLU A 70 6.17 -60.41 -14.82
CA GLU A 70 4.76 -60.02 -14.84
C GLU A 70 3.96 -60.79 -13.77
N GLU A 71 4.42 -62.01 -13.44
CA GLU A 71 3.81 -62.83 -12.40
C GLU A 71 4.03 -62.18 -11.02
N GLY A 72 5.25 -61.69 -10.79
CA GLY A 72 5.62 -60.97 -9.57
C GLY A 72 6.59 -61.75 -8.70
N LYS A 73 7.72 -62.14 -9.29
CA LYS A 73 8.79 -62.89 -8.63
C LYS A 73 10.15 -62.33 -9.05
N ALA A 74 11.14 -62.47 -8.16
CA ALA A 74 12.48 -61.93 -8.36
C ALA A 74 13.31 -62.87 -9.23
N TYR A 75 14.18 -62.30 -10.07
CA TYR A 75 15.08 -63.06 -10.93
C TYR A 75 16.28 -62.19 -11.34
N THR A 76 17.30 -62.84 -11.92
CA THR A 76 18.55 -62.21 -12.35
C THR A 76 18.57 -62.10 -13.88
N ALA A 77 18.83 -60.89 -14.38
CA ALA A 77 18.92 -60.61 -15.82
C ALA A 77 20.38 -60.80 -16.28
N GLN A 85 16.26 -54.50 -23.02
CA GLN A 85 15.46 -55.68 -23.34
C GLN A 85 14.23 -55.73 -22.42
N ASN A 86 14.48 -55.74 -21.10
CA ASN A 86 13.45 -55.76 -20.07
C ASN A 86 13.71 -54.63 -19.08
N LEU A 87 12.64 -54.03 -18.56
CA LEU A 87 12.72 -52.81 -17.72
C LEU A 87 11.65 -52.83 -16.63
N ARG A 88 12.00 -53.36 -15.45
CA ARG A 88 11.25 -53.17 -14.20
C ARG A 88 12.01 -53.86 -13.06
N PRO A 89 12.82 -53.12 -12.27
CA PRO A 89 13.65 -53.71 -11.23
C PRO A 89 12.89 -54.03 -9.93
N GLN A 90 13.53 -54.80 -9.05
CA GLN A 90 12.97 -55.20 -7.76
C GLN A 90 13.22 -54.10 -6.71
N TYR A 91 14.29 -53.32 -6.90
CA TYR A 91 14.71 -52.28 -5.96
C TYR A 91 14.60 -50.90 -6.63
N GLU A 92 14.55 -49.87 -5.78
CA GLU A 92 14.43 -48.46 -6.22
C GLU A 92 15.48 -47.62 -5.47
N VAL A 93 16.50 -47.15 -6.21
CA VAL A 93 17.61 -46.38 -5.65
C VAL A 93 17.11 -44.96 -5.35
N ILE A 94 17.41 -44.48 -4.13
CA ILE A 94 17.01 -43.14 -3.66
C ILE A 94 18.25 -42.28 -3.44
N GLU A 95 19.29 -42.85 -2.83
CA GLU A 95 20.59 -42.19 -2.68
C GLU A 95 21.18 -41.93 -4.07
N GLY A 96 21.65 -40.69 -4.29
CA GLY A 96 22.22 -40.25 -5.56
C GLY A 96 21.33 -39.27 -6.30
N MET A 97 20.01 -39.43 -6.14
CA MET A 97 19.01 -38.60 -6.81
C MET A 97 18.82 -37.30 -6.04
N PRO A 98 18.75 -36.13 -6.73
CA PRO A 98 18.53 -34.85 -6.05
C PRO A 98 17.34 -34.83 -5.07
N ARG A 99 17.51 -34.09 -3.97
CA ARG A 99 16.62 -34.09 -2.80
C ARG A 99 15.14 -34.22 -3.21
N THR A 100 14.67 -33.25 -4.00
CA THR A 100 13.24 -33.11 -4.33
C THR A 100 12.77 -34.30 -5.19
N ILE A 101 13.65 -34.83 -6.04
CA ILE A 101 13.35 -36.01 -6.85
C ILE A 101 13.29 -37.24 -5.95
N ALA A 102 14.27 -37.34 -5.03
CA ALA A 102 14.40 -38.45 -4.09
C ALA A 102 13.17 -38.52 -3.17
N TRP A 103 12.72 -37.36 -2.68
CA TRP A 103 11.58 -37.27 -1.76
C TRP A 103 10.26 -37.61 -2.49
N MET A 104 10.12 -37.10 -3.71
CA MET A 104 8.96 -37.37 -4.57
C MET A 104 8.77 -38.88 -4.72
N VAL A 105 9.86 -39.59 -5.01
CA VAL A 105 9.88 -41.05 -5.18
C VAL A 105 9.44 -41.72 -3.87
N GLN A 106 9.99 -41.25 -2.75
CA GLN A 106 9.74 -41.82 -1.42
C GLN A 106 8.26 -41.65 -1.05
N ARG A 107 7.70 -40.45 -1.29
CA ARG A 107 6.31 -40.15 -0.98
C ARG A 107 5.38 -40.92 -1.93
N SER A 108 5.74 -40.95 -3.23
CA SER A 108 4.94 -41.59 -4.27
C SER A 108 4.69 -43.08 -3.94
N LEU A 109 5.76 -43.77 -3.50
CA LEU A 109 5.71 -45.20 -3.18
C LEU A 109 4.80 -45.44 -1.96
N ALA A 110 5.07 -44.68 -0.89
CA ALA A 110 4.38 -44.80 0.40
C ALA A 110 2.86 -44.70 0.21
N GLN A 111 2.43 -43.68 -0.54
CA GLN A 111 1.01 -43.37 -0.77
C GLN A 111 0.34 -44.49 -1.57
N GLU A 112 1.01 -44.95 -2.62
CA GLU A 112 0.47 -45.98 -3.53
C GLU A 112 0.24 -47.29 -2.77
N HIS A 113 1.30 -47.81 -2.15
CA HIS A 113 1.25 -49.08 -1.41
C HIS A 113 0.36 -48.94 -0.18
N GLY A 114 0.48 -47.79 0.51
CA GLY A 114 -0.36 -47.47 1.67
C GLY A 114 0.37 -47.70 2.97
N ILE A 115 1.46 -46.95 3.17
CA ILE A 115 2.25 -46.97 4.41
C ILE A 115 2.71 -45.53 4.71
N GLU A 116 3.10 -45.29 5.97
CA GLU A 116 3.52 -43.98 6.43
C GLU A 116 4.95 -43.70 5.93
N THR A 117 5.16 -42.47 5.46
CA THR A 117 6.46 -42.02 4.95
C THR A 117 7.42 -41.81 6.12
N PRO A 118 8.66 -42.32 6.06
CA PRO A 118 9.66 -42.07 7.10
C PRO A 118 10.13 -40.61 7.06
N LYS A 119 10.40 -40.04 8.25
CA LYS A 119 10.74 -38.62 8.40
C LYS A 119 12.11 -38.33 7.79
N TYR A 120 13.01 -39.33 7.84
CA TYR A 120 14.34 -39.24 7.22
C TYR A 120 14.30 -39.92 5.84
N LEU A 121 15.19 -39.47 4.95
CA LEU A 121 15.27 -39.97 3.58
C LEU A 121 15.90 -41.38 3.58
N ALA A 122 15.27 -42.29 2.85
CA ALA A 122 15.72 -43.68 2.71
C ALA A 122 16.77 -43.79 1.61
N ASP A 123 17.38 -44.98 1.49
CA ASP A 123 18.42 -45.25 0.50
C ASP A 123 17.86 -46.15 -0.61
N LEU A 124 17.16 -47.23 -0.22
CA LEU A 124 16.57 -48.19 -1.15
C LEU A 124 15.15 -48.54 -0.72
N PHE A 125 14.45 -49.27 -1.60
CA PHE A 125 13.08 -49.73 -1.36
C PHE A 125 12.81 -50.98 -2.21
N ASP A 126 12.37 -52.06 -1.56
CA ASP A 126 12.10 -53.35 -2.19
C ASP A 126 10.63 -53.40 -2.61
N TYR A 127 10.38 -53.75 -3.88
CA TYR A 127 9.04 -53.79 -4.47
C TYR A 127 8.29 -55.06 -4.04
N LYS A 128 9.04 -56.14 -3.76
CA LYS A 128 8.46 -57.43 -3.36
C LYS A 128 8.11 -57.39 -1.86
N THR A 129 9.06 -56.92 -1.04
CA THR A 129 8.90 -56.83 0.41
C THR A 129 7.90 -55.72 0.77
N LYS A 130 7.93 -54.63 0.00
CA LYS A 130 7.10 -53.44 0.20
C LYS A 130 7.43 -52.81 1.56
N ARG A 131 8.71 -52.51 1.74
CA ARG A 131 9.25 -51.82 2.92
C ARG A 131 10.49 -51.00 2.50
N PHE A 132 10.83 -50.00 3.31
CA PHE A 132 11.99 -49.14 3.06
C PHE A 132 13.24 -49.78 3.68
N ILE A 133 14.39 -49.55 3.02
CA ILE A 133 15.69 -50.09 3.42
C ILE A 133 16.64 -48.92 3.67
N GLU A 134 17.33 -48.95 4.81
CA GLU A 134 18.33 -47.95 5.18
C GLU A 134 19.71 -48.61 5.16
N VAL A 135 20.63 -48.02 4.38
CA VAL A 135 22.01 -48.50 4.23
C VAL A 135 22.94 -47.55 5.00
N GLY A 136 24.02 -48.11 5.56
CA GLY A 136 24.99 -47.35 6.34
C GLY A 136 26.35 -48.02 6.35
N ILE A 137 27.36 -47.33 5.83
CA ILE A 137 28.75 -47.80 5.81
C ILE A 137 29.47 -47.18 7.03
N THR A 138 30.18 -48.03 7.77
CA THR A 138 30.85 -47.64 9.02
C THR A 138 32.31 -48.11 9.00
N LYS A 139 33.15 -47.40 9.76
CA LYS A 139 34.59 -47.65 9.83
C LYS A 139 34.87 -48.81 10.79
N GLY A 140 34.37 -48.69 12.03
CA GLY A 140 34.64 -49.64 13.10
C GLY A 140 33.73 -50.87 13.02
N LEU A 141 32.85 -51.01 14.01
CA LEU A 141 32.02 -52.21 14.18
C LEU A 141 30.68 -52.02 13.44
N ALA A 142 30.19 -53.11 12.85
CA ALA A 142 28.96 -53.11 12.05
C ALA A 142 27.74 -53.30 12.96
N ASP A 143 27.88 -54.16 13.98
CA ASP A 143 26.76 -54.55 14.86
C ASP A 143 26.41 -53.38 15.79
N ASP A 144 27.43 -52.66 16.27
CA ASP A 144 27.26 -51.52 17.17
C ASP A 144 26.61 -50.34 16.42
N TYR A 145 26.99 -50.18 15.15
CA TYR A 145 26.51 -49.08 14.30
C TYR A 145 25.03 -49.30 13.91
N PHE A 146 24.56 -50.56 14.01
CA PHE A 146 23.16 -50.92 13.79
C PHE A 146 22.28 -50.30 14.89
N TRP A 147 22.79 -50.31 16.14
CA TRP A 147 22.04 -49.84 17.31
C TRP A 147 22.10 -48.30 17.40
N LYS A 148 23.08 -47.69 16.74
CA LYS A 148 23.21 -46.23 16.67
C LYS A 148 22.08 -45.64 15.83
N LYS A 149 21.76 -46.30 14.70
CA LYS A 149 20.75 -45.84 13.74
C LYS A 149 19.39 -46.50 14.02
N LYS A 150 19.29 -47.24 15.12
CA LYS A 150 18.03 -47.83 15.60
C LYS A 150 17.28 -46.84 16.50
N GLU A 151 17.98 -45.77 16.91
CA GLU A 151 17.43 -44.74 17.80
C GLU A 151 16.43 -43.86 17.03
N LYS A 152 16.84 -43.44 15.82
CA LYS A 152 16.06 -42.51 14.99
C LYS A 152 14.89 -43.25 14.31
N LEU A 153 15.19 -44.39 13.67
CA LEU A 153 14.21 -45.14 12.88
C LEU A 153 13.29 -45.94 13.81
N GLY A 154 13.87 -46.90 14.54
CA GLY A 154 13.13 -47.81 15.41
C GLY A 154 12.56 -48.99 14.63
N ASN A 155 11.46 -48.73 13.90
CA ASN A 155 10.81 -49.73 13.04
C ASN A 155 10.19 -49.03 11.82
N SER A 156 10.92 -48.06 11.27
CA SER A 156 10.50 -47.29 10.09
C SER A 156 11.04 -47.95 8.82
N MET A 157 12.33 -48.29 8.83
CA MET A 157 13.02 -48.93 7.71
C MET A 157 13.72 -50.20 8.22
N GLU A 158 13.89 -51.18 7.32
CA GLU A 158 14.64 -52.40 7.59
C GLU A 158 16.13 -52.13 7.30
N LEU A 159 16.89 -51.86 8.37
CA LEU A 159 18.30 -51.47 8.30
C LEU A 159 19.15 -52.58 7.65
N MET A 160 20.22 -52.17 6.97
CA MET A 160 21.22 -53.08 6.39
C MET A 160 22.59 -52.43 6.46
N ILE A 161 23.29 -52.65 7.59
CA ILE A 161 24.57 -52.02 7.91
C ILE A 161 25.71 -52.94 7.43
N PHE A 162 26.83 -52.33 7.03
CA PHE A 162 28.04 -53.02 6.57
C PHE A 162 29.28 -52.24 7.00
N SER A 163 30.39 -52.96 7.22
CA SER A 163 31.68 -52.38 7.64
C SER A 163 32.82 -52.96 6.79
N TYR A 164 34.03 -52.42 6.99
CA TYR A 164 35.20 -52.72 6.15
C TYR A 164 35.97 -53.95 6.66
N ASN A 165 35.67 -54.40 7.88
CA ASN A 165 36.37 -55.54 8.50
C ASN A 165 35.60 -56.86 8.22
N GLN A 166 34.97 -56.95 7.04
CA GLN A 166 34.21 -58.11 6.59
C GLN A 166 33.22 -58.54 7.69
N ASP A 167 32.19 -57.71 7.88
CA ASP A 167 31.16 -57.92 8.90
C ASP A 167 29.83 -57.40 8.36
N TYR A 168 28.76 -58.19 8.56
CA TYR A 168 27.41 -57.87 8.09
C TYR A 168 26.43 -57.93 9.27
N SER A 169 25.48 -56.99 9.29
CA SER A 169 24.46 -56.89 10.32
C SER A 169 23.14 -56.36 9.70
N LEU A 170 22.37 -57.29 9.12
CA LEU A 170 21.09 -56.98 8.48
C LEU A 170 19.95 -57.15 9.48
N SER A 171 18.73 -56.83 9.05
CA SER A 171 17.52 -57.05 9.83
C SER A 171 17.13 -58.54 9.79
N ASN A 172 16.20 -58.93 10.65
CA ASN A 172 15.73 -60.32 10.77
C ASN A 172 15.21 -60.80 9.41
N GLU A 173 14.37 -59.97 8.77
CA GLU A 173 13.88 -60.22 7.41
C GLU A 173 14.89 -59.64 6.41
N SER A 174 15.91 -60.43 6.08
CA SER A 174 16.95 -60.08 5.12
C SER A 174 16.62 -60.67 3.74
N SER A 175 16.31 -59.79 2.78
CA SER A 175 15.97 -60.17 1.41
C SER A 175 17.24 -60.44 0.59
N LEU A 176 18.38 -59.89 1.05
CA LEU A 176 19.68 -60.02 0.39
C LEU A 176 20.08 -61.50 0.35
N ASP A 177 20.34 -62.01 -0.86
CA ASP A 177 20.76 -63.40 -1.08
C ASP A 177 22.26 -63.52 -0.76
N GLU A 178 22.69 -64.76 -0.45
CA GLU A 178 24.05 -65.06 0.00
C GLU A 178 25.05 -64.81 -1.13
N GLU A 179 24.62 -65.03 -2.38
CA GLU A 179 25.45 -64.76 -3.57
C GLU A 179 25.70 -63.25 -3.68
N GLY A 180 24.65 -62.46 -3.48
CA GLY A 180 24.71 -60.99 -3.55
C GLY A 180 25.43 -60.39 -2.36
N LYS A 181 25.35 -61.07 -1.21
CA LYS A 181 26.01 -60.64 0.03
C LYS A 181 27.54 -60.64 -0.15
N GLY A 182 28.04 -61.54 -1.01
CA GLY A 182 29.48 -61.67 -1.30
C GLY A 182 30.01 -60.49 -2.09
N ARG A 183 29.24 -60.02 -3.08
CA ARG A 183 29.63 -58.93 -4.00
C ARG A 183 29.93 -57.64 -3.21
N VAL A 184 29.20 -57.44 -2.10
CA VAL A 184 29.40 -56.30 -1.20
C VAL A 184 30.76 -56.44 -0.53
N LEU A 185 31.02 -57.63 0.02
CA LEU A 185 32.22 -57.94 0.80
C LEU A 185 33.46 -57.94 -0.12
N SER A 186 33.26 -58.26 -1.40
CA SER A 186 34.32 -58.22 -2.41
C SER A 186 34.83 -56.78 -2.59
N ARG A 187 33.91 -55.87 -2.92
CA ARG A 187 34.21 -54.46 -3.19
C ARG A 187 34.58 -53.74 -1.88
N LEU A 188 34.07 -54.23 -0.75
CA LEU A 188 34.38 -53.67 0.57
C LEU A 188 35.89 -53.77 0.84
N THR A 189 36.52 -54.90 0.47
CA THR A 189 37.94 -55.16 0.73
C THR A 189 38.70 -55.40 -0.58
N GLU A 190 38.17 -54.86 -1.70
CA GLU A 190 38.94 -54.74 -2.95
C GLU A 190 39.57 -53.34 -3.01
N LEU A 191 38.72 -52.31 -2.83
CA LEU A 191 39.14 -50.91 -2.86
C LEU A 191 39.91 -50.55 -1.58
N GLN A 192 39.58 -51.22 -0.48
CA GLN A 192 40.23 -51.03 0.83
C GLN A 192 41.72 -51.38 0.70
N ALA A 193 42.02 -52.42 -0.10
CA ALA A 193 43.40 -52.82 -0.41
C ALA A 193 44.06 -51.81 -1.35
N GLU A 194 43.29 -51.30 -2.32
CA GLU A 194 43.75 -50.29 -3.29
C GLU A 194 44.09 -48.97 -2.59
N LEU A 195 43.40 -48.68 -1.49
CA LEU A 195 43.65 -47.48 -0.68
C LEU A 195 44.98 -47.63 0.08
N SER A 196 45.27 -48.85 0.55
CA SER A 196 46.50 -49.16 1.28
C SER A 196 47.69 -49.34 0.31
N LEU A 197 47.40 -49.73 -0.94
CA LEU A 197 48.42 -49.98 -1.96
C LEU A 197 49.17 -48.68 -2.30
N LYS A 198 48.41 -47.60 -2.53
CA LYS A 198 48.95 -46.30 -2.93
C LYS A 198 49.26 -45.42 -1.70
N ASN A 199 49.04 -45.96 -0.49
CA ASN A 199 49.31 -45.29 0.79
C ASN A 199 48.38 -44.07 0.94
N LEU A 200 47.12 -44.24 0.54
CA LEU A 200 46.09 -43.19 0.60
C LEU A 200 45.00 -43.57 1.61
N TRP A 201 45.14 -44.73 2.27
CA TRP A 201 44.20 -45.19 3.31
C TRP A 201 44.29 -44.28 4.54
N GLN A 202 45.49 -43.75 4.78
CA GLN A 202 45.78 -42.89 5.94
C GLN A 202 45.11 -41.52 5.81
N VAL A 203 44.61 -41.18 4.61
CA VAL A 203 43.96 -39.90 4.33
C VAL A 203 42.58 -39.85 5.00
N LEU A 204 41.88 -41.00 5.02
CA LEU A 204 40.52 -41.11 5.54
C LEU A 204 40.51 -41.34 7.06
N ILE A 205 41.68 -41.73 7.61
CA ILE A 205 41.83 -42.01 9.05
C ILE A 205 41.70 -40.71 9.84
N GLY A 206 42.34 -39.64 9.35
CA GLY A 206 42.34 -38.33 10.01
C GLY A 206 40.96 -37.69 10.04
N GLU A 207 40.75 -36.83 11.03
CA GLU A 207 39.47 -36.13 11.26
C GLU A 207 39.44 -34.85 10.42
N GLU A 208 38.72 -34.89 9.29
CA GLU A 208 38.59 -33.76 8.37
C GLU A 208 37.34 -32.95 8.76
N ASP A 209 37.55 -31.70 9.16
CA ASP A 209 36.48 -30.78 9.58
C ASP A 209 36.89 -29.33 9.27
N VAL A 210 36.07 -28.64 8.47
CA VAL A 210 36.27 -27.22 8.17
C VAL A 210 34.94 -26.64 7.63
N GLU A 211 34.60 -25.44 8.08
CA GLU A 211 33.37 -24.75 7.68
C GLU A 211 33.60 -24.02 6.35
N LYS A 212 32.57 -24.01 5.50
CA LYS A 212 32.63 -23.46 4.16
C LYS A 212 32.19 -21.98 4.20
N GLY A 213 33.15 -21.09 4.46
CA GLY A 213 32.92 -19.65 4.49
C GLY A 213 32.54 -19.12 3.12
N ILE A 214 31.42 -18.38 3.06
CA ILE A 214 30.92 -17.80 1.82
C ILE A 214 31.78 -16.59 1.45
N ASP A 215 32.75 -16.81 0.55
CA ASP A 215 33.68 -15.79 0.10
C ASP A 215 33.11 -15.12 -1.17
N PHE A 216 33.35 -13.82 -1.30
CA PHE A 216 32.89 -13.01 -2.42
C PHE A 216 34.02 -12.08 -2.86
N LYS A 217 34.90 -12.57 -3.74
CA LYS A 217 36.09 -11.86 -4.16
C LYS A 217 35.77 -10.97 -5.37
N LEU A 218 36.33 -9.76 -5.37
CA LEU A 218 36.16 -8.79 -6.45
C LEU A 218 37.25 -9.00 -7.51
N GLY A 219 36.87 -8.82 -8.77
CA GLY A 219 37.79 -8.96 -9.90
C GLY A 219 38.66 -7.73 -10.08
N GLN A 220 39.31 -7.64 -11.25
CA GLN A 220 40.25 -6.56 -11.57
C GLN A 220 39.46 -5.30 -11.95
N THR A 221 38.46 -5.45 -12.82
CA THR A 221 37.70 -4.34 -13.40
C THR A 221 36.95 -3.59 -12.29
N ILE A 222 36.13 -4.31 -11.52
CA ILE A 222 35.24 -3.72 -10.52
C ILE A 222 36.07 -3.05 -9.42
N SER A 223 37.24 -3.62 -9.11
CA SER A 223 38.15 -3.09 -8.09
C SER A 223 38.66 -1.70 -8.51
N ARG A 224 38.99 -1.56 -9.79
CA ARG A 224 39.48 -0.29 -10.36
C ARG A 224 38.37 0.76 -10.26
N LEU A 225 37.13 0.36 -10.56
CA LEU A 225 35.96 1.23 -10.52
C LEU A 225 35.76 1.75 -9.09
N ARG A 226 35.97 0.88 -8.09
CA ARG A 226 35.81 1.23 -6.69
C ARG A 226 36.87 2.24 -6.27
N ASP A 227 38.09 2.09 -6.81
CA ASP A 227 39.23 2.96 -6.49
C ASP A 227 38.99 4.39 -7.01
N ILE A 228 38.25 4.53 -8.11
CA ILE A 228 37.96 5.84 -8.72
C ILE A 228 36.62 6.38 -8.21
N SER A 229 35.91 5.60 -7.39
CA SER A 229 34.67 6.01 -6.74
C SER A 229 34.96 6.44 -5.30
N VAL A 230 35.94 7.35 -5.14
CA VAL A 230 36.45 7.75 -3.83
C VAL A 230 36.25 9.26 -3.68
N PRO A 231 35.90 9.76 -2.47
CA PRO A 231 35.89 11.21 -2.23
C PRO A 231 37.29 11.83 -2.41
N ALA A 232 37.34 13.16 -2.50
CA ALA A 232 38.58 13.89 -2.71
C ALA A 232 39.51 13.73 -1.50
N GLY A 233 40.80 13.53 -1.77
CA GLY A 233 41.82 13.33 -0.75
C GLY A 233 41.97 11.87 -0.36
N PHE A 234 41.91 10.98 -1.36
CA PHE A 234 42.07 9.53 -1.17
C PHE A 234 42.73 8.94 -2.42
N SER A 235 43.75 8.09 -2.21
CA SER A 235 44.52 7.48 -3.29
C SER A 235 43.73 6.33 -3.92
N ASN A 236 43.27 5.40 -3.07
CA ASN A 236 42.49 4.24 -3.48
C ASN A 236 41.45 3.93 -2.39
N PHE A 237 40.66 2.87 -2.60
CA PHE A 237 39.54 2.50 -1.73
C PHE A 237 40.06 2.07 -0.35
N GLU A 238 41.16 1.31 -0.33
CA GLU A 238 41.81 0.85 0.90
C GLU A 238 41.96 2.01 1.87
N GLY A 239 42.35 3.17 1.34
CA GLY A 239 42.48 4.41 2.11
C GLY A 239 41.17 4.83 2.75
N MET A 240 40.09 4.84 1.95
CA MET A 240 38.76 5.24 2.41
C MET A 240 38.26 4.27 3.49
N ARG A 241 38.45 2.97 3.26
CA ARG A 241 37.97 1.94 4.19
C ARG A 241 38.55 2.18 5.59
N SER A 242 39.87 2.31 5.66
CA SER A 242 40.61 2.47 6.92
C SER A 242 40.20 3.77 7.63
N TYR A 243 40.10 4.87 6.85
CA TYR A 243 39.74 6.19 7.36
C TYR A 243 38.40 6.13 8.10
N ILE A 244 37.40 5.50 7.46
CA ILE A 244 36.04 5.40 8.01
C ILE A 244 36.06 4.55 9.28
N ASP A 245 36.82 3.45 9.27
CA ASP A 245 36.86 2.49 10.36
C ASP A 245 37.61 3.07 11.57
N ASN A 246 38.69 3.81 11.32
CA ASN A 246 39.68 4.15 12.35
C ASN A 246 39.40 5.53 12.96
N ILE A 247 39.54 6.59 12.15
CA ILE A 247 39.61 7.96 12.65
C ILE A 247 38.22 8.39 13.18
N ASP A 248 38.23 9.26 14.20
CA ASP A 248 37.04 9.73 14.88
C ASP A 248 36.79 11.19 14.48
N PRO A 249 35.71 11.50 13.73
CA PRO A 249 35.49 12.85 13.20
C PRO A 249 34.63 13.77 14.07
N LYS A 250 34.77 13.68 15.40
CA LYS A 250 33.96 14.47 16.32
C LYS A 250 34.31 15.95 16.17
N GLY A 251 33.28 16.80 16.22
CA GLY A 251 33.41 18.25 16.14
C GLY A 251 33.55 18.76 14.71
N ALA A 252 33.37 17.87 13.72
CA ALA A 252 33.56 18.21 12.30
C ALA A 252 32.45 19.16 11.82
N ILE A 253 31.20 18.82 12.19
CA ILE A 253 30.03 19.60 11.82
C ILE A 253 30.20 21.04 12.33
N GLU A 254 30.47 21.15 13.64
CA GLU A 254 30.70 22.44 14.31
C GLU A 254 31.81 23.21 13.59
N ARG A 255 32.90 22.51 13.25
CA ARG A 255 34.09 23.10 12.63
C ARG A 255 33.74 23.65 11.24
N ASN A 256 33.02 22.84 10.45
CA ASN A 256 32.62 23.21 9.09
C ASN A 256 31.62 24.37 9.14
N LEU A 257 30.66 24.30 10.07
CA LEU A 257 29.65 25.36 10.25
C LEU A 257 30.31 26.71 10.56
N ALA A 258 31.42 26.67 11.32
CA ALA A 258 32.16 27.87 11.69
C ALA A 258 32.80 28.51 10.46
N ARG A 259 33.45 27.69 9.63
CA ARG A 259 34.25 28.15 8.50
C ARG A 259 33.38 28.40 7.26
N MET A 260 32.14 27.87 7.26
CA MET A 260 31.18 28.10 6.16
C MET A 260 30.81 29.59 6.12
N SER A 261 30.60 30.11 4.90
CA SER A 261 30.26 31.51 4.67
C SER A 261 28.92 31.85 5.32
N PRO A 262 28.78 33.01 5.99
CA PRO A 262 27.50 33.45 6.55
C PRO A 262 26.39 33.68 5.52
N LEU A 263 26.78 33.84 4.24
CA LEU A 263 25.85 34.09 3.13
C LEU A 263 24.86 32.93 2.97
N VAL A 264 25.25 31.73 3.45
CA VAL A 264 24.38 30.57 3.50
C VAL A 264 23.47 30.68 4.73
N SER A 265 22.16 30.84 4.49
CA SER A 265 21.16 30.92 5.55
C SER A 265 19.75 30.73 4.97
N VAL A 266 18.77 30.51 5.85
CA VAL A 266 17.35 30.39 5.46
C VAL A 266 16.74 31.79 5.30
N THR A 267 17.44 32.82 5.81
CA THR A 267 17.00 34.21 5.71
C THR A 267 15.53 34.30 6.12
N PRO A 268 15.18 33.89 7.36
CA PRO A 268 13.77 33.83 7.77
C PRO A 268 13.17 35.21 8.04
N LYS A 269 11.85 35.33 7.84
CA LYS A 269 11.09 36.51 8.21
C LYS A 269 9.70 36.06 8.69
N LYS A 270 9.19 36.74 9.74
CA LYS A 270 7.85 36.48 10.25
C LYS A 270 6.83 37.06 9.27
N LEU A 271 5.77 36.27 9.01
CA LEU A 271 4.77 36.64 8.02
C LEU A 271 3.84 37.71 8.64
N THR A 272 3.56 38.76 7.85
CA THR A 272 2.55 39.76 8.17
C THR A 272 1.56 39.84 7.00
N TRP A 273 0.30 40.12 7.33
CA TRP A 273 -0.79 40.21 6.34
C TRP A 273 -0.37 41.10 5.15
N GLU A 274 0.35 42.18 5.45
CA GLU A 274 0.81 43.15 4.44
C GLU A 274 1.74 42.49 3.41
N ASP A 275 2.54 41.51 3.84
CA ASP A 275 3.50 40.83 2.98
C ASP A 275 2.78 40.04 1.88
N LEU A 276 1.60 39.48 2.21
CA LEU A 276 0.81 38.70 1.25
C LEU A 276 0.18 39.64 0.21
N ARG A 277 0.94 39.94 -0.85
CA ARG A 277 0.45 40.74 -1.97
C ARG A 277 -0.51 39.88 -2.79
N PRO A 278 -1.34 40.47 -3.68
CA PRO A 278 -2.19 39.70 -4.57
C PRO A 278 -1.38 38.82 -5.54
N ILE A 279 -1.82 37.57 -5.73
CA ILE A 279 -1.16 36.65 -6.65
C ILE A 279 -1.60 36.99 -8.08
N GLY A 280 -0.66 36.88 -9.01
CA GLY A 280 -0.91 37.05 -10.44
C GLY A 280 -1.38 38.47 -10.77
N PRO A 281 -0.51 39.50 -10.60
CA PRO A 281 -0.91 40.88 -10.86
C PRO A 281 -1.26 41.18 -12.33
N HIS A 282 -0.76 40.34 -13.26
CA HIS A 282 -0.93 40.55 -14.69
C HIS A 282 -2.41 40.37 -15.10
N ILE A 283 -3.15 39.52 -14.37
CA ILE A 283 -4.52 39.14 -14.74
C ILE A 283 -5.45 40.38 -14.71
N TYR A 284 -5.01 41.43 -14.02
CA TYR A 284 -5.76 42.69 -13.87
C TYR A 284 -5.35 43.70 -14.95
N ASN A 285 -4.28 43.42 -15.69
CA ASN A 285 -3.78 44.32 -16.74
C ASN A 285 -4.67 44.19 -17.98
N HIS A 286 -5.21 45.33 -18.44
CA HIS A 286 -6.24 45.37 -19.48
C HIS A 286 -5.62 45.18 -20.88
N GLU A 287 -4.32 45.45 -21.02
CA GLU A 287 -3.61 45.35 -22.30
C GLU A 287 -3.62 43.90 -22.81
N LEU A 288 -3.55 42.93 -21.89
CA LEU A 288 -3.63 41.51 -22.23
C LEU A 288 -5.05 41.19 -22.71
N PRO A 289 -5.23 40.14 -23.54
CA PRO A 289 -6.56 39.78 -24.04
C PRO A 289 -7.41 39.01 -23.01
N GLU A 290 -8.71 39.30 -22.99
CA GLU A 290 -9.70 38.57 -22.21
C GLU A 290 -9.53 37.06 -22.48
N VAL A 291 -9.29 36.29 -21.41
CA VAL A 291 -9.15 34.83 -21.54
C VAL A 291 -10.39 34.29 -22.24
N PRO A 292 -10.24 33.57 -23.37
CA PRO A 292 -11.40 33.08 -24.13
C PRO A 292 -11.96 31.74 -23.63
N TYR A 293 -13.25 31.51 -23.90
CA TYR A 293 -13.91 30.22 -23.63
C TYR A 293 -13.22 29.15 -24.49
N ASN A 294 -12.72 28.09 -23.82
CA ASN A 294 -11.89 27.07 -24.47
C ASN A 294 -12.29 25.66 -24.00
N ALA A 295 -13.52 25.51 -23.48
CA ALA A 295 -14.04 24.21 -23.07
C ALA A 295 -14.32 23.36 -24.31
N PHE A 296 -14.74 22.12 -24.08
CA PHE A 296 -15.04 21.17 -25.16
C PHE A 296 -16.46 21.43 -25.67
N LEU A 297 -17.41 21.53 -24.72
CA LEU A 297 -18.80 21.84 -24.99
C LEU A 297 -19.19 23.13 -24.26
N LEU A 298 -20.35 23.67 -24.63
CA LEU A 298 -20.95 24.84 -23.95
C LEU A 298 -21.49 24.39 -22.60
N MET A 299 -21.62 25.34 -21.68
CA MET A 299 -22.09 25.05 -20.32
C MET A 299 -23.32 25.90 -20.01
N SER A 300 -23.14 27.14 -19.54
CA SER A 300 -24.24 28.01 -19.14
C SER A 300 -24.93 28.59 -20.37
N ASP A 301 -24.20 28.63 -21.50
CA ASP A 301 -24.68 29.17 -22.77
C ASP A 301 -25.39 28.07 -23.58
N GLU A 302 -25.57 26.88 -22.98
CA GLU A 302 -26.15 25.73 -23.68
C GLU A 302 -27.63 26.02 -24.00
N LEU A 303 -28.19 25.18 -24.89
CA LEU A 303 -29.61 25.19 -25.21
C LEU A 303 -29.97 23.83 -25.82
N GLY A 304 -30.82 23.07 -25.12
CA GLY A 304 -31.25 21.76 -25.56
C GLY A 304 -32.69 21.79 -26.06
N LEU A 305 -32.91 21.22 -27.24
CA LEU A 305 -34.24 21.08 -27.80
C LEU A 305 -34.95 19.92 -27.10
N ALA A 306 -36.03 20.24 -26.39
CA ALA A 306 -36.75 19.29 -25.55
C ALA A 306 -37.72 18.47 -26.40
N ASN A 307 -37.46 17.16 -26.46
CA ASN A 307 -38.33 16.20 -27.13
C ASN A 307 -38.84 15.19 -26.08
N MET A 308 -40.11 15.34 -25.69
CA MET A 308 -40.73 14.44 -24.72
C MET A 308 -40.96 13.08 -25.39
N THR A 309 -40.42 12.03 -24.77
CA THR A 309 -40.34 10.70 -25.35
C THR A 309 -41.27 9.74 -24.59
N GLU A 310 -41.47 8.57 -25.20
CA GLU A 310 -42.11 7.40 -24.58
C GLU A 310 -41.53 7.17 -23.18
N GLY A 311 -40.22 7.41 -23.04
CA GLY A 311 -39.50 7.26 -21.76
C GLY A 311 -38.42 6.19 -21.87
N LYS A 312 -38.76 5.11 -22.58
CA LYS A 312 -37.82 4.04 -22.92
C LYS A 312 -36.94 4.50 -24.09
N SER A 313 -35.68 4.06 -24.08
CA SER A 313 -34.61 4.61 -24.93
C SER A 313 -34.81 4.21 -26.40
N LYS A 314 -34.05 4.88 -27.27
CA LYS A 314 -34.06 4.67 -28.71
C LYS A 314 -32.68 5.06 -29.26
N LYS A 315 -32.46 4.88 -30.57
CA LYS A 315 -31.17 5.08 -31.19
C LYS A 315 -30.84 6.57 -31.27
N PRO A 316 -29.54 6.94 -31.10
CA PRO A 316 -29.14 8.35 -31.03
C PRO A 316 -29.47 9.13 -32.32
N LYS A 317 -29.38 8.45 -33.46
CA LYS A 317 -29.82 9.00 -34.74
C LYS A 317 -31.34 9.22 -34.69
N THR A 318 -32.07 8.23 -34.19
CA THR A 318 -33.54 8.24 -34.16
C THR A 318 -34.04 9.37 -33.26
N LEU A 319 -33.46 9.53 -32.06
CA LEU A 319 -33.93 10.54 -31.11
C LEU A 319 -33.54 11.95 -31.59
N ALA A 320 -32.40 12.04 -32.28
CA ALA A 320 -31.92 13.31 -32.85
C ALA A 320 -32.79 13.70 -34.05
N LYS A 321 -33.23 12.70 -34.82
CA LYS A 321 -34.11 12.90 -35.96
C LYS A 321 -35.45 13.45 -35.50
N GLU A 322 -36.09 12.75 -34.54
CA GLU A 322 -37.43 13.08 -34.04
C GLU A 322 -37.41 14.44 -33.31
N CYS A 323 -36.27 14.75 -32.68
CA CYS A 323 -36.10 16.01 -31.94
C CYS A 323 -36.05 17.20 -32.92
N LEU A 324 -35.43 16.98 -34.09
CA LEU A 324 -35.33 17.98 -35.15
C LEU A 324 -36.66 18.05 -35.92
N GLU A 325 -37.33 16.90 -36.07
CA GLU A 325 -38.65 16.81 -36.70
C GLU A 325 -39.63 17.72 -35.95
N LYS A 326 -39.54 17.73 -34.62
CA LYS A 326 -40.36 18.57 -33.78
C LYS A 326 -40.04 20.05 -34.05
N TYR A 327 -38.74 20.39 -34.07
CA TYR A 327 -38.26 21.76 -34.26
C TYR A 327 -37.86 21.97 -35.72
N SER A 328 -38.78 21.65 -36.64
CA SER A 328 -38.53 21.58 -38.09
C SER A 328 -38.03 22.93 -38.63
N THR A 329 -38.58 24.03 -38.10
CA THR A 329 -38.25 25.39 -38.57
C THR A 329 -36.74 25.66 -38.41
N LEU A 330 -36.14 25.14 -37.33
CA LEU A 330 -34.68 25.26 -37.11
C LEU A 330 -33.94 24.30 -38.03
N ARG A 331 -34.45 23.07 -38.13
CA ARG A 331 -33.82 21.99 -38.89
C ARG A 331 -33.71 22.36 -40.37
N ASP A 332 -34.74 23.05 -40.88
CA ASP A 332 -34.91 23.32 -42.31
C ASP A 332 -34.09 24.55 -42.74
N GLN A 333 -33.83 25.48 -41.81
CA GLN A 333 -33.17 26.76 -42.13
C GLN A 333 -31.84 26.47 -42.84
N THR A 334 -31.80 26.79 -44.15
CA THR A 334 -30.69 26.44 -45.05
C THR A 334 -29.90 27.68 -45.49
N ASP A 335 -30.25 28.86 -44.96
CA ASP A 335 -29.61 30.13 -45.33
C ASP A 335 -28.63 30.54 -44.24
N PRO A 336 -27.31 30.59 -44.53
CA PRO A 336 -26.31 30.97 -43.53
C PRO A 336 -26.37 32.47 -43.18
N ILE A 337 -26.93 32.77 -42.00
CA ILE A 337 -26.92 34.10 -41.43
C ILE A 337 -25.78 34.17 -40.42
N LEU A 338 -24.57 34.46 -40.92
CA LEU A 338 -23.33 34.46 -40.17
C LEU A 338 -23.28 35.69 -39.26
N ILE A 339 -22.90 35.47 -38.00
CA ILE A 339 -22.81 36.53 -36.99
C ILE A 339 -21.34 36.76 -36.64
N MET A 340 -20.69 35.69 -36.14
CA MET A 340 -19.29 35.70 -35.72
C MET A 340 -18.53 34.66 -36.56
N LYS A 341 -17.26 34.94 -36.85
CA LYS A 341 -16.41 34.05 -37.65
C LYS A 341 -15.02 33.97 -37.02
N SER A 342 -14.64 32.76 -36.61
CA SER A 342 -13.30 32.47 -36.08
C SER A 342 -12.26 32.73 -37.17
N GLU A 343 -11.07 33.19 -36.76
CA GLU A 343 -10.05 33.77 -37.64
C GLU A 343 -9.75 32.82 -38.82
N LYS A 344 -9.34 31.59 -38.50
CA LYS A 344 -8.85 30.65 -39.50
C LYS A 344 -9.92 29.58 -39.81
N ALA A 345 -11.19 29.93 -39.61
CA ALA A 345 -12.32 29.06 -39.93
C ALA A 345 -12.80 29.33 -41.36
N ASN A 346 -13.74 28.51 -41.83
CA ASN A 346 -14.30 28.61 -43.17
C ASN A 346 -15.84 28.53 -43.06
N GLU A 347 -16.46 29.70 -43.26
CA GLU A 347 -17.91 29.89 -43.11
C GLU A 347 -18.63 28.88 -44.02
N ASN A 348 -18.23 28.86 -45.29
CA ASN A 348 -18.84 28.04 -46.34
C ASN A 348 -18.79 26.57 -45.93
N PHE A 349 -17.59 26.09 -45.60
CA PHE A 349 -17.35 24.70 -45.24
C PHE A 349 -18.14 24.32 -43.97
N LEU A 350 -18.01 25.14 -42.92
CA LEU A 350 -18.64 24.81 -41.63
C LEU A 350 -20.15 24.61 -41.83
N TRP A 351 -20.79 25.54 -42.55
CA TRP A 351 -22.23 25.52 -42.75
C TRP A 351 -22.62 24.28 -43.57
N LYS A 352 -21.90 24.06 -44.67
CA LYS A 352 -22.06 22.84 -45.49
C LYS A 352 -22.02 21.61 -44.57
N LEU A 353 -21.04 21.61 -43.65
CA LEU A 353 -20.86 20.49 -42.72
C LEU A 353 -22.10 20.35 -41.83
N TRP A 354 -22.50 21.46 -41.20
CA TRP A 354 -23.72 21.51 -40.36
C TRP A 354 -24.91 20.89 -41.12
N ARG A 355 -25.14 21.40 -42.33
CA ARG A 355 -26.25 20.94 -43.16
C ARG A 355 -26.09 19.45 -43.48
N ASP A 356 -24.84 19.01 -43.73
CA ASP A 356 -24.55 17.59 -43.98
C ASP A 356 -24.98 16.77 -42.75
N CYS A 357 -24.60 17.25 -41.56
CA CYS A 357 -25.00 16.63 -40.30
C CYS A 357 -26.53 16.54 -40.23
N VAL A 358 -27.19 17.69 -40.36
CA VAL A 358 -28.65 17.79 -40.19
C VAL A 358 -29.34 16.83 -41.18
N ASN A 359 -28.88 16.84 -42.44
CA ASN A 359 -29.47 16.02 -43.51
C ASN A 359 -29.22 14.54 -43.24
N THR A 360 -27.98 14.20 -42.89
CA THR A 360 -27.57 12.83 -42.61
C THR A 360 -28.38 12.26 -41.43
N ILE A 361 -28.55 13.08 -40.38
CA ILE A 361 -29.25 12.64 -39.16
C ILE A 361 -30.74 12.48 -39.45
N SER A 362 -31.27 13.29 -40.37
CA SER A 362 -32.70 13.35 -40.67
C SER A 362 -33.14 12.26 -41.65
N ASN A 363 -32.20 11.72 -42.44
CA ASN A 363 -32.52 10.74 -43.49
C ASN A 363 -33.04 9.44 -42.86
N GLU A 364 -33.51 8.52 -43.70
CA GLU A 364 -34.18 7.28 -43.28
C GLU A 364 -33.20 6.10 -43.25
N GLU A 365 -31.91 6.37 -43.41
CA GLU A 365 -30.87 5.33 -43.38
C GLU A 365 -30.52 5.02 -41.93
N MET A 366 -29.77 3.91 -41.73
CA MET A 366 -29.31 3.48 -40.42
C MET A 366 -28.02 4.23 -40.04
N SER A 367 -27.11 4.32 -41.02
CA SER A 367 -25.75 4.85 -40.81
C SER A 367 -25.77 6.35 -40.52
N ASN A 368 -24.75 6.79 -39.77
CA ASN A 368 -24.51 8.19 -39.44
C ASN A 368 -23.14 8.61 -39.98
N GLU A 369 -22.67 7.90 -41.03
CA GLU A 369 -21.40 8.20 -41.65
C GLU A 369 -21.56 9.44 -42.53
N LEU A 370 -20.51 10.27 -42.56
CA LEU A 370 -20.41 11.40 -43.47
C LEU A 370 -19.35 11.06 -44.52
N GLN A 371 -19.69 11.25 -45.80
CA GLN A 371 -18.74 11.13 -46.90
C GLN A 371 -17.65 12.19 -46.69
N LYS A 372 -16.41 11.83 -47.04
CA LYS A 372 -15.24 12.68 -46.83
C LYS A 372 -15.18 13.75 -47.92
N THR A 373 -16.03 14.77 -47.76
CA THR A 373 -16.16 15.88 -48.70
C THR A 373 -14.96 16.83 -48.53
N ASN A 374 -14.90 17.85 -49.39
CA ASN A 374 -13.85 18.88 -49.37
C ASN A 374 -13.93 19.67 -48.06
N TYR A 375 -15.15 19.91 -47.57
CA TYR A 375 -15.36 20.69 -46.34
C TYR A 375 -15.07 19.82 -45.11
N ALA A 376 -15.60 18.59 -45.10
CA ALA A 376 -15.43 17.66 -43.98
C ALA A 376 -13.95 17.33 -43.77
N LYS A 377 -13.19 17.20 -44.88
CA LYS A 377 -11.76 16.92 -44.86
C LYS A 377 -11.01 18.09 -44.21
N TRP A 378 -11.36 19.32 -44.59
CA TRP A 378 -10.78 20.52 -43.98
C TRP A 378 -11.14 20.57 -42.49
N ALA A 379 -12.41 20.26 -42.20
CA ALA A 379 -12.99 20.39 -40.88
C ALA A 379 -12.28 19.46 -39.87
N THR A 380 -11.92 18.25 -40.32
CA THR A 380 -11.32 17.23 -39.45
C THR A 380 -9.79 17.19 -39.61
N GLY A 381 -9.23 18.12 -40.40
CA GLY A 381 -7.79 18.24 -40.60
C GLY A 381 -7.19 17.03 -41.30
N ASP A 382 -7.76 16.67 -42.47
CA ASP A 382 -7.33 15.51 -43.23
C ASP A 382 -5.92 15.73 -43.77
N GLY A 383 -5.07 14.72 -43.61
CA GLY A 383 -3.71 14.66 -44.15
C GLY A 383 -2.84 15.84 -43.75
N LEU A 384 -3.04 16.36 -42.55
CA LEU A 384 -2.30 17.53 -42.07
C LEU A 384 -1.05 17.10 -41.27
N THR A 385 -0.90 15.80 -41.02
CA THR A 385 0.30 15.27 -40.37
C THR A 385 1.49 15.37 -41.33
N TYR A 386 2.65 15.74 -40.79
CA TYR A 386 3.89 15.86 -41.56
C TYR A 386 4.35 14.45 -41.96
N GLN A 387 5.05 14.34 -43.09
CA GLN A 387 5.59 13.07 -43.56
C GLN A 387 6.94 12.82 -42.87
N LYS A 388 7.19 11.56 -42.50
CA LYS A 388 8.45 11.13 -41.90
C LYS A 388 9.47 10.92 -43.02
N ILE A 389 10.72 11.34 -42.77
CA ILE A 389 11.84 11.10 -43.68
C ILE A 389 13.04 10.61 -42.86
N MET A 390 14.05 10.10 -43.57
CA MET A 390 15.27 9.57 -42.97
C MET A 390 16.07 10.71 -42.33
N LYS A 391 16.81 10.38 -41.26
CA LYS A 391 17.69 11.34 -40.60
C LYS A 391 18.74 11.83 -41.60
N GLU A 392 19.25 10.90 -42.42
CA GLU A 392 20.31 11.17 -43.41
C GLU A 392 19.90 12.33 -44.32
N VAL A 393 18.63 12.33 -44.74
CA VAL A 393 18.10 13.34 -45.65
C VAL A 393 17.83 14.64 -44.88
N ALA A 394 17.30 14.51 -43.66
CA ALA A 394 16.96 15.64 -42.80
C ALA A 394 18.22 16.46 -42.47
N ILE A 395 19.32 15.75 -42.17
CA ILE A 395 20.59 16.36 -41.78
C ILE A 395 21.12 17.22 -42.94
N ASP A 396 20.93 16.77 -44.19
CA ASP A 396 21.41 17.47 -45.38
C ASP A 396 20.53 18.69 -45.70
N ASP A 397 19.29 18.70 -45.20
CA ASP A 397 18.33 19.78 -45.41
C ASP A 397 18.56 20.87 -44.35
N GLU A 398 18.95 22.07 -44.80
CA GLU A 398 19.25 23.21 -43.93
C GLU A 398 17.94 23.84 -43.42
N THR A 399 16.89 23.83 -44.26
CA THR A 399 15.63 24.50 -43.95
C THR A 399 14.87 23.74 -42.85
N MET A 400 15.24 22.48 -42.59
CA MET A 400 14.64 21.68 -41.54
C MET A 400 15.32 21.98 -40.20
N CYS A 401 14.52 22.46 -39.25
CA CYS A 401 14.97 22.89 -37.92
C CYS A 401 14.02 22.38 -36.84
N GLN A 402 14.49 22.41 -35.60
CA GLN A 402 13.66 22.17 -34.41
C GLN A 402 12.89 23.45 -34.09
N GLU A 403 11.55 23.34 -34.01
CA GLU A 403 10.70 24.51 -33.81
C GLU A 403 10.74 24.95 -32.34
N GLU A 404 10.66 26.27 -32.14
CA GLU A 404 10.53 26.87 -30.81
C GLU A 404 9.23 26.37 -30.18
N PRO A 405 9.25 25.85 -28.93
CA PRO A 405 8.03 25.36 -28.29
C PRO A 405 7.00 26.50 -28.15
N LYS A 406 5.74 26.20 -28.50
CA LYS A 406 4.64 27.13 -28.29
C LYS A 406 4.32 27.17 -26.79
N ILE A 407 4.25 28.39 -26.24
CA ILE A 407 3.97 28.61 -24.83
C ILE A 407 2.55 29.17 -24.70
N PRO A 408 1.80 28.79 -23.64
CA PRO A 408 0.50 29.40 -23.35
C PRO A 408 0.63 30.92 -23.18
N ASN A 409 -0.19 31.67 -23.93
CA ASN A 409 -0.20 33.14 -23.88
C ASN A 409 -0.85 33.59 -22.57
N LYS A 410 -0.45 34.78 -22.11
CA LYS A 410 -0.97 35.38 -20.88
C LYS A 410 -2.29 36.10 -21.20
N CYS A 411 -3.29 35.92 -20.33
CA CYS A 411 -4.62 36.52 -20.48
C CYS A 411 -4.99 37.27 -19.19
N ARG A 412 -6.07 38.05 -19.27
CA ARG A 412 -6.60 38.80 -18.14
C ARG A 412 -7.91 38.18 -17.67
N VAL A 413 -8.41 38.66 -16.52
CA VAL A 413 -9.64 38.15 -15.90
C VAL A 413 -10.81 38.38 -16.86
N ALA A 414 -11.71 37.38 -16.94
CA ALA A 414 -12.88 37.42 -17.80
C ALA A 414 -14.14 37.14 -16.97
N ALA A 415 -15.18 37.96 -17.17
CA ALA A 415 -16.38 37.96 -16.36
C ALA A 415 -17.24 36.71 -16.61
N TRP A 416 -17.12 36.13 -17.81
CA TRP A 416 -17.93 34.97 -18.19
C TRP A 416 -17.57 33.76 -17.31
N VAL A 417 -16.34 33.71 -16.80
CA VAL A 417 -15.91 32.63 -15.90
C VAL A 417 -16.70 32.74 -14.59
N GLN A 418 -16.65 33.94 -13.98
CA GLN A 418 -17.47 34.30 -12.82
C GLN A 418 -18.93 33.94 -13.12
N THR A 419 -19.42 34.35 -14.30
CA THR A 419 -20.81 34.17 -14.68
C THR A 419 -21.17 32.68 -14.78
N GLU A 420 -20.22 31.87 -15.26
CA GLU A 420 -20.41 30.42 -15.39
C GLU A 420 -20.68 29.82 -14.01
N MET A 421 -19.77 30.09 -13.07
CA MET A 421 -19.89 29.66 -11.68
C MET A 421 -21.25 30.09 -11.12
N ASN A 422 -21.64 31.34 -11.39
CA ASN A 422 -22.87 31.92 -10.87
C ASN A 422 -24.08 31.13 -11.39
N LEU A 423 -24.09 30.82 -12.69
CA LEU A 423 -25.27 30.22 -13.36
C LEU A 423 -25.32 28.71 -13.11
N LEU A 424 -24.16 28.05 -13.14
CA LEU A 424 -24.08 26.60 -12.97
C LEU A 424 -24.54 26.19 -11.57
N SER A 425 -24.29 27.06 -10.59
CA SER A 425 -24.65 26.85 -9.17
C SER A 425 -26.17 26.84 -8.98
N THR A 426 -26.88 27.64 -9.77
CA THR A 426 -28.30 27.96 -9.55
C THR A 426 -29.17 26.73 -9.78
N LEU A 427 -30.38 26.76 -9.19
CA LEU A 427 -31.36 25.68 -9.24
C LEU A 427 -32.17 25.75 -10.54
N THR A 428 -32.53 24.57 -11.03
CA THR A 428 -33.42 24.35 -12.17
C THR A 428 -34.52 23.37 -11.74
N SER A 429 -35.48 23.12 -12.64
CA SER A 429 -36.58 22.19 -12.40
C SER A 429 -36.28 20.81 -13.01
N LYS A 430 -35.05 20.65 -13.54
CA LYS A 430 -34.70 19.55 -14.41
C LYS A 430 -33.66 18.65 -13.72
N ARG A 431 -33.93 17.34 -13.72
CA ARG A 431 -33.04 16.32 -13.16
C ARG A 431 -32.45 15.47 -14.29
N ALA A 432 -31.12 15.35 -14.32
CA ALA A 432 -30.40 14.64 -15.38
C ALA A 432 -29.90 13.28 -14.88
N LEU A 433 -29.30 13.27 -13.69
CA LEU A 433 -28.50 12.14 -13.16
C LEU A 433 -29.21 10.80 -13.41
N ASP A 434 -28.41 9.76 -13.66
CA ASP A 434 -28.87 8.43 -14.08
C ASP A 434 -28.52 7.39 -13.01
N LEU A 435 -28.58 7.80 -11.73
CA LEU A 435 -28.07 7.01 -10.61
C LEU A 435 -28.86 5.71 -10.51
N PRO A 436 -28.22 4.53 -10.64
CA PRO A 436 -28.92 3.25 -10.65
C PRO A 436 -29.37 2.80 -9.25
N GLU A 437 -30.04 1.65 -9.20
CA GLU A 437 -30.68 1.13 -8.01
C GLU A 437 -29.62 0.67 -6.99
N ILE A 438 -30.07 0.50 -5.75
CA ILE A 438 -29.26 0.05 -4.62
C ILE A 438 -30.02 -1.08 -3.92
N GLY A 439 -29.32 -1.84 -3.06
CA GLY A 439 -29.94 -2.87 -2.26
C GLY A 439 -30.85 -2.27 -1.18
N PRO A 440 -31.90 -2.98 -0.73
CA PRO A 440 -32.78 -2.46 0.33
C PRO A 440 -32.01 -2.25 1.64
N ASP A 441 -32.41 -1.22 2.39
CA ASP A 441 -31.76 -0.86 3.66
C ASP A 441 -32.21 -1.82 4.76
N VAL A 442 -31.28 -2.11 5.68
CA VAL A 442 -31.54 -2.93 6.87
C VAL A 442 -30.92 -2.23 8.08
N ALA A 443 -29.61 -2.01 8.02
CA ALA A 443 -28.86 -1.33 9.08
C ALA A 443 -29.30 0.12 9.16
N PRO A 444 -29.58 0.66 10.38
CA PRO A 444 -29.91 2.08 10.54
C PRO A 444 -28.93 3.05 9.87
N VAL A 445 -27.65 2.66 9.76
CA VAL A 445 -26.64 3.46 9.06
C VAL A 445 -27.12 3.70 7.63
N GLU A 446 -27.60 2.64 6.99
CA GLU A 446 -28.09 2.67 5.62
C GLU A 446 -29.34 3.55 5.54
N HIS A 447 -30.23 3.43 6.53
CA HIS A 447 -31.45 4.24 6.62
C HIS A 447 -31.11 5.73 6.74
N VAL A 448 -30.08 6.04 7.55
CA VAL A 448 -29.61 7.42 7.71
C VAL A 448 -29.01 7.88 6.38
N GLY A 449 -28.15 7.04 5.79
CA GLY A 449 -27.52 7.30 4.51
C GLY A 449 -28.52 7.62 3.42
N SER A 450 -29.61 6.83 3.36
CA SER A 450 -30.65 6.97 2.34
C SER A 450 -31.37 8.32 2.48
N GLU A 451 -31.83 8.62 3.70
CA GLU A 451 -32.50 9.89 4.00
C GLU A 451 -31.54 11.05 3.75
N ARG A 452 -30.25 10.84 4.04
CA ARG A 452 -29.23 11.86 3.85
C ARG A 452 -29.00 12.08 2.35
N ARG A 453 -29.11 11.00 1.55
CA ARG A 453 -29.01 11.10 0.09
C ARG A 453 -30.14 11.97 -0.45
N LYS A 454 -31.38 11.74 0.03
CA LYS A 454 -32.56 12.46 -0.44
C LYS A 454 -32.29 13.97 -0.42
N TYR A 455 -31.55 14.45 0.59
CA TYR A 455 -31.22 15.87 0.72
C TYR A 455 -30.05 16.24 -0.20
N PHE A 456 -28.94 15.50 -0.11
CA PHE A 456 -27.68 15.85 -0.78
C PHE A 456 -27.80 15.70 -2.31
N VAL A 457 -28.24 14.53 -2.76
CA VAL A 457 -28.35 14.17 -4.19
C VAL A 457 -29.27 15.17 -4.90
N ASN A 458 -30.52 15.28 -4.42
CA ASN A 458 -31.53 16.14 -5.03
C ASN A 458 -30.97 17.54 -5.23
N GLU A 459 -30.40 18.12 -4.17
CA GLU A 459 -29.89 19.50 -4.16
C GLU A 459 -29.00 19.74 -5.39
N ILE A 460 -28.14 18.76 -5.71
CA ILE A 460 -27.21 18.85 -6.84
C ILE A 460 -27.97 18.53 -8.14
N ASN A 461 -28.73 17.43 -8.13
CA ASN A 461 -29.46 16.93 -9.30
C ASN A 461 -30.36 18.03 -9.89
N TYR A 462 -30.91 18.87 -9.01
CA TYR A 462 -31.83 19.95 -9.39
C TYR A 462 -31.06 21.25 -9.67
N CYS A 463 -29.75 21.18 -9.95
CA CYS A 463 -28.97 22.38 -10.28
C CYS A 463 -28.48 22.28 -11.72
N LYS A 464 -28.03 23.42 -12.26
CA LYS A 464 -27.65 23.55 -13.69
C LYS A 464 -26.38 22.75 -13.96
N ALA A 465 -25.41 22.86 -13.05
CA ALA A 465 -24.11 22.18 -13.18
C ALA A 465 -24.28 20.68 -13.40
N SER A 466 -25.33 20.09 -12.82
CA SER A 466 -25.56 18.65 -12.83
C SER A 466 -25.81 18.14 -14.26
N THR A 467 -26.71 18.79 -14.98
CA THR A 467 -27.04 18.43 -16.37
C THR A 467 -25.79 18.56 -17.25
N VAL A 468 -25.09 19.68 -17.10
CA VAL A 468 -23.90 19.99 -17.89
C VAL A 468 -22.90 18.82 -17.79
N MET A 469 -22.67 18.35 -16.56
CA MET A 469 -21.78 17.22 -16.29
C MET A 469 -22.24 15.99 -17.09
N MET A 470 -23.49 15.58 -16.83
CA MET A 470 -24.08 14.39 -17.45
C MET A 470 -23.97 14.48 -18.99
N LYS A 471 -24.13 15.70 -19.52
CA LYS A 471 -23.93 15.93 -20.95
C LYS A 471 -22.51 15.54 -21.35
N TYR A 472 -21.52 16.10 -20.63
CA TYR A 472 -20.10 15.81 -20.88
C TYR A 472 -19.88 14.29 -20.83
N VAL A 473 -20.35 13.66 -19.74
CA VAL A 473 -20.16 12.23 -19.51
C VAL A 473 -20.69 11.44 -20.72
N LEU A 474 -22.00 11.58 -20.96
CA LEU A 474 -22.72 10.77 -21.93
C LEU A 474 -22.17 11.00 -23.35
N PHE A 475 -21.74 12.24 -23.63
CA PHE A 475 -21.17 12.58 -24.94
C PHE A 475 -19.81 11.88 -25.10
N HIS A 476 -18.92 12.10 -24.12
CA HIS A 476 -17.60 11.48 -24.11
C HIS A 476 -17.72 9.95 -24.20
N THR A 477 -18.76 9.39 -23.57
CA THR A 477 -19.01 7.95 -23.58
C THR A 477 -19.19 7.44 -25.02
N SER A 478 -20.10 8.07 -25.78
CA SER A 478 -20.40 7.67 -27.15
C SER A 478 -19.24 8.04 -28.08
N LEU A 479 -18.62 9.21 -27.83
CA LEU A 479 -17.50 9.72 -28.63
C LEU A 479 -16.31 8.75 -28.57
N LEU A 480 -16.11 8.11 -27.41
CA LEU A 480 -15.08 7.09 -27.26
C LEU A 480 -15.49 5.83 -28.04
N ASN A 481 -16.76 5.42 -27.90
CA ASN A 481 -17.26 4.21 -28.53
C ASN A 481 -17.13 4.32 -30.06
N GLU A 482 -17.45 5.50 -30.61
CA GLU A 482 -17.33 5.74 -32.05
C GLU A 482 -15.85 5.69 -32.46
N SER A 483 -14.98 6.28 -31.64
CA SER A 483 -13.56 6.49 -31.96
C SER A 483 -12.82 5.15 -32.18
N ASN A 484 -13.23 4.11 -31.45
CA ASN A 484 -12.57 2.80 -31.50
C ASN A 484 -13.23 1.91 -32.56
N ALA A 485 -14.57 1.95 -32.61
CA ALA A 485 -15.36 1.09 -33.48
C ALA A 485 -15.26 1.57 -34.94
N SER A 486 -15.48 2.86 -35.16
CA SER A 486 -15.54 3.49 -36.48
C SER A 486 -14.34 4.42 -36.69
N MET A 487 -13.14 3.83 -36.67
CA MET A 487 -11.88 4.56 -36.70
C MET A 487 -11.77 5.38 -38.00
N GLY A 488 -12.03 4.71 -39.13
CA GLY A 488 -11.75 5.26 -40.45
C GLY A 488 -12.93 6.04 -41.04
N LYS A 489 -14.04 6.13 -40.31
CA LYS A 489 -15.26 6.78 -40.79
C LYS A 489 -15.44 8.13 -40.08
N TYR A 490 -15.71 9.17 -40.87
CA TYR A 490 -16.25 10.43 -40.37
C TYR A 490 -17.70 10.18 -39.92
N LYS A 491 -18.02 10.50 -38.67
CA LYS A 491 -19.34 10.17 -38.12
C LYS A 491 -19.90 11.36 -37.34
N VAL A 492 -21.17 11.68 -37.65
CA VAL A 492 -21.95 12.70 -36.95
C VAL A 492 -22.52 12.07 -35.68
N ILE A 493 -22.22 12.69 -34.53
CA ILE A 493 -22.65 12.22 -33.23
C ILE A 493 -23.49 13.32 -32.57
N PRO A 494 -24.75 13.03 -32.17
CA PRO A 494 -25.60 14.03 -31.54
C PRO A 494 -25.23 14.28 -30.07
N ILE A 495 -25.17 15.57 -29.69
CA ILE A 495 -24.93 15.99 -28.31
C ILE A 495 -26.27 15.90 -27.56
N THR A 496 -26.48 14.75 -26.91
CA THR A 496 -27.77 14.30 -26.40
C THR A 496 -27.68 14.11 -24.88
N ASN A 497 -28.86 13.98 -24.24
CA ASN A 497 -29.01 13.99 -22.79
C ASN A 497 -30.49 13.71 -22.45
N ARG A 498 -30.73 13.12 -21.28
CA ARG A 498 -32.08 12.80 -20.81
C ARG A 498 -32.37 13.57 -19.52
N VAL A 499 -33.57 14.16 -19.44
CA VAL A 499 -33.94 15.07 -18.37
C VAL A 499 -35.36 14.71 -17.87
N VAL A 500 -35.59 14.93 -16.57
CA VAL A 500 -36.89 14.70 -15.94
C VAL A 500 -37.32 15.99 -15.22
N ASN A 501 -38.58 16.38 -15.43
CA ASN A 501 -39.18 17.57 -14.84
C ASN A 501 -39.88 17.18 -13.52
N GLU A 502 -40.43 18.19 -12.82
CA GLU A 502 -41.10 18.01 -11.53
C GLU A 502 -42.23 16.99 -11.65
N LYS A 503 -42.98 17.04 -12.75
CA LYS A 503 -44.14 16.17 -12.98
C LYS A 503 -43.70 14.71 -13.16
N GLY A 504 -42.45 14.51 -13.58
CA GLY A 504 -41.86 13.18 -13.73
C GLY A 504 -42.06 12.64 -15.13
N GLU A 505 -41.66 13.44 -16.13
CA GLU A 505 -41.77 13.11 -17.54
C GLU A 505 -40.38 13.19 -18.18
N SER A 506 -40.05 12.21 -19.02
CA SER A 506 -38.72 12.07 -19.62
C SER A 506 -38.64 12.87 -20.92
N PHE A 507 -37.75 13.87 -20.94
CA PHE A 507 -37.46 14.70 -22.11
C PHE A 507 -36.04 14.42 -22.59
N ASP A 508 -35.89 14.23 -23.91
CA ASP A 508 -34.59 14.13 -24.57
C ASP A 508 -34.16 15.52 -25.02
N MET A 509 -32.89 15.86 -24.74
CA MET A 509 -32.34 17.19 -25.00
C MET A 509 -31.23 17.09 -26.04
N LEU A 510 -31.48 17.66 -27.24
CA LEU A 510 -30.49 17.73 -28.32
C LEU A 510 -29.83 19.12 -28.30
N TYR A 511 -28.59 19.20 -27.78
CA TYR A 511 -27.89 20.48 -27.60
C TYR A 511 -27.16 20.88 -28.88
N GLY A 512 -27.05 19.94 -29.82
CA GLY A 512 -26.40 20.17 -31.10
C GLY A 512 -25.93 18.87 -31.72
N LEU A 513 -25.06 18.99 -32.73
CA LEU A 513 -24.47 17.85 -33.44
C LEU A 513 -22.95 18.05 -33.50
N ALA A 514 -22.20 16.94 -33.39
CA ALA A 514 -20.75 16.95 -33.54
C ALA A 514 -20.35 15.97 -34.65
N VAL A 515 -19.18 16.20 -35.25
CA VAL A 515 -18.61 15.25 -36.21
C VAL A 515 -17.24 14.81 -35.72
N LYS A 516 -16.97 13.51 -35.88
CA LYS A 516 -15.75 12.87 -35.42
C LYS A 516 -14.87 12.55 -36.64
N GLY A 517 -13.66 13.11 -36.67
CA GLY A 517 -12.68 12.82 -37.74
C GLY A 517 -12.13 11.41 -37.62
N GLN A 518 -11.20 11.04 -38.51
CA GLN A 518 -10.55 9.74 -38.44
C GLN A 518 -9.87 9.61 -37.07
N SER A 519 -9.97 8.42 -36.47
CA SER A 519 -9.60 8.20 -35.08
C SER A 519 -8.72 6.95 -34.94
N HIS A 520 -7.62 6.91 -35.69
CA HIS A 520 -6.62 5.86 -35.62
C HIS A 520 -5.67 6.14 -34.44
N LEU A 521 -6.21 6.03 -33.22
CA LEU A 521 -5.54 6.44 -31.99
C LEU A 521 -4.68 5.28 -31.46
N ARG A 522 -3.36 5.38 -31.68
CA ARG A 522 -2.39 4.45 -31.08
C ARG A 522 -2.09 4.91 -29.65
N GLY A 523 -1.42 6.07 -29.54
CA GLY A 523 -1.14 6.70 -28.25
C GLY A 523 -2.42 7.13 -27.55
N ASP A 524 -2.32 7.32 -26.23
CA ASP A 524 -3.44 7.79 -25.42
C ASP A 524 -3.62 9.29 -25.67
N THR A 525 -2.50 9.99 -25.88
CA THR A 525 -2.46 11.44 -26.12
C THR A 525 -2.85 11.78 -27.57
N ASP A 526 -2.75 10.80 -28.48
CA ASP A 526 -3.07 10.98 -29.91
C ASP A 526 -4.46 11.62 -30.03
N VAL A 527 -4.56 12.63 -30.91
CA VAL A 527 -5.71 13.52 -31.00
C VAL A 527 -6.69 12.96 -32.05
N VAL A 528 -7.98 13.18 -31.81
CA VAL A 528 -9.03 12.95 -32.81
C VAL A 528 -9.87 14.23 -32.90
N THR A 529 -9.85 14.87 -34.07
CA THR A 529 -10.54 16.13 -34.28
C THR A 529 -12.06 15.89 -34.22
N VAL A 530 -12.74 16.73 -33.42
CA VAL A 530 -14.17 16.73 -33.28
C VAL A 530 -14.66 18.17 -33.49
N VAL A 531 -15.46 18.36 -34.55
CA VAL A 531 -16.08 19.65 -34.87
C VAL A 531 -17.49 19.66 -34.25
N THR A 532 -17.77 20.72 -33.48
CA THR A 532 -19.01 20.84 -32.71
C THR A 532 -19.90 21.93 -33.30
N PHE A 533 -21.21 21.64 -33.34
CA PHE A 533 -22.26 22.57 -33.70
C PHE A 533 -23.29 22.56 -32.57
N GLU A 534 -23.36 23.66 -31.80
CA GLU A 534 -24.16 23.72 -30.55
C GLU A 534 -25.19 24.85 -30.62
N PHE A 535 -26.42 24.55 -30.19
CA PHE A 535 -27.48 25.56 -30.08
C PHE A 535 -27.24 26.44 -28.84
N SER A 536 -27.66 27.70 -28.93
CA SER A 536 -27.48 28.69 -27.86
C SER A 536 -28.35 29.92 -28.11
N SER A 537 -28.84 30.52 -27.01
CA SER A 537 -29.61 31.77 -27.01
C SER A 537 -28.68 32.97 -26.78
N THR A 538 -27.41 32.70 -26.48
CA THR A 538 -26.45 33.75 -26.16
C THR A 538 -26.02 34.46 -27.45
N ASP A 539 -26.10 35.79 -27.44
CA ASP A 539 -25.71 36.64 -28.55
C ASP A 539 -24.21 36.89 -28.47
N PRO A 540 -23.39 36.33 -29.39
CA PRO A 540 -21.93 36.39 -29.25
C PRO A 540 -21.34 37.80 -29.42
N ARG A 541 -22.14 38.74 -29.96
CA ARG A 541 -21.77 40.14 -30.10
C ARG A 541 -21.64 40.79 -28.72
N VAL A 542 -22.40 40.28 -27.74
CA VAL A 542 -22.37 40.78 -26.36
C VAL A 542 -20.93 40.72 -25.84
N ASP A 543 -20.42 39.50 -25.64
CA ASP A 543 -19.09 39.25 -25.07
C ASP A 543 -18.19 38.69 -26.18
N SER A 544 -17.68 39.58 -27.04
CA SER A 544 -16.99 39.22 -28.28
C SER A 544 -15.62 38.58 -27.99
N GLY A 545 -14.99 38.99 -26.88
CA GLY A 545 -13.66 38.48 -26.50
C GLY A 545 -13.71 37.09 -25.90
N LYS A 546 -14.93 36.57 -25.67
CA LYS A 546 -15.18 35.24 -25.13
C LYS A 546 -15.18 34.19 -26.24
N TRP A 547 -15.54 34.59 -27.47
CA TRP A 547 -15.84 33.65 -28.55
C TRP A 547 -14.89 33.79 -29.75
N PRO A 548 -13.57 34.06 -29.59
CA PRO A 548 -12.68 34.14 -30.74
C PRO A 548 -12.45 32.77 -31.39
N LYS A 549 -12.71 31.70 -30.64
CA LYS A 549 -12.51 30.32 -31.06
C LYS A 549 -13.73 29.80 -31.82
N TYR A 550 -14.83 30.57 -31.86
CA TYR A 550 -16.12 30.09 -32.34
C TYR A 550 -16.55 30.82 -33.62
N THR A 551 -17.50 30.19 -34.34
CA THR A 551 -18.12 30.72 -35.56
C THR A 551 -19.64 30.51 -35.45
N VAL A 552 -20.39 31.61 -35.47
CA VAL A 552 -21.80 31.62 -35.05
C VAL A 552 -22.71 31.99 -36.23
N PHE A 553 -23.85 31.29 -36.31
CA PHE A 553 -24.90 31.54 -37.30
C PHE A 553 -26.25 31.68 -36.60
N ARG A 554 -26.99 32.75 -36.91
CA ARG A 554 -28.38 32.91 -36.46
C ARG A 554 -29.25 31.96 -37.29
N ILE A 555 -29.97 31.04 -36.64
CA ILE A 555 -30.65 29.95 -37.38
C ILE A 555 -32.17 29.95 -37.11
N GLY A 556 -32.68 30.95 -36.40
CA GLY A 556 -34.12 31.08 -36.15
C GLY A 556 -34.42 31.68 -34.79
N SER A 557 -35.64 31.42 -34.29
CA SER A 557 -36.13 31.94 -33.02
C SER A 557 -36.94 30.87 -32.30
N LEU A 558 -37.18 31.11 -31.00
CA LEU A 558 -37.90 30.19 -30.13
C LEU A 558 -38.44 30.95 -28.91
N PHE A 559 -39.57 30.48 -28.36
CA PHE A 559 -40.15 31.01 -27.13
C PHE A 559 -39.33 30.55 -25.92
N VAL A 560 -38.64 31.50 -25.27
CA VAL A 560 -37.91 31.22 -24.02
C VAL A 560 -38.91 31.18 -22.86
N SER A 561 -40.00 31.96 -23.02
CA SER A 561 -41.13 31.98 -22.09
C SER A 561 -42.31 32.68 -22.80
N GLY A 562 -42.45 33.98 -22.55
CA GLY A 562 -43.28 34.87 -23.36
C GLY A 562 -42.44 35.59 -24.41
N ARG A 563 -41.11 35.54 -24.25
CA ARG A 563 -40.15 36.22 -25.12
C ARG A 563 -39.69 35.27 -26.23
N GLU A 564 -39.65 35.81 -27.46
CA GLU A 564 -39.12 35.12 -28.63
C GLU A 564 -37.60 35.41 -28.71
N LYS A 565 -36.81 34.51 -28.10
CA LYS A 565 -35.34 34.60 -28.16
C LYS A 565 -34.84 33.98 -29.47
N SER A 566 -33.84 34.62 -30.06
CA SER A 566 -33.20 34.14 -31.28
C SER A 566 -32.23 33.00 -30.93
N VAL A 567 -32.24 31.96 -31.78
CA VAL A 567 -31.43 30.76 -31.62
C VAL A 567 -30.22 30.86 -32.57
N TYR A 568 -29.03 30.77 -31.98
CA TYR A 568 -27.78 30.79 -32.72
C TYR A 568 -27.22 29.37 -32.81
N LEU A 569 -26.13 29.21 -33.58
CA LEU A 569 -25.44 27.96 -33.75
C LEU A 569 -23.93 28.22 -33.64
N TYR A 570 -23.35 27.78 -32.52
CA TYR A 570 -21.93 27.92 -32.24
C TYR A 570 -21.18 26.74 -32.86
N CYS A 571 -20.26 27.08 -33.79
CA CYS A 571 -19.48 26.13 -34.57
C CYS A 571 -17.98 26.30 -34.24
N ARG A 572 -17.35 25.19 -33.82
CA ARG A 572 -15.94 25.19 -33.42
C ARG A 572 -15.30 23.85 -33.81
N VAL A 573 -14.10 23.94 -34.39
CA VAL A 573 -13.20 22.82 -34.56
C VAL A 573 -12.50 22.57 -33.22
N ASN A 574 -12.70 21.37 -32.66
CA ASN A 574 -12.15 21.00 -31.37
C ASN A 574 -11.37 19.69 -31.52
N GLY A 575 -10.83 19.20 -30.40
CA GLY A 575 -10.04 17.97 -30.40
C GLY A 575 -9.94 17.37 -29.00
N THR A 576 -10.17 16.06 -28.93
CA THR A 576 -9.99 15.27 -27.73
C THR A 576 -8.98 14.16 -28.02
N ASN A 577 -8.55 13.48 -26.96
CA ASN A 577 -7.63 12.34 -27.03
C ASN A 577 -8.18 11.21 -26.14
N LYS A 578 -7.50 10.07 -26.18
CA LYS A 578 -8.05 8.82 -25.62
C LYS A 578 -8.23 8.96 -24.10
N ILE A 579 -7.44 9.84 -23.47
CA ILE A 579 -7.43 10.01 -22.01
C ILE A 579 -8.65 10.83 -21.58
N GLN A 580 -8.77 12.01 -22.21
CA GLN A 580 -9.80 13.00 -21.87
C GLN A 580 -11.18 12.37 -21.95
N MET A 581 -11.39 11.51 -22.95
CA MET A 581 -12.66 10.82 -23.16
C MET A 581 -12.92 9.86 -21.99
N LYS A 582 -11.89 9.14 -21.55
CA LYS A 582 -12.00 8.23 -20.41
C LYS A 582 -12.32 9.02 -19.15
N TRP A 583 -11.59 10.12 -18.92
CA TRP A 583 -11.81 10.97 -17.75
C TRP A 583 -13.21 11.62 -17.80
N GLY A 584 -13.72 11.87 -19.02
CA GLY A 584 -15.08 12.35 -19.21
C GLY A 584 -16.12 11.38 -18.68
N MET A 585 -15.91 10.09 -18.95
CA MET A 585 -16.82 9.02 -18.52
C MET A 585 -16.74 8.79 -17.01
N GLU A 586 -15.66 9.30 -16.39
CA GLU A 586 -15.44 9.24 -14.94
C GLU A 586 -15.55 10.64 -14.32
N ALA A 587 -16.46 11.47 -14.86
CA ALA A 587 -16.71 12.82 -14.33
C ALA A 587 -17.87 12.78 -13.31
N ARG A 588 -18.59 11.66 -13.28
CA ARG A 588 -19.70 11.44 -12.34
C ARG A 588 -19.21 11.58 -10.89
N ARG A 589 -17.93 11.25 -10.66
CA ARG A 589 -17.30 11.26 -9.33
C ARG A 589 -17.15 12.69 -8.77
N CYS A 590 -17.56 13.70 -9.55
CA CYS A 590 -17.65 15.08 -9.06
C CYS A 590 -18.64 15.18 -7.89
N LEU A 591 -19.68 14.32 -7.93
CA LEU A 591 -20.68 14.22 -6.87
C LEU A 591 -20.01 13.89 -5.53
N LEU A 592 -19.08 12.92 -5.56
CA LEU A 592 -18.50 12.35 -4.34
C LEU A 592 -17.63 13.40 -3.62
N GLN A 593 -16.71 14.04 -4.36
CA GLN A 593 -15.81 15.04 -3.78
C GLN A 593 -16.62 16.12 -3.07
N SER A 594 -17.74 16.53 -3.69
CA SER A 594 -18.59 17.61 -3.21
C SER A 594 -19.48 17.15 -2.05
N MET A 595 -19.99 15.92 -2.13
CA MET A 595 -20.91 15.37 -1.13
C MET A 595 -20.17 15.10 0.18
N GLN A 596 -19.05 14.37 0.10
CA GLN A 596 -18.26 13.97 1.27
C GLN A 596 -17.95 15.19 2.14
N GLN A 597 -17.39 16.23 1.50
CA GLN A 597 -16.91 17.43 2.15
C GLN A 597 -18.01 18.07 3.00
N MET A 598 -19.24 18.11 2.47
CA MET A 598 -20.38 18.73 3.14
C MET A 598 -21.01 17.76 4.15
N GLU A 599 -20.96 16.46 3.85
CA GLU A 599 -21.43 15.42 4.76
C GLU A 599 -20.59 15.44 6.04
N ALA A 600 -19.29 15.75 5.89
CA ALA A 600 -18.38 15.95 7.02
C ALA A 600 -18.98 16.95 8.01
N ILE A 601 -19.51 18.07 7.50
CA ILE A 601 -20.10 19.13 8.34
C ILE A 601 -21.31 18.55 9.09
N VAL A 602 -22.21 17.89 8.36
CA VAL A 602 -23.41 17.28 8.94
C VAL A 602 -23.01 16.32 10.06
N GLU A 603 -22.05 15.44 9.77
CA GLU A 603 -21.60 14.40 10.72
C GLU A 603 -20.93 15.06 11.93
N GLN A 604 -20.15 16.12 11.69
CA GLN A 604 -19.50 16.90 12.76
C GLN A 604 -20.57 17.51 13.67
N GLU A 605 -21.51 18.22 13.06
CA GLU A 605 -22.58 18.93 13.77
C GLU A 605 -23.45 17.91 14.52
N SER A 606 -23.61 16.71 13.94
CA SER A 606 -24.44 15.65 14.51
C SER A 606 -23.90 15.18 15.87
N SER A 607 -22.56 15.13 16.01
CA SER A 607 -21.92 14.69 17.25
C SER A 607 -22.08 15.76 18.34
N ILE A 608 -22.09 17.03 17.91
CA ILE A 608 -22.20 18.17 18.82
C ILE A 608 -23.61 18.19 19.43
N GLN A 609 -24.62 17.89 18.61
CA GLN A 609 -26.04 18.03 18.98
C GLN A 609 -26.60 16.71 19.54
N GLY A 610 -26.04 15.57 19.10
CA GLY A 610 -26.40 14.26 19.64
C GLY A 610 -27.41 13.51 18.78
N TYR A 611 -27.97 14.20 17.77
CA TYR A 611 -28.94 13.60 16.84
C TYR A 611 -28.53 13.94 15.40
N ASP A 612 -29.25 13.36 14.43
CA ASP A 612 -28.98 13.55 13.01
C ASP A 612 -29.30 15.00 12.64
N MET A 613 -28.27 15.73 12.15
CA MET A 613 -28.36 17.16 11.88
C MET A 613 -28.46 17.41 10.37
N THR A 614 -28.90 16.40 9.60
CA THR A 614 -29.04 16.52 8.15
C THR A 614 -30.17 17.50 7.83
N LYS A 615 -31.38 17.16 8.29
CA LYS A 615 -32.60 17.93 8.04
C LYS A 615 -32.48 19.32 8.69
N ALA A 616 -31.66 19.43 9.74
CA ALA A 616 -31.45 20.66 10.48
C ALA A 616 -30.60 21.65 9.67
N CYS A 617 -29.58 21.14 8.97
CA CYS A 617 -28.58 21.98 8.32
C CYS A 617 -29.18 22.66 7.07
N PHE A 618 -29.99 21.91 6.30
CA PHE A 618 -30.62 22.42 5.09
C PHE A 618 -31.76 23.38 5.47
N LYS A 619 -32.79 22.83 6.13
CA LYS A 619 -34.05 23.52 6.42
C LYS A 619 -34.02 24.16 7.82
N GLY A 620 -33.67 23.34 8.82
CA GLY A 620 -33.77 23.71 10.23
C GLY A 620 -34.98 23.04 10.87
N ASP A 621 -34.84 22.70 12.16
CA ASP A 621 -35.88 21.97 12.90
C ASP A 621 -36.24 22.76 14.16
N ARG A 622 -37.07 22.16 15.02
CA ARG A 622 -37.58 22.81 16.23
C ARG A 622 -36.42 23.42 17.03
N VAL A 623 -35.35 22.63 17.18
CA VAL A 623 -34.20 22.99 18.02
C VAL A 623 -33.32 23.99 17.28
N ASN A 624 -32.73 23.54 16.15
CA ASN A 624 -31.65 24.26 15.47
C ASN A 624 -32.20 24.96 14.23
N SER A 625 -31.76 26.22 14.06
CA SER A 625 -32.00 27.03 12.86
C SER A 625 -30.99 26.62 11.78
N PRO A 626 -31.30 26.84 10.48
CA PRO A 626 -30.47 26.30 9.39
C PRO A 626 -29.04 26.84 9.32
N LYS A 627 -28.13 25.99 8.83
CA LYS A 627 -26.73 26.31 8.61
C LYS A 627 -26.60 27.24 7.40
N THR A 628 -25.73 28.25 7.52
CA THR A 628 -25.44 29.21 6.46
C THR A 628 -23.92 29.27 6.24
N PHE A 629 -23.52 29.67 5.03
CA PHE A 629 -22.12 29.86 4.67
C PHE A 629 -21.94 31.19 3.94
N SER A 630 -20.85 31.90 4.26
CA SER A 630 -20.39 33.04 3.45
C SER A 630 -20.18 32.55 2.02
N ILE A 631 -21.00 33.05 1.09
CA ILE A 631 -21.15 32.44 -0.23
C ILE A 631 -20.43 33.28 -1.30
N GLY A 632 -20.53 34.61 -1.22
CA GLY A 632 -19.98 35.52 -2.23
C GLY A 632 -20.10 36.98 -1.83
N THR A 633 -19.98 37.87 -2.82
CA THR A 633 -19.97 39.32 -2.60
C THR A 633 -21.03 39.99 -3.49
N GLN A 634 -21.43 41.19 -3.06
CA GLN A 634 -22.36 42.06 -3.78
C GLN A 634 -21.97 43.52 -3.47
N GLU A 635 -21.48 44.22 -4.50
CA GLU A 635 -20.85 45.55 -4.39
C GLU A 635 -20.05 45.64 -3.08
N GLY A 636 -19.02 44.78 -2.99
CA GLY A 636 -17.97 44.87 -1.98
C GLY A 636 -18.44 44.54 -0.57
N LYS A 637 -19.55 43.81 -0.45
CA LYS A 637 -20.12 43.45 0.85
C LYS A 637 -20.45 41.95 0.85
N LEU A 638 -19.89 41.23 1.83
CA LEU A 638 -20.01 39.78 1.94
C LEU A 638 -21.49 39.40 2.07
N VAL A 639 -21.85 38.26 1.46
CA VAL A 639 -23.22 37.74 1.48
C VAL A 639 -23.19 36.26 1.87
N LYS A 640 -24.18 35.84 2.67
CA LYS A 640 -24.30 34.47 3.12
C LYS A 640 -25.34 33.73 2.26
N GLY A 641 -25.33 32.40 2.38
CA GLY A 641 -26.18 31.52 1.60
C GLY A 641 -26.39 30.19 2.30
N SER A 642 -27.32 29.40 1.75
CA SER A 642 -27.77 28.13 2.33
C SER A 642 -26.66 27.08 2.29
N PHE A 643 -26.87 26.02 3.09
CA PHE A 643 -26.07 24.80 3.07
C PHE A 643 -26.14 24.18 1.67
N GLY A 644 -27.36 24.14 1.11
CA GLY A 644 -27.62 23.67 -0.24
C GLY A 644 -26.85 24.44 -1.29
N LYS A 645 -26.84 25.77 -1.15
CA LYS A 645 -26.08 26.67 -2.02
C LYS A 645 -24.58 26.35 -1.89
N ALA A 646 -24.09 26.30 -0.65
CA ALA A 646 -22.68 26.02 -0.37
C ALA A 646 -22.26 24.67 -0.97
N LEU A 647 -23.15 23.67 -0.87
CA LEU A 647 -22.92 22.34 -1.46
C LEU A 647 -22.69 22.48 -2.97
N ARG A 648 -23.65 23.11 -3.65
CA ARG A 648 -23.69 23.22 -5.10
C ARG A 648 -22.45 23.95 -5.62
N VAL A 649 -21.97 24.95 -4.87
CA VAL A 649 -20.77 25.71 -5.25
C VAL A 649 -19.57 24.77 -5.36
N ILE A 650 -19.45 23.84 -4.41
CA ILE A 650 -18.32 22.91 -4.36
C ILE A 650 -18.42 21.93 -5.54
N PHE A 651 -19.62 21.40 -5.76
CA PHE A 651 -19.90 20.48 -6.88
C PHE A 651 -19.54 21.17 -8.20
N THR A 652 -20.04 22.40 -8.37
CA THR A 652 -19.75 23.21 -9.55
C THR A 652 -18.24 23.38 -9.67
N LYS A 653 -17.57 23.74 -8.56
CA LYS A 653 -16.13 23.91 -8.53
C LYS A 653 -15.43 22.64 -9.01
N CYS A 654 -15.92 21.47 -8.57
CA CYS A 654 -15.30 20.18 -8.89
C CYS A 654 -15.48 19.84 -10.38
N LEU A 655 -16.62 20.25 -10.95
CA LEU A 655 -16.88 20.04 -12.38
C LEU A 655 -15.90 20.87 -13.21
N MET A 656 -15.60 22.09 -12.74
CA MET A 656 -14.68 23.00 -13.42
C MET A 656 -13.25 22.45 -13.32
N HIS A 657 -12.95 21.73 -12.24
CA HIS A 657 -11.66 21.06 -12.07
C HIS A 657 -11.44 20.06 -13.20
N TYR A 658 -12.50 19.35 -13.59
CA TYR A 658 -12.47 18.45 -14.75
C TYR A 658 -12.43 19.28 -16.03
N VAL A 659 -13.41 20.17 -16.21
CA VAL A 659 -13.66 20.87 -17.48
C VAL A 659 -12.43 21.71 -17.88
N PHE A 660 -11.75 22.32 -16.89
CA PHE A 660 -10.55 23.13 -17.15
C PHE A 660 -9.32 22.45 -16.53
N GLY A 661 -9.30 21.11 -16.56
CA GLY A 661 -8.26 20.30 -15.96
C GLY A 661 -7.08 20.09 -16.90
N ASN A 662 -5.96 20.75 -16.59
CA ASN A 662 -4.70 20.61 -17.33
C ASN A 662 -3.54 20.73 -16.32
N ALA A 663 -2.31 20.90 -16.83
CA ALA A 663 -1.11 21.01 -16.02
C ALA A 663 -1.06 22.38 -15.32
N GLN A 664 -1.67 23.39 -15.93
CA GLN A 664 -1.73 24.73 -15.36
C GLN A 664 -2.49 24.71 -14.03
N LEU A 665 -3.62 23.99 -14.01
CA LEU A 665 -4.48 23.90 -12.83
C LEU A 665 -3.77 23.09 -11.73
N GLU A 666 -3.17 21.96 -12.12
CA GLU A 666 -2.46 21.07 -11.20
C GLU A 666 -1.41 21.90 -10.43
N GLY A 667 -0.55 22.59 -11.20
CA GLY A 667 0.56 23.38 -10.65
C GLY A 667 0.08 24.49 -9.74
N PHE A 668 -0.95 25.23 -10.20
CA PHE A 668 -1.52 26.33 -9.43
C PHE A 668 -2.12 25.81 -8.12
N SER A 669 -2.98 24.78 -8.23
CA SER A 669 -3.73 24.24 -7.11
C SER A 669 -2.79 23.72 -6.01
N ALA A 670 -1.66 23.12 -6.43
CA ALA A 670 -0.70 22.52 -5.51
C ALA A 670 0.11 23.61 -4.80
N GLU A 671 0.67 24.55 -5.58
CA GLU A 671 1.57 25.57 -5.05
C GLU A 671 0.78 26.63 -4.26
N SER A 672 -0.49 26.87 -4.64
CA SER A 672 -1.35 27.83 -3.94
C SER A 672 -1.78 27.28 -2.58
N ARG A 673 -2.03 25.96 -2.52
CA ARG A 673 -2.38 25.24 -1.28
C ARG A 673 -1.34 25.54 -0.20
N ARG A 674 -0.08 25.70 -0.63
CA ARG A 674 1.05 26.08 0.20
C ARG A 674 0.76 27.43 0.88
N LEU A 675 0.33 28.41 0.09
CA LEU A 675 0.07 29.78 0.56
C LEU A 675 -1.24 29.84 1.36
N LEU A 676 -2.20 28.98 1.00
CA LEU A 676 -3.50 28.89 1.71
C LEU A 676 -3.26 28.55 3.19
N LEU A 677 -2.30 27.65 3.44
CA LEU A 677 -1.99 27.16 4.78
C LEU A 677 -1.34 28.25 5.62
N LEU A 678 -0.46 29.04 5.00
CA LEU A 678 0.20 30.18 5.67
C LEU A 678 -0.86 31.17 6.18
N ILE A 679 -1.94 31.35 5.43
CA ILE A 679 -3.04 32.24 5.82
C ILE A 679 -3.77 31.68 7.04
N GLN A 680 -4.00 30.36 7.03
CA GLN A 680 -4.69 29.67 8.13
C GLN A 680 -3.87 29.82 9.43
N ALA A 681 -2.55 29.88 9.31
CA ALA A 681 -1.67 30.12 10.46
C ALA A 681 -1.93 31.51 11.04
N LEU A 682 -2.00 32.52 10.15
CA LEU A 682 -2.30 33.90 10.53
C LEU A 682 -3.69 33.97 11.16
N LYS A 683 -4.65 33.21 10.60
CA LYS A 683 -6.01 33.15 11.13
C LYS A 683 -6.01 32.51 12.52
N ASP A 684 -5.22 31.44 12.68
CA ASP A 684 -5.13 30.69 13.93
C ASP A 684 -4.24 31.42 14.95
N ARG A 685 -3.55 32.46 14.50
CA ARG A 685 -2.60 33.23 15.31
C ARG A 685 -1.45 32.32 15.75
N LYS A 686 -0.94 31.52 14.81
CA LYS A 686 0.21 30.64 15.04
C LYS A 686 1.43 31.27 14.34
N GLY A 687 1.68 32.54 14.66
CA GLY A 687 2.73 33.40 14.06
C GLY A 687 3.63 32.65 13.08
N PRO A 688 3.25 32.54 11.78
CA PRO A 688 4.05 31.82 10.80
C PRO A 688 5.27 32.61 10.30
N TRP A 689 6.31 31.88 9.89
CA TRP A 689 7.53 32.42 9.32
C TRP A 689 7.75 31.86 7.91
N VAL A 690 8.44 32.63 7.07
CA VAL A 690 8.75 32.24 5.69
C VAL A 690 10.24 32.52 5.43
N PHE A 691 10.80 31.83 4.43
CA PHE A 691 12.23 31.88 4.12
C PHE A 691 12.48 32.58 2.78
N ASP A 692 11.65 32.26 1.78
CA ASP A 692 11.67 32.94 0.47
C ASP A 692 10.23 33.01 -0.05
N LEU A 693 9.54 34.12 0.25
CA LEU A 693 8.13 34.32 -0.10
C LEU A 693 8.00 34.52 -1.61
N GLU A 694 8.89 35.33 -2.19
CA GLU A 694 8.89 35.63 -3.62
C GLU A 694 8.99 34.33 -4.42
N GLY A 695 9.94 33.46 -4.03
CA GLY A 695 10.11 32.14 -4.65
C GLY A 695 8.86 31.31 -4.57
N MET A 696 8.18 31.38 -3.42
CA MET A 696 6.92 30.69 -3.17
C MET A 696 5.85 31.21 -4.15
N TYR A 697 5.76 32.54 -4.26
CA TYR A 697 4.81 33.21 -5.16
C TYR A 697 5.08 32.79 -6.62
N SER A 698 6.35 32.89 -7.03
CA SER A 698 6.81 32.55 -8.38
C SER A 698 6.10 31.30 -8.90
N GLY A 699 6.22 30.19 -8.14
CA GLY A 699 5.68 28.89 -8.49
C GLY A 699 4.17 28.92 -8.72
N ILE A 700 3.48 29.76 -7.94
CA ILE A 700 2.03 29.95 -8.06
C ILE A 700 1.75 30.76 -9.34
N GLU A 701 2.51 31.85 -9.52
CA GLU A 701 2.22 32.87 -10.53
C GLU A 701 2.59 32.38 -11.94
N GLU A 702 3.59 31.49 -12.05
CA GLU A 702 4.03 30.98 -13.35
C GLU A 702 2.97 30.05 -13.94
N CYS A 703 2.10 29.48 -13.09
CA CYS A 703 1.04 28.56 -13.52
C CYS A 703 -0.15 29.33 -14.14
N ILE A 704 -0.29 30.61 -13.81
CA ILE A 704 -1.40 31.44 -14.28
C ILE A 704 -1.08 31.96 -15.69
N SER A 705 -1.66 31.32 -16.71
CA SER A 705 -1.44 31.71 -18.11
C SER A 705 -2.77 31.94 -18.84
N ASN A 706 -3.36 30.87 -19.39
CA ASN A 706 -4.55 30.97 -20.24
C ASN A 706 -5.63 29.99 -19.77
N ASN A 707 -5.63 29.64 -18.49
CA ASN A 707 -6.67 28.80 -17.90
C ASN A 707 -7.74 29.70 -17.29
N PRO A 708 -8.97 29.71 -17.86
CA PRO A 708 -10.06 30.54 -17.34
C PRO A 708 -10.33 30.32 -15.85
N TRP A 709 -10.23 29.06 -15.41
CA TRP A 709 -10.53 28.69 -14.04
C TRP A 709 -9.41 29.16 -13.11
N VAL A 710 -8.16 28.91 -13.50
CA VAL A 710 -6.98 29.37 -12.78
C VAL A 710 -7.04 30.90 -12.65
N ILE A 711 -7.30 31.58 -13.77
CA ILE A 711 -7.29 33.05 -13.79
C ILE A 711 -8.33 33.60 -12.80
N GLN A 712 -9.54 33.03 -12.82
CA GLN A 712 -10.64 33.48 -11.97
C GLN A 712 -10.39 33.06 -10.52
N SER A 713 -9.70 31.93 -10.34
CA SER A 713 -9.32 31.44 -9.01
C SER A 713 -8.29 32.38 -8.39
N ALA A 714 -7.39 32.91 -9.23
CA ALA A 714 -6.40 33.91 -8.81
C ALA A 714 -7.11 35.21 -8.39
N TYR A 715 -8.20 35.54 -9.10
CA TYR A 715 -9.04 36.71 -8.77
C TYR A 715 -9.75 36.47 -7.44
N TRP A 716 -10.44 35.32 -7.33
CA TRP A 716 -11.23 34.94 -6.15
C TRP A 716 -10.32 34.84 -4.91
N PHE A 717 -9.13 34.26 -5.08
CA PHE A 717 -8.15 34.16 -4.01
C PHE A 717 -7.80 35.56 -3.50
N ASN A 718 -7.49 36.47 -4.43
CA ASN A 718 -7.12 37.84 -4.12
C ASN A 718 -8.28 38.55 -3.42
N GLU A 719 -9.50 38.33 -3.92
CA GLU A 719 -10.73 38.89 -3.33
C GLU A 719 -10.87 38.41 -1.88
N TRP A 720 -10.81 37.09 -1.70
CA TRP A 720 -11.02 36.43 -0.40
C TRP A 720 -9.93 36.86 0.59
N LEU A 721 -8.68 36.96 0.11
CA LEU A 721 -7.53 37.38 0.92
C LEU A 721 -7.81 38.76 1.53
N GLY A 722 -8.29 39.69 0.70
CA GLY A 722 -8.60 41.06 1.11
C GLY A 722 -9.60 41.11 2.25
N PHE A 723 -10.61 40.24 2.20
CA PHE A 723 -11.69 40.18 3.19
C PHE A 723 -11.14 39.62 4.51
N GLU A 724 -10.34 38.55 4.43
CA GLU A 724 -9.67 37.96 5.60
C GLU A 724 -8.74 38.99 6.25
N LYS A 725 -7.98 39.69 5.40
CA LYS A 725 -7.06 40.75 5.80
C LYS A 725 -7.80 41.86 6.56
N GLU A 726 -9.08 42.05 6.25
CA GLU A 726 -9.95 42.99 6.95
C GLU A 726 -10.37 42.39 8.30
N GLY A 727 -10.85 41.13 8.26
CA GLY A 727 -11.32 40.41 9.43
C GLY A 727 -10.26 40.29 10.51
N SER A 728 -9.01 40.11 10.09
CA SER A 728 -7.86 40.02 10.99
C SER A 728 -7.83 41.21 11.98
N LYS A 729 -8.17 42.41 11.48
CA LYS A 729 -8.10 43.66 12.24
C LYS A 729 -8.72 43.48 13.64
N VAL A 730 -9.88 42.82 13.70
CA VAL A 730 -10.60 42.55 14.96
C VAL A 730 -9.64 42.00 16.02
N LEU A 731 -8.71 41.12 15.59
CA LEU A 731 -7.78 40.44 16.51
C LEU A 731 -6.58 41.32 16.88
N GLU A 732 -6.32 42.39 16.12
CA GLU A 732 -5.16 43.26 16.39
C GLU A 732 -5.18 43.72 17.85
N SER A 733 -6.33 44.27 18.27
CA SER A 733 -6.54 44.76 19.63
C SER A 733 -7.39 43.76 20.43
N VAL A 734 -6.73 42.73 20.98
CA VAL A 734 -7.35 41.74 21.86
C VAL A 734 -6.33 41.39 22.95
N ASP A 735 -6.73 41.61 24.22
CA ASP A 735 -5.86 41.44 25.39
C ASP A 735 -4.66 42.37 25.28
N GLU A 736 -4.92 43.62 24.84
CA GLU A 736 -3.88 44.63 24.59
C GLU A 736 -3.93 45.72 25.69
N ILE A 737 -4.82 45.55 26.67
CA ILE A 737 -5.02 46.50 27.77
C ILE A 737 -5.47 47.84 27.18
N GLY B 9 -25.43 42.11 -9.61
CA GLY B 9 -25.87 40.80 -9.07
C GLY B 9 -24.99 40.32 -7.93
N MET B 10 -25.18 39.04 -7.54
CA MET B 10 -24.46 38.42 -6.43
C MET B 10 -23.41 37.46 -6.99
N ASN B 11 -22.13 37.81 -6.80
CA ASN B 11 -20.98 37.11 -7.36
C ASN B 11 -20.45 36.08 -6.36
N ILE B 12 -20.64 34.80 -6.69
CA ILE B 12 -20.22 33.68 -5.84
C ILE B 12 -18.69 33.58 -5.88
N ASN B 13 -18.11 33.33 -4.69
CA ASN B 13 -16.69 33.08 -4.51
C ASN B 13 -16.55 31.77 -3.73
N PRO B 14 -15.91 30.72 -4.30
CA PRO B 14 -15.79 29.43 -3.61
C PRO B 14 -14.79 29.45 -2.43
N TYR B 15 -13.80 30.35 -2.48
CA TYR B 15 -12.79 30.50 -1.42
C TYR B 15 -13.43 31.00 -0.11
N PHE B 16 -14.69 31.46 -0.17
CA PHE B 16 -15.43 31.97 0.99
C PHE B 16 -15.88 30.81 1.89
N LEU B 17 -15.71 29.56 1.46
CA LEU B 17 -15.91 28.40 2.34
C LEU B 17 -14.87 28.43 3.47
N PHE B 18 -13.66 28.89 3.15
CA PHE B 18 -12.52 28.89 4.07
C PHE B 18 -12.75 29.89 5.22
N ILE B 19 -13.77 30.74 5.10
CA ILE B 19 -14.21 31.60 6.19
C ILE B 19 -14.92 30.73 7.24
N ASP B 20 -15.86 29.89 6.77
CA ASP B 20 -16.74 29.10 7.64
C ASP B 20 -16.06 27.79 8.06
N VAL B 21 -15.05 27.34 7.31
CA VAL B 21 -14.33 26.10 7.59
C VAL B 21 -12.83 26.33 7.39
N PRO B 22 -11.96 25.87 8.31
CA PRO B 22 -10.52 26.06 8.14
C PRO B 22 -9.97 25.23 6.96
N ILE B 23 -8.85 25.69 6.40
CA ILE B 23 -8.27 25.12 5.17
C ILE B 23 -8.04 23.62 5.36
N GLN B 24 -7.35 23.25 6.45
CA GLN B 24 -7.02 21.85 6.74
C GLN B 24 -8.28 20.99 6.77
N ALA B 25 -9.37 21.52 7.35
CA ALA B 25 -10.61 20.78 7.53
C ALA B 25 -11.19 20.39 6.17
N ALA B 26 -11.20 21.35 5.24
CA ALA B 26 -11.72 21.15 3.89
C ALA B 26 -10.59 21.23 2.86
N ILE B 27 -9.47 20.55 3.17
CA ILE B 27 -8.31 20.49 2.28
C ILE B 27 -8.67 19.75 0.98
N SER B 28 -9.68 18.87 1.06
CA SER B 28 -10.19 18.08 -0.08
C SER B 28 -10.46 18.96 -1.30
N THR B 29 -11.02 20.15 -1.05
CA THR B 29 -11.51 21.05 -2.10
C THR B 29 -10.34 21.70 -2.87
N THR B 30 -9.10 21.50 -2.39
CA THR B 30 -7.90 22.09 -2.97
C THR B 30 -7.14 21.06 -3.84
N PHE B 31 -7.71 19.85 -3.99
CA PHE B 31 -7.16 18.81 -4.85
C PHE B 31 -8.09 18.58 -6.04
N PRO B 32 -7.70 18.96 -7.28
CA PRO B 32 -8.57 18.83 -8.44
C PRO B 32 -8.41 17.48 -9.15
N TYR B 33 -8.85 16.41 -8.49
CA TYR B 33 -8.53 15.03 -8.89
C TYR B 33 -9.72 14.37 -9.60
N THR B 34 -10.70 15.19 -10.02
CA THR B 34 -11.66 14.79 -11.04
C THR B 34 -11.13 15.23 -12.41
N GLY B 35 -10.02 15.98 -12.41
CA GLY B 35 -9.36 16.47 -13.61
C GLY B 35 -8.34 15.47 -14.14
N VAL B 36 -7.81 15.79 -15.33
CA VAL B 36 -6.90 14.91 -16.06
C VAL B 36 -5.48 15.16 -15.56
N PRO B 37 -4.70 14.09 -15.27
CA PRO B 37 -3.31 14.25 -14.83
C PRO B 37 -2.42 14.62 -16.01
N PRO B 38 -1.35 15.44 -15.81
CA PRO B 38 -0.47 15.84 -16.91
C PRO B 38 0.27 14.65 -17.55
N TYR B 39 0.30 14.63 -18.88
CA TYR B 39 1.03 13.64 -19.67
C TYR B 39 2.04 14.36 -20.57
N SER B 40 3.14 13.67 -20.88
CA SER B 40 4.20 14.19 -21.74
C SER B 40 3.92 13.78 -23.19
N HIS B 41 4.72 14.34 -24.10
CA HIS B 41 4.63 14.03 -25.52
C HIS B 41 6.04 13.98 -26.12
N GLY B 42 6.25 13.05 -27.05
CA GLY B 42 7.47 12.97 -27.84
C GLY B 42 8.66 12.50 -27.01
N THR B 43 9.68 13.37 -26.92
CA THR B 43 11.02 12.99 -26.46
C THR B 43 11.23 13.43 -25.01
N GLY B 44 12.10 12.69 -24.32
CA GLY B 44 12.53 13.01 -22.96
C GLY B 44 13.99 13.46 -22.92
N THR B 45 14.58 13.67 -24.11
CA THR B 45 15.98 14.03 -24.25
C THR B 45 16.21 15.44 -23.69
N GLY B 46 15.29 16.36 -23.99
CA GLY B 46 15.31 17.71 -23.44
C GLY B 46 15.36 17.69 -21.92
N TYR B 47 14.44 16.92 -21.33
CA TYR B 47 14.28 16.82 -19.88
C TYR B 47 15.48 16.10 -19.26
N THR B 48 16.03 15.11 -19.99
CA THR B 48 17.18 14.33 -19.54
C THR B 48 18.43 15.21 -19.50
N ILE B 49 18.69 15.91 -20.61
CA ILE B 49 19.88 16.75 -20.77
C ILE B 49 19.91 17.80 -19.64
N ASP B 50 18.74 18.35 -19.30
CA ASP B 50 18.61 19.32 -18.20
C ASP B 50 19.18 18.70 -16.91
N THR B 51 18.65 17.54 -16.53
CA THR B 51 19.09 16.82 -15.33
C THR B 51 20.62 16.67 -15.36
N VAL B 52 21.15 16.24 -16.51
CA VAL B 52 22.58 15.99 -16.70
C VAL B 52 23.37 17.30 -16.50
N ILE B 53 22.86 18.41 -17.05
CA ILE B 53 23.51 19.71 -16.94
C ILE B 53 23.50 20.18 -15.48
N ARG B 54 22.32 20.14 -14.85
CA ARG B 54 22.12 20.68 -13.50
C ARG B 54 22.94 19.89 -12.48
N THR B 55 22.84 18.56 -12.55
CA THR B 55 23.57 17.65 -11.66
C THR B 55 25.05 18.06 -11.59
N HIS B 56 25.65 18.34 -12.76
CA HIS B 56 27.04 18.77 -12.87
C HIS B 56 27.20 20.25 -12.52
N GLU B 57 26.14 21.04 -12.75
CA GLU B 57 26.10 22.46 -12.38
C GLU B 57 26.25 22.60 -10.86
N TYR B 58 25.64 21.68 -10.09
CA TYR B 58 25.69 21.73 -8.62
C TYR B 58 27.00 21.14 -8.07
N SER B 59 27.82 20.54 -8.96
CA SER B 59 29.06 19.85 -8.59
C SER B 59 30.26 20.41 -9.37
N ASN B 60 30.06 21.52 -10.09
CA ASN B 60 31.04 22.02 -11.09
C ASN B 60 32.33 22.51 -10.42
N LYS B 61 32.26 22.86 -9.13
CA LYS B 61 33.40 23.42 -8.38
C LYS B 61 34.22 22.30 -7.71
N GLY B 62 33.80 21.04 -7.90
CA GLY B 62 34.50 19.88 -7.33
C GLY B 62 35.66 19.43 -8.20
N LYS B 63 36.13 18.20 -7.94
CA LYS B 63 37.26 17.60 -8.64
C LYS B 63 36.77 16.95 -9.94
N GLN B 64 37.18 17.52 -11.09
CA GLN B 64 36.88 16.97 -12.40
C GLN B 64 38.08 16.15 -12.88
N TYR B 65 37.82 14.93 -13.36
CA TYR B 65 38.87 14.01 -13.84
C TYR B 65 38.28 13.06 -14.89
N ILE B 66 39.17 12.42 -15.66
CA ILE B 66 38.79 11.46 -16.69
C ILE B 66 38.90 10.05 -16.12
N SER B 67 37.84 9.25 -16.31
CA SER B 67 37.82 7.85 -15.88
C SER B 67 38.72 7.02 -16.80
N ASP B 68 39.65 6.27 -16.21
CA ASP B 68 40.60 5.44 -16.96
C ASP B 68 39.97 4.05 -17.21
N VAL B 69 38.69 3.89 -16.87
CA VAL B 69 37.93 2.66 -17.13
C VAL B 69 37.10 2.85 -18.42
N THR B 70 36.25 3.88 -18.43
CA THR B 70 35.30 4.15 -19.51
C THR B 70 35.82 5.26 -20.44
N GLY B 71 36.70 6.13 -19.92
CA GLY B 71 37.17 7.31 -20.66
C GLY B 71 36.22 8.49 -20.52
N CYS B 72 35.33 8.41 -19.53
CA CYS B 72 34.26 9.38 -19.32
C CYS B 72 34.75 10.56 -18.46
N THR B 73 34.02 11.67 -18.54
CA THR B 73 34.33 12.91 -17.83
C THR B 73 33.64 12.88 -16.46
N MET B 74 34.36 12.40 -15.44
CA MET B 74 33.85 12.23 -14.08
C MET B 74 34.06 13.52 -13.29
N VAL B 75 33.04 13.89 -12.51
CA VAL B 75 33.07 15.02 -11.60
C VAL B 75 32.76 14.51 -10.18
N ASP B 76 33.52 15.01 -9.19
CA ASP B 76 33.44 14.57 -7.80
C ASP B 76 33.30 15.80 -6.89
N PRO B 77 32.09 16.08 -6.35
CA PRO B 77 31.90 17.23 -5.47
C PRO B 77 32.29 17.00 -4.00
N THR B 78 32.33 15.75 -3.57
CA THR B 78 32.52 15.37 -2.16
C THR B 78 33.85 15.92 -1.65
N ASN B 79 33.86 16.34 -0.37
CA ASN B 79 35.00 16.98 0.29
C ASN B 79 35.44 18.21 -0.53
N GLY B 80 34.47 18.91 -1.10
CA GLY B 80 34.70 20.05 -1.98
C GLY B 80 34.61 21.37 -1.22
N PRO B 81 34.80 22.52 -1.90
CA PRO B 81 34.68 23.83 -1.27
C PRO B 81 33.23 24.13 -0.86
N LEU B 82 33.05 24.62 0.37
CA LEU B 82 31.73 24.89 0.94
C LEU B 82 31.05 25.99 0.14
N PRO B 83 29.70 25.97 0.03
CA PRO B 83 28.99 26.94 -0.79
C PRO B 83 29.07 28.38 -0.25
N GLU B 84 28.96 29.35 -1.15
CA GLU B 84 29.03 30.77 -0.84
C GLU B 84 27.65 31.42 -1.02
N ASP B 85 26.63 30.58 -1.26
CA ASP B 85 25.27 31.04 -1.59
C ASP B 85 24.27 29.93 -1.26
N ASN B 86 22.99 30.17 -1.57
CA ASN B 86 21.88 29.28 -1.21
C ASN B 86 21.46 28.42 -2.41
N GLU B 87 22.20 28.52 -3.53
CA GLU B 87 21.98 27.67 -4.70
C GLU B 87 22.31 26.23 -4.31
N PRO B 88 21.61 25.21 -4.86
CA PRO B 88 21.84 23.82 -4.48
C PRO B 88 23.32 23.41 -4.55
N SER B 89 23.80 22.79 -3.47
CA SER B 89 25.17 22.30 -3.32
C SER B 89 25.15 20.78 -3.17
N ALA B 90 26.13 20.12 -3.81
CA ALA B 90 26.38 18.69 -3.67
C ALA B 90 27.68 18.46 -2.89
N TYR B 91 28.28 19.54 -2.38
CA TYR B 91 29.60 19.53 -1.76
C TYR B 91 29.46 19.14 -0.29
N ALA B 92 29.14 17.86 -0.07
CA ALA B 92 28.97 17.27 1.25
C ALA B 92 30.34 16.83 1.77
N GLN B 93 30.62 17.15 3.05
CA GLN B 93 31.88 16.83 3.70
C GLN B 93 31.75 15.48 4.42
N LEU B 94 32.65 14.54 4.10
CA LEU B 94 32.65 13.16 4.61
C LEU B 94 32.61 13.14 6.14
N ASP B 95 33.45 13.97 6.76
CA ASP B 95 33.63 14.02 8.21
C ASP B 95 32.30 14.34 8.89
N CYS B 96 31.59 15.33 8.33
CA CYS B 96 30.30 15.80 8.85
C CYS B 96 29.23 14.71 8.75
N VAL B 97 29.30 13.90 7.69
CA VAL B 97 28.41 12.77 7.49
C VAL B 97 28.74 11.69 8.52
N LEU B 98 30.05 11.36 8.63
CA LEU B 98 30.53 10.32 9.54
C LEU B 98 30.19 10.67 11.00
N GLU B 99 30.34 11.95 11.37
CA GLU B 99 29.99 12.42 12.71
C GLU B 99 28.49 12.20 12.95
N ALA B 100 27.67 12.65 12.00
CA ALA B 100 26.21 12.51 12.05
C ALA B 100 25.82 11.03 12.19
N LEU B 101 26.53 10.16 11.46
CA LEU B 101 26.31 8.71 11.54
C LEU B 101 26.71 8.19 12.92
N ASP B 102 27.84 8.67 13.44
CA ASP B 102 28.33 8.31 14.78
C ASP B 102 27.27 8.67 15.83
N ARG B 103 26.80 9.92 15.79
CA ARG B 103 25.76 10.40 16.73
C ARG B 103 24.55 9.45 16.68
N MET B 104 24.12 9.10 15.46
CA MET B 104 22.99 8.18 15.24
C MET B 104 23.30 6.82 15.91
N ASP B 105 24.51 6.31 15.68
CA ASP B 105 24.96 5.02 16.22
C ASP B 105 24.97 5.06 17.76
N GLU B 106 25.37 6.19 18.34
CA GLU B 106 25.41 6.35 19.80
C GLU B 106 24.00 6.25 20.38
N GLU B 107 23.05 6.99 19.80
CA GLU B 107 21.69 7.13 20.32
C GLU B 107 20.83 5.91 19.92
N HIS B 108 21.30 5.14 18.92
CA HIS B 108 20.70 3.84 18.57
C HIS B 108 21.77 2.76 18.69
N PRO B 109 22.09 2.28 19.92
CA PRO B 109 23.26 1.43 20.13
C PRO B 109 23.13 0.02 19.53
N GLY B 110 24.10 -0.34 18.68
CA GLY B 110 24.21 -1.67 18.09
C GLY B 110 23.08 -1.98 17.12
N LEU B 111 22.62 -0.97 16.40
CA LEU B 111 21.57 -1.12 15.38
C LEU B 111 22.21 -1.43 14.02
N PHE B 112 23.35 -0.80 13.74
CA PHE B 112 24.07 -0.95 12.47
C PHE B 112 24.44 -2.42 12.24
N GLN B 113 25.05 -3.04 13.26
CA GLN B 113 25.50 -4.43 13.17
C GLN B 113 24.27 -5.35 13.18
N ALA B 114 23.23 -4.96 13.92
CA ALA B 114 21.98 -5.72 14.01
C ALA B 114 21.32 -5.79 12.63
N ALA B 115 21.28 -4.65 11.93
CA ALA B 115 20.72 -4.54 10.59
C ALA B 115 21.63 -5.25 9.57
N SER B 116 22.93 -4.99 9.67
CA SER B 116 23.93 -5.60 8.79
C SER B 116 23.86 -7.14 8.87
N GLN B 117 23.64 -7.65 10.08
CA GLN B 117 23.44 -9.09 10.31
C GLN B 117 22.25 -9.58 9.49
N ASN B 118 21.06 -9.06 9.80
CA ASN B 118 19.80 -9.49 9.22
C ASN B 118 19.87 -9.37 7.69
N ALA B 119 20.40 -8.24 7.20
CA ALA B 119 20.58 -7.98 5.77
C ALA B 119 21.46 -9.07 5.13
N MET B 120 22.56 -9.42 5.82
CA MET B 120 23.51 -10.41 5.34
C MET B 120 22.86 -11.80 5.32
N GLU B 121 22.15 -12.14 6.40
CA GLU B 121 21.47 -13.44 6.53
C GLU B 121 20.36 -13.55 5.48
N THR B 122 19.72 -12.41 5.16
CA THR B 122 18.68 -12.35 4.14
C THR B 122 19.28 -12.69 2.76
N LEU B 123 20.43 -12.08 2.45
CA LEU B 123 21.10 -12.25 1.16
C LEU B 123 21.34 -13.75 0.87
N MET B 124 21.87 -14.47 1.87
CA MET B 124 22.23 -15.87 1.73
C MET B 124 21.04 -16.69 1.20
N VAL B 125 19.84 -16.40 1.74
CA VAL B 125 18.63 -17.16 1.41
C VAL B 125 18.09 -16.70 0.04
N THR B 126 18.32 -15.42 -0.30
CA THR B 126 17.72 -14.79 -1.48
C THR B 126 18.13 -15.52 -2.77
N THR B 127 17.12 -15.92 -3.56
CA THR B 127 17.29 -16.58 -4.85
C THR B 127 17.43 -15.53 -5.95
N VAL B 128 17.64 -15.97 -7.20
CA VAL B 128 17.81 -15.07 -8.35
C VAL B 128 16.44 -14.53 -8.79
N ASP B 129 15.40 -15.36 -8.67
CA ASP B 129 14.04 -15.04 -9.15
C ASP B 129 13.51 -13.77 -8.45
N LYS B 130 14.17 -13.37 -7.35
CA LYS B 130 13.90 -12.10 -6.67
C LYS B 130 14.03 -10.92 -7.64
N LEU B 131 14.83 -11.08 -8.70
CA LEU B 131 15.05 -10.02 -9.70
C LEU B 131 13.93 -9.99 -10.75
N THR B 132 13.03 -10.98 -10.73
CA THR B 132 11.93 -11.09 -11.68
C THR B 132 10.66 -10.47 -11.09
N GLN B 133 10.79 -9.23 -10.60
CA GLN B 133 9.67 -8.49 -10.02
C GLN B 133 10.06 -7.02 -9.91
N GLY B 134 10.07 -6.33 -11.06
CA GLY B 134 10.42 -4.92 -11.12
C GLY B 134 10.19 -4.32 -12.49
N ARG B 135 8.94 -4.40 -12.98
CA ARG B 135 8.47 -3.63 -14.14
C ARG B 135 9.50 -3.74 -15.29
N GLN B 136 9.78 -2.61 -15.96
CA GLN B 136 10.66 -2.57 -17.13
C GLN B 136 12.11 -2.28 -16.69
N THR B 137 12.99 -3.23 -16.97
CA THR B 137 14.42 -3.13 -16.71
C THR B 137 15.17 -2.95 -18.03
N PHE B 138 16.32 -2.27 -17.99
CA PHE B 138 17.16 -2.07 -19.17
C PHE B 138 17.89 -3.38 -19.48
N ASP B 139 17.74 -3.86 -20.73
CA ASP B 139 18.39 -5.07 -21.21
C ASP B 139 19.59 -4.65 -22.08
N TRP B 140 20.80 -5.01 -21.61
CA TRP B 140 22.06 -4.61 -22.24
C TRP B 140 22.30 -5.39 -23.54
N THR B 141 21.70 -6.58 -23.65
CA THR B 141 21.89 -7.45 -24.80
C THR B 141 21.23 -6.85 -26.05
N VAL B 142 20.12 -6.12 -25.85
CA VAL B 142 19.34 -5.56 -26.96
C VAL B 142 19.30 -4.02 -26.87
N CYS B 143 19.90 -3.43 -25.83
CA CYS B 143 20.02 -1.98 -25.64
C CYS B 143 18.64 -1.29 -25.74
N ARG B 144 17.65 -1.90 -25.08
CA ARG B 144 16.33 -1.31 -24.91
C ARG B 144 15.68 -1.96 -23.68
N ASN B 145 14.63 -1.32 -23.15
CA ASN B 145 13.94 -1.81 -21.96
C ASN B 145 13.18 -3.10 -22.31
N GLN B 146 13.18 -4.03 -21.35
CA GLN B 146 12.44 -5.28 -21.41
C GLN B 146 11.77 -5.52 -20.06
N PRO B 147 10.76 -6.41 -19.96
CA PRO B 147 10.24 -6.84 -18.65
C PRO B 147 11.33 -7.47 -17.77
N ALA B 148 11.30 -7.14 -16.47
CA ALA B 148 12.32 -7.54 -15.49
C ALA B 148 12.65 -9.04 -15.64
N ALA B 149 11.60 -9.87 -15.76
CA ALA B 149 11.73 -11.32 -15.80
C ALA B 149 12.51 -11.76 -17.06
N THR B 150 12.33 -11.03 -18.16
CA THR B 150 13.01 -11.33 -19.42
C THR B 150 14.43 -10.76 -19.41
N ALA B 151 14.58 -9.55 -18.83
CA ALA B 151 15.86 -8.88 -18.71
C ALA B 151 16.89 -9.79 -18.01
N LEU B 152 16.42 -10.52 -16.98
CA LEU B 152 17.22 -11.47 -16.22
C LEU B 152 17.56 -12.68 -17.12
N ASN B 153 16.53 -13.24 -17.77
CA ASN B 153 16.67 -14.40 -18.66
C ASN B 153 17.74 -14.13 -19.73
N THR B 154 17.61 -12.98 -20.40
CA THR B 154 18.51 -12.58 -21.50
C THR B 154 19.96 -12.49 -20.98
N THR B 155 20.12 -12.01 -19.73
CA THR B 155 21.42 -11.87 -19.10
C THR B 155 21.98 -13.25 -18.72
N ILE B 156 21.11 -14.14 -18.20
CA ILE B 156 21.50 -15.49 -17.80
C ILE B 156 21.94 -16.28 -19.04
N THR B 157 21.14 -16.22 -20.11
CA THR B 157 21.44 -16.95 -21.36
C THR B 157 22.77 -16.46 -21.94
N SER B 158 23.01 -15.15 -21.87
CA SER B 158 24.20 -14.51 -22.40
C SER B 158 25.43 -14.83 -21.53
N PHE B 159 25.22 -14.90 -20.21
CA PHE B 159 26.27 -15.22 -19.24
C PHE B 159 26.82 -16.63 -19.48
N ARG B 160 25.93 -17.57 -19.84
CA ARG B 160 26.30 -18.97 -20.07
C ARG B 160 27.31 -19.08 -21.22
N LEU B 161 27.15 -18.21 -22.24
CA LEU B 161 28.00 -18.23 -23.43
C LEU B 161 29.45 -17.83 -23.07
N ASN B 162 29.62 -17.05 -21.99
CA ASN B 162 30.93 -16.59 -21.54
C ASN B 162 31.43 -17.43 -20.35
N ASP B 163 30.83 -18.62 -20.16
CA ASP B 163 31.17 -19.54 -19.08
C ASP B 163 30.94 -18.85 -17.73
N LEU B 164 29.67 -18.51 -17.46
CA LEU B 164 29.23 -17.95 -16.18
C LEU B 164 27.92 -18.62 -15.76
N ASN B 165 28.02 -19.65 -14.91
CA ASN B 165 26.90 -20.52 -14.56
C ASN B 165 26.53 -20.35 -13.07
N GLY B 166 26.79 -19.16 -12.52
CA GLY B 166 26.50 -18.84 -11.12
C GLY B 166 25.01 -18.82 -10.84
N ALA B 167 24.22 -18.44 -11.85
CA ALA B 167 22.76 -18.37 -11.76
C ALA B 167 22.17 -19.77 -11.50
N ASP B 168 22.85 -20.81 -12.00
CA ASP B 168 22.37 -22.20 -11.91
C ASP B 168 22.34 -22.65 -10.44
N LYS B 169 23.21 -22.08 -9.61
CA LYS B 169 23.36 -22.48 -8.21
C LYS B 169 22.13 -22.05 -7.39
N GLY B 170 21.40 -21.03 -7.87
CA GLY B 170 20.07 -20.69 -7.33
C GLY B 170 20.08 -19.41 -6.49
N GLY B 171 21.08 -19.28 -5.62
CA GLY B 171 21.23 -18.10 -4.74
C GLY B 171 21.61 -16.86 -5.53
N LEU B 172 21.39 -15.69 -4.93
CA LEU B 172 21.67 -14.40 -5.57
C LEU B 172 23.17 -14.12 -5.56
N ILE B 173 23.86 -14.59 -4.50
CA ILE B 173 25.27 -14.26 -4.25
C ILE B 173 26.12 -14.74 -5.44
N PRO B 174 26.08 -16.04 -5.81
CA PRO B 174 26.91 -16.56 -6.90
C PRO B 174 26.59 -15.92 -8.26
N PHE B 175 25.32 -15.54 -8.47
CA PHE B 175 24.90 -14.81 -9.66
C PHE B 175 25.53 -13.40 -9.64
N CYS B 176 25.52 -12.76 -8.47
CA CYS B 176 26.12 -11.44 -8.29
C CYS B 176 27.64 -11.52 -8.53
N GLN B 177 28.27 -12.59 -8.04
CA GLN B 177 29.70 -12.84 -8.30
C GLN B 177 29.97 -12.82 -9.81
N ASP B 178 29.06 -13.43 -10.59
CA ASP B 178 29.21 -13.54 -12.04
C ASP B 178 29.09 -12.15 -12.70
N ILE B 179 28.29 -11.26 -12.11
CA ILE B 179 28.04 -9.92 -12.69
C ILE B 179 29.33 -9.10 -12.63
N ILE B 180 29.99 -9.09 -11.46
CA ILE B 180 31.22 -8.32 -11.26
C ILE B 180 32.40 -9.01 -11.97
N ASP B 181 32.30 -10.33 -12.16
CA ASP B 181 33.30 -11.11 -12.90
C ASP B 181 33.18 -10.81 -14.41
N SER B 182 31.94 -10.66 -14.89
CA SER B 182 31.65 -10.43 -16.33
C SER B 182 32.33 -9.16 -16.84
N LEU B 183 32.64 -8.23 -15.92
CA LEU B 183 33.33 -6.99 -16.25
C LEU B 183 34.79 -7.26 -16.65
N ASP B 184 35.33 -8.41 -16.21
CA ASP B 184 36.73 -8.78 -16.45
C ASP B 184 36.87 -9.55 -17.77
N ARG B 185 35.77 -10.04 -18.33
CA ARG B 185 35.77 -10.73 -19.62
C ARG B 185 36.28 -9.77 -20.69
N PRO B 186 37.24 -10.19 -21.56
CA PRO B 186 37.78 -9.32 -22.60
C PRO B 186 36.74 -8.96 -23.68
N GLU B 187 35.93 -9.95 -24.05
CA GLU B 187 34.81 -9.77 -24.97
C GLU B 187 33.59 -10.52 -24.42
N MET B 188 32.42 -9.88 -24.46
CA MET B 188 31.17 -10.49 -24.02
C MET B 188 30.33 -10.85 -25.25
N THR B 189 29.92 -12.13 -25.30
CA THR B 189 29.12 -12.68 -26.38
C THR B 189 27.67 -12.84 -25.89
N PHE B 190 26.71 -12.64 -26.80
CA PHE B 190 25.29 -12.72 -26.50
C PHE B 190 24.51 -13.08 -27.76
N PHE B 191 23.36 -13.75 -27.60
CA PHE B 191 22.50 -14.11 -28.71
C PHE B 191 21.72 -12.87 -29.18
N SER B 192 21.60 -12.73 -30.51
CA SER B 192 20.68 -11.77 -31.12
C SER B 192 20.09 -12.39 -32.39
N VAL B 193 18.76 -12.41 -32.47
CA VAL B 193 18.01 -13.21 -33.44
C VAL B 193 18.10 -12.55 -34.82
N LYS B 194 18.21 -13.39 -35.85
CA LYS B 194 18.10 -13.00 -37.26
C LYS B 194 17.10 -13.95 -37.95
N ASN B 195 16.35 -13.40 -38.92
CA ASN B 195 15.34 -14.15 -39.67
C ASN B 195 16.00 -14.85 -40.86
N ILE B 196 15.38 -15.95 -41.30
CA ILE B 196 15.85 -16.77 -42.41
C ILE B 196 14.65 -17.24 -43.22
N LYS B 197 14.70 -17.05 -44.54
CA LYS B 197 13.69 -17.59 -45.45
C LYS B 197 13.89 -19.10 -45.57
N LYS B 198 12.78 -19.84 -45.70
CA LYS B 198 12.82 -21.28 -45.86
C LYS B 198 11.57 -21.73 -46.64
N LYS B 199 11.81 -22.50 -47.71
CA LYS B 199 10.75 -23.16 -48.48
C LYS B 199 10.09 -24.22 -47.60
N LEU B 200 8.75 -24.24 -47.61
CA LEU B 200 7.96 -25.24 -46.90
C LEU B 200 6.83 -25.73 -47.81
N PRO B 201 6.62 -27.05 -47.95
CA PRO B 201 5.60 -27.57 -48.86
C PRO B 201 4.19 -27.16 -48.40
N ALA B 202 3.29 -26.96 -49.38
CA ALA B 202 1.92 -26.53 -49.10
C ALA B 202 1.03 -26.85 -50.32
N LYS B 203 -0.29 -26.82 -50.09
CA LYS B 203 -1.29 -26.99 -51.15
C LYS B 203 -1.42 -25.66 -51.91
N ASN B 204 -0.31 -25.29 -52.55
CA ASN B 204 -0.13 -24.02 -53.24
C ASN B 204 -0.13 -24.34 -54.73
N ARG B 205 -0.32 -23.31 -55.57
CA ARG B 205 -0.21 -23.46 -57.02
C ARG B 205 1.18 -24.03 -57.36
N LYS B 206 2.23 -23.29 -56.97
CA LYS B 206 3.62 -23.67 -57.26
C LYS B 206 4.04 -24.81 -56.32
N GLY B 207 3.29 -25.00 -55.23
CA GLY B 207 3.37 -26.19 -54.38
C GLY B 207 4.26 -25.99 -53.16
N PHE B 208 4.58 -24.74 -52.83
CA PHE B 208 5.42 -24.42 -51.67
C PHE B 208 5.02 -23.05 -51.11
N LEU B 209 5.68 -22.66 -50.02
CA LEU B 209 5.46 -21.38 -49.35
C LEU B 209 6.73 -21.00 -48.61
N ILE B 210 7.10 -19.71 -48.71
CA ILE B 210 8.25 -19.17 -48.01
C ILE B 210 7.78 -18.64 -46.67
N LYS B 211 8.49 -19.00 -45.60
CA LYS B 211 8.21 -18.49 -44.25
C LYS B 211 9.54 -18.10 -43.58
N ARG B 212 9.50 -17.02 -42.80
CA ARG B 212 10.68 -16.49 -42.12
C ARG B 212 10.79 -17.16 -40.74
N ILE B 213 11.87 -17.92 -40.55
CA ILE B 213 12.18 -18.60 -39.30
C ILE B 213 13.30 -17.83 -38.61
N PRO B 214 13.17 -17.52 -37.29
CA PRO B 214 14.24 -16.84 -36.55
C PRO B 214 15.31 -17.85 -36.07
N MET B 215 16.56 -17.39 -36.02
CA MET B 215 17.68 -18.19 -35.51
C MET B 215 18.63 -17.30 -34.70
N LYS B 216 19.05 -17.80 -33.53
CA LYS B 216 19.96 -17.08 -32.64
C LYS B 216 21.35 -17.03 -33.27
N VAL B 217 21.97 -15.84 -33.22
CA VAL B 217 23.32 -15.60 -33.71
C VAL B 217 24.14 -14.97 -32.58
N LYS B 218 25.39 -15.42 -32.44
CA LYS B 218 26.30 -14.97 -31.39
C LYS B 218 26.96 -13.66 -31.81
N ASP B 219 26.59 -12.57 -31.12
CA ASP B 219 27.19 -11.25 -31.29
C ASP B 219 28.17 -11.00 -30.14
N LYS B 220 29.24 -10.26 -30.43
CA LYS B 220 30.29 -9.94 -29.47
C LYS B 220 30.29 -8.43 -29.20
N ILE B 221 30.76 -8.05 -28.01
CA ILE B 221 31.12 -6.68 -27.69
C ILE B 221 32.40 -6.70 -26.85
N THR B 222 33.12 -5.56 -26.87
CA THR B 222 34.41 -5.41 -26.21
C THR B 222 34.21 -5.25 -24.70
N LYS B 223 35.33 -5.26 -23.96
CA LYS B 223 35.34 -5.15 -22.50
C LYS B 223 34.66 -3.84 -22.07
N VAL B 224 35.00 -2.73 -22.76
CA VAL B 224 34.57 -1.38 -22.40
C VAL B 224 33.08 -1.21 -22.77
N GLU B 225 32.73 -1.63 -23.99
CA GLU B 225 31.38 -1.50 -24.53
C GLU B 225 30.37 -2.21 -23.61
N TYR B 226 30.78 -3.32 -22.99
CA TYR B 226 29.95 -4.07 -22.05
C TYR B 226 29.83 -3.29 -20.73
N ILE B 227 30.97 -2.81 -20.21
CA ILE B 227 31.02 -2.05 -18.95
C ILE B 227 30.06 -0.86 -19.03
N LYS B 228 30.16 -0.08 -20.12
CA LYS B 228 29.33 1.10 -20.32
C LYS B 228 27.84 0.71 -20.29
N ARG B 229 27.51 -0.40 -20.96
CA ARG B 229 26.14 -0.94 -21.00
C ARG B 229 25.69 -1.36 -19.59
N ALA B 230 26.62 -1.95 -18.83
CA ALA B 230 26.36 -2.36 -17.44
C ALA B 230 26.07 -1.12 -16.59
N LEU B 231 26.83 -0.05 -16.82
CA LEU B 231 26.70 1.21 -16.07
C LEU B 231 25.63 2.13 -16.70
N SER B 232 24.97 1.69 -17.78
CA SER B 232 24.00 2.51 -18.51
C SER B 232 22.68 2.62 -17.73
N LEU B 233 22.00 3.76 -17.94
CA LEU B 233 20.66 4.05 -17.41
C LEU B 233 19.78 4.56 -18.56
N ASN B 234 18.66 3.86 -18.80
CA ASN B 234 17.71 4.28 -19.83
C ASN B 234 16.83 5.38 -19.23
N THR B 235 16.48 6.39 -20.04
CA THR B 235 15.75 7.56 -19.56
C THR B 235 14.38 7.66 -20.24
N MET B 236 13.42 8.19 -19.48
CA MET B 236 12.04 8.44 -19.90
C MET B 236 11.60 9.79 -19.33
N THR B 237 10.29 10.05 -19.37
CA THR B 237 9.68 11.19 -18.68
C THR B 237 8.52 10.69 -17.82
N LYS B 238 8.38 11.28 -16.62
CA LYS B 238 7.37 10.85 -15.66
C LYS B 238 6.00 11.38 -16.10
N ASP B 239 5.10 10.45 -16.43
CA ASP B 239 3.75 10.74 -16.89
C ASP B 239 2.76 10.55 -15.73
N ALA B 240 1.72 11.39 -15.72
CA ALA B 240 0.65 11.37 -14.72
C ALA B 240 1.16 11.91 -13.38
N GLU B 241 2.23 12.71 -13.41
CA GLU B 241 2.79 13.37 -12.22
C GLU B 241 1.84 14.50 -11.82
N ARG B 242 1.15 14.31 -10.71
CA ARG B 242 0.08 15.20 -10.28
C ARG B 242 0.68 16.46 -9.63
N GLY B 243 -0.11 17.53 -9.59
CA GLY B 243 0.25 18.78 -8.92
C GLY B 243 1.59 19.34 -9.33
N LYS B 244 1.87 19.33 -10.64
CA LYS B 244 3.11 19.88 -11.19
C LYS B 244 2.84 20.40 -12.61
N LEU B 245 3.33 21.61 -12.89
CA LEU B 245 3.14 22.28 -14.19
C LEU B 245 4.03 21.60 -15.25
N LYS B 246 5.35 21.73 -15.07
CA LYS B 246 6.35 21.29 -16.04
C LYS B 246 6.77 19.86 -15.70
N ARG B 247 7.13 19.09 -16.75
CA ARG B 247 7.40 17.65 -16.64
C ARG B 247 8.83 17.45 -16.13
N ARG B 248 9.12 16.22 -15.67
CA ARG B 248 10.45 15.86 -15.19
C ARG B 248 10.86 14.49 -15.77
N ALA B 249 12.17 14.24 -15.76
CA ALA B 249 12.78 13.04 -16.31
C ALA B 249 12.99 12.00 -15.21
N ILE B 250 13.03 10.72 -15.61
CA ILE B 250 13.27 9.58 -14.73
C ILE B 250 14.25 8.64 -15.46
N ALA B 251 14.59 7.50 -14.82
CA ALA B 251 15.54 6.56 -15.39
C ALA B 251 15.31 5.15 -14.84
N THR B 252 15.51 4.15 -15.71
CA THR B 252 15.49 2.73 -15.37
C THR B 252 16.91 2.18 -15.57
N ALA B 253 17.29 1.26 -14.66
CA ALA B 253 18.66 0.73 -14.55
C ALA B 253 18.69 -0.71 -15.06
N GLY B 254 19.91 -1.24 -15.23
CA GLY B 254 20.16 -2.58 -15.75
C GLY B 254 20.05 -3.65 -14.68
N ILE B 255 19.94 -4.90 -15.12
CA ILE B 255 19.80 -6.07 -14.25
C ILE B 255 21.08 -6.25 -13.41
N GLN B 256 22.23 -5.85 -13.97
CA GLN B 256 23.53 -5.94 -13.29
C GLN B 256 23.48 -5.15 -11.98
N ILE B 257 23.01 -3.90 -12.05
CA ILE B 257 23.03 -2.95 -10.94
C ILE B 257 21.90 -3.29 -9.94
N ARG B 258 20.78 -3.80 -10.45
CA ARG B 258 19.59 -4.06 -9.62
C ARG B 258 19.86 -5.18 -8.61
N GLY B 259 20.77 -6.09 -8.95
CA GLY B 259 21.17 -7.20 -8.08
C GLY B 259 21.78 -6.73 -6.76
N PHE B 260 22.54 -5.62 -6.81
CA PHE B 260 23.30 -5.12 -5.67
C PHE B 260 22.51 -4.06 -4.89
N VAL B 261 21.53 -3.42 -5.53
CA VAL B 261 20.70 -2.40 -4.90
C VAL B 261 19.81 -3.03 -3.83
N LEU B 262 19.38 -4.28 -4.07
CA LEU B 262 18.46 -5.01 -3.19
C LEU B 262 19.02 -5.06 -1.75
N VAL B 263 20.31 -5.39 -1.63
CA VAL B 263 20.96 -5.62 -0.34
C VAL B 263 21.09 -4.28 0.41
N VAL B 264 21.61 -3.26 -0.28
CA VAL B 264 21.87 -1.95 0.30
C VAL B 264 20.56 -1.35 0.81
N GLU B 265 19.47 -1.51 0.05
CA GLU B 265 18.15 -1.03 0.45
C GLU B 265 17.66 -1.81 1.68
N ASN B 266 17.74 -3.14 1.61
CA ASN B 266 17.35 -4.05 2.70
C ASN B 266 18.08 -3.64 3.99
N LEU B 267 19.38 -3.37 3.89
CA LEU B 267 20.20 -2.91 5.01
C LEU B 267 19.59 -1.64 5.63
N ALA B 268 19.26 -0.68 4.76
CA ALA B 268 18.78 0.64 5.18
C ALA B 268 17.38 0.55 5.79
N LYS B 269 16.55 -0.36 5.24
CA LYS B 269 15.18 -0.57 5.70
C LYS B 269 15.20 -1.03 7.17
N ASN B 270 16.04 -2.04 7.44
CA ASN B 270 16.24 -2.58 8.79
C ASN B 270 16.57 -1.45 9.77
N ILE B 271 17.42 -0.51 9.33
CA ILE B 271 17.83 0.65 10.12
C ILE B 271 16.64 1.61 10.29
N CYS B 272 15.90 1.86 9.20
CA CYS B 272 14.78 2.80 9.19
C CYS B 272 13.66 2.33 10.13
N GLU B 273 13.29 1.05 10.01
CA GLU B 273 12.21 0.47 10.81
C GLU B 273 12.42 0.75 12.31
N ASN B 274 13.69 0.73 12.74
CA ASN B 274 14.07 0.96 14.14
C ASN B 274 14.56 2.40 14.36
N LEU B 275 14.02 3.35 13.59
CA LEU B 275 14.28 4.79 13.81
C LEU B 275 12.96 5.48 14.18
N GLU B 276 13.06 6.47 15.09
CA GLU B 276 11.90 7.14 15.67
C GLU B 276 11.27 8.11 14.65
N GLN B 277 12.10 8.69 13.78
CA GLN B 277 11.71 9.82 12.95
C GLN B 277 11.60 9.40 11.46
N SER B 278 11.47 8.09 11.21
CA SER B 278 11.42 7.55 9.85
C SER B 278 9.96 7.40 9.40
N GLY B 279 9.64 8.01 8.26
CA GLY B 279 8.33 7.86 7.61
C GLY B 279 8.25 6.58 6.79
N LEU B 280 9.42 6.06 6.39
CA LEU B 280 9.55 4.77 5.69
C LEU B 280 10.08 3.72 6.67
N PRO B 281 9.71 2.44 6.46
CA PRO B 281 8.79 1.99 5.42
C PRO B 281 7.32 1.94 5.86
N VAL B 282 7.01 2.53 7.02
CA VAL B 282 5.63 2.56 7.53
C VAL B 282 4.75 3.31 6.53
N GLY B 283 3.49 2.88 6.42
CA GLY B 283 2.53 3.46 5.48
C GLY B 283 1.12 3.38 6.01
N GLY B 284 0.27 4.29 5.51
CA GLY B 284 -1.15 4.33 5.81
C GLY B 284 -1.41 4.50 7.29
N ASN B 285 -2.27 3.60 7.83
CA ASN B 285 -2.70 3.65 9.22
C ASN B 285 -1.50 3.49 10.16
N GLU B 286 -0.59 2.56 9.81
CA GLU B 286 0.62 2.30 10.60
C GLU B 286 1.44 3.59 10.71
N LYS B 287 1.56 4.32 9.59
CA LYS B 287 2.29 5.58 9.51
C LYS B 287 1.57 6.64 10.34
N LYS B 288 0.26 6.78 10.09
CA LYS B 288 -0.58 7.77 10.79
C LYS B 288 -0.43 7.57 12.30
N ALA B 289 -0.52 6.32 12.75
CA ALA B 289 -0.33 5.95 14.15
C ALA B 289 1.02 6.46 14.65
N LYS B 290 2.09 6.03 13.98
CA LYS B 290 3.47 6.35 14.37
C LYS B 290 3.67 7.87 14.47
N LEU B 291 3.21 8.59 13.44
CA LEU B 291 3.41 10.04 13.39
C LEU B 291 2.53 10.74 14.43
N SER B 292 1.30 10.24 14.63
CA SER B 292 0.38 10.77 15.65
C SER B 292 0.97 10.59 17.04
N ASN B 293 1.58 9.42 17.29
CA ASN B 293 2.23 9.10 18.56
C ASN B 293 3.48 9.98 18.73
N ALA B 294 4.25 10.12 17.64
CA ALA B 294 5.51 10.87 17.64
C ALA B 294 5.25 12.36 17.89
N VAL B 295 4.21 12.91 17.24
CA VAL B 295 3.88 14.32 17.35
C VAL B 295 3.48 14.64 18.81
N ALA B 296 2.71 13.75 19.43
CA ALA B 296 2.18 13.90 20.78
C ALA B 296 3.32 14.08 21.79
N LYS B 297 4.33 13.20 21.71
CA LYS B 297 5.43 13.18 22.67
C LYS B 297 6.32 14.42 22.47
N MET B 298 6.69 14.70 21.22
CA MET B 298 7.54 15.86 20.88
C MET B 298 6.79 17.17 21.17
N LEU B 299 5.46 17.12 21.15
CA LEU B 299 4.60 18.26 21.52
C LEU B 299 4.70 18.50 23.03
N SER B 300 4.39 17.47 23.83
CA SER B 300 4.23 17.61 25.28
C SER B 300 5.57 17.86 25.97
N ASN B 301 6.67 17.36 25.40
CA ASN B 301 8.01 17.42 26.00
C ASN B 301 8.67 18.79 25.73
N CYS B 302 7.88 19.76 25.23
CA CYS B 302 8.35 21.14 25.03
C CYS B 302 8.56 21.81 26.38
N PRO B 303 9.63 22.63 26.54
CA PRO B 303 9.84 23.40 27.78
C PRO B 303 8.68 24.34 28.06
N PRO B 304 8.09 24.33 29.28
CA PRO B 304 7.00 25.24 29.62
C PRO B 304 7.44 26.72 29.59
N GLY B 305 6.55 27.59 29.10
CA GLY B 305 6.83 29.01 28.93
C GLY B 305 7.73 29.28 27.73
N GLY B 306 7.80 28.30 26.81
CA GLY B 306 8.57 28.40 25.57
C GLY B 306 7.69 28.16 24.36
N ILE B 307 8.30 28.17 23.17
CA ILE B 307 7.58 28.02 21.90
C ILE B 307 8.12 26.80 21.17
N SER B 308 7.21 25.85 20.87
CA SER B 308 7.46 24.75 19.97
C SER B 308 7.01 25.14 18.56
N MET B 309 7.93 25.03 17.58
CA MET B 309 7.63 25.41 16.19
C MET B 309 7.84 24.20 15.27
N THR B 310 7.08 24.17 14.17
CA THR B 310 7.10 23.07 13.20
C THR B 310 7.41 23.63 11.80
N VAL B 311 8.58 23.29 11.27
CA VAL B 311 8.98 23.64 9.92
C VAL B 311 8.43 22.59 8.96
N THR B 312 7.34 22.94 8.27
CA THR B 312 6.79 22.13 7.18
C THR B 312 7.77 22.17 6.00
N GLY B 313 8.60 21.13 5.90
CA GLY B 313 9.82 21.15 5.10
C GLY B 313 9.68 20.38 3.79
N ASP B 314 10.64 20.63 2.88
CA ASP B 314 10.74 19.98 1.59
C ASP B 314 12.13 20.26 1.02
N ASN B 315 12.80 19.21 0.50
CA ASN B 315 14.16 19.33 -0.03
C ASN B 315 14.11 19.37 -1.56
N THR B 316 14.58 20.49 -2.13
CA THR B 316 14.65 20.69 -3.59
C THR B 316 15.98 20.15 -4.12
N LYS B 317 15.93 19.58 -5.33
CA LYS B 317 17.09 19.00 -6.03
C LYS B 317 17.74 17.94 -5.13
N TRP B 318 16.91 17.00 -4.68
CA TRP B 318 17.27 15.96 -3.72
C TRP B 318 18.18 14.93 -4.38
N ASN B 319 17.67 14.34 -5.47
CA ASN B 319 18.36 13.31 -6.24
C ASN B 319 19.59 13.90 -6.96
N GLU B 320 19.48 15.16 -7.39
CA GLU B 320 20.51 15.81 -8.20
C GLU B 320 21.79 16.07 -7.39
N CYS B 321 21.62 16.30 -6.07
CA CYS B 321 22.73 16.74 -5.21
C CYS B 321 23.35 15.55 -4.47
N LEU B 322 22.53 14.65 -3.93
CA LEU B 322 23.03 13.49 -3.17
C LEU B 322 23.99 12.66 -4.04
N ASN B 323 25.19 12.40 -3.53
CA ASN B 323 26.28 11.79 -4.29
C ASN B 323 26.45 10.33 -3.90
N PRO B 324 26.69 9.41 -4.88
CA PRO B 324 26.97 8.01 -4.59
C PRO B 324 28.15 7.75 -3.63
N ARG B 325 29.22 8.54 -3.76
CA ARG B 325 30.44 8.37 -2.97
C ARG B 325 30.15 8.55 -1.47
N ILE B 326 29.14 9.37 -1.15
CA ILE B 326 28.67 9.54 0.23
C ILE B 326 27.91 8.27 0.67
N PHE B 327 27.12 7.70 -0.25
CA PHE B 327 26.35 6.49 0.03
C PHE B 327 27.29 5.29 0.21
N LEU B 328 28.45 5.33 -0.47
CA LEU B 328 29.50 4.33 -0.31
C LEU B 328 30.06 4.41 1.12
N ALA B 329 30.32 5.63 1.58
CA ALA B 329 30.80 5.88 2.94
C ALA B 329 29.80 5.34 3.96
N MET B 330 28.51 5.59 3.70
CA MET B 330 27.42 5.17 4.60
C MET B 330 27.43 3.65 4.81
N THR B 331 27.66 2.89 3.74
CA THR B 331 27.68 1.42 3.81
C THR B 331 28.91 0.95 4.62
N GLU B 332 30.06 1.56 4.33
CA GLU B 332 31.33 1.23 4.99
C GLU B 332 31.23 1.46 6.50
N ARG B 333 30.54 2.53 6.90
CA ARG B 333 30.37 2.87 8.32
C ARG B 333 29.41 1.85 8.96
N ILE B 334 28.29 1.56 8.28
CA ILE B 334 27.22 0.70 8.81
C ILE B 334 27.70 -0.75 8.90
N THR B 335 28.56 -1.18 7.97
CA THR B 335 29.03 -2.57 7.90
C THR B 335 30.35 -2.73 8.68
N ARG B 336 30.53 -1.95 9.74
CA ARG B 336 31.78 -1.87 10.49
C ARG B 336 32.21 -3.27 10.95
N ASP B 337 31.29 -3.97 11.62
CA ASP B 337 31.59 -5.22 12.32
C ASP B 337 31.09 -6.42 11.52
N SER B 338 30.86 -6.24 10.21
CA SER B 338 30.45 -7.32 9.31
C SER B 338 31.69 -7.94 8.66
N PRO B 339 31.62 -9.22 8.22
CA PRO B 339 32.75 -9.84 7.52
C PRO B 339 33.11 -9.13 6.21
N ILE B 340 34.36 -9.34 5.78
CA ILE B 340 35.02 -8.51 4.76
C ILE B 340 34.28 -8.66 3.42
N TRP B 341 33.72 -9.85 3.16
CA TRP B 341 33.01 -10.12 1.92
C TRP B 341 31.74 -9.26 1.84
N PHE B 342 31.04 -9.12 2.96
CA PHE B 342 29.76 -8.42 3.01
C PHE B 342 29.99 -6.90 2.92
N ARG B 343 31.07 -6.42 3.53
CA ARG B 343 31.50 -5.02 3.41
C ARG B 343 31.68 -4.68 1.92
N ASP B 344 32.33 -5.60 1.19
CA ASP B 344 32.64 -5.44 -0.22
C ASP B 344 31.38 -5.60 -1.08
N PHE B 345 30.49 -6.51 -0.68
CA PHE B 345 29.24 -6.75 -1.41
C PHE B 345 28.42 -5.46 -1.46
N CYS B 346 28.19 -4.85 -0.29
CA CYS B 346 27.37 -3.65 -0.15
C CYS B 346 27.99 -2.46 -0.90
N SER B 347 29.32 -2.45 -1.01
CA SER B 347 30.08 -1.32 -1.57
C SER B 347 29.89 -1.21 -3.09
N ILE B 348 29.42 -2.28 -3.75
CA ILE B 348 29.37 -2.35 -5.21
C ILE B 348 28.29 -1.40 -5.76
N ALA B 349 27.08 -1.49 -5.20
CA ALA B 349 25.93 -0.73 -5.71
C ALA B 349 26.25 0.76 -5.76
N PRO B 350 26.75 1.39 -4.66
CA PRO B 350 27.19 2.79 -4.70
C PRO B 350 28.29 3.07 -5.73
N VAL B 351 29.24 2.13 -5.86
CA VAL B 351 30.39 2.25 -6.77
C VAL B 351 29.87 2.30 -8.23
N LEU B 352 28.91 1.44 -8.55
CA LEU B 352 28.34 1.38 -9.90
C LEU B 352 27.64 2.71 -10.23
N PHE B 353 26.91 3.25 -9.25
CA PHE B 353 26.17 4.51 -9.42
C PHE B 353 27.15 5.68 -9.57
N SER B 354 28.33 5.60 -8.94
CA SER B 354 29.34 6.66 -9.02
C SER B 354 30.00 6.72 -10.41
N ASN B 355 29.83 5.66 -11.21
CA ASN B 355 30.41 5.59 -12.56
C ASN B 355 29.30 5.41 -13.61
N LYS B 356 28.05 5.67 -13.21
CA LYS B 356 26.87 5.43 -14.05
C LYS B 356 26.92 6.35 -15.28
N ILE B 357 26.34 5.86 -16.38
CA ILE B 357 26.20 6.58 -17.63
C ILE B 357 24.71 6.70 -17.95
N ALA B 358 24.29 7.89 -18.41
CA ALA B 358 22.90 8.19 -18.72
C ALA B 358 22.69 8.13 -20.24
N ARG B 359 21.75 7.28 -20.67
CA ARG B 359 21.30 7.25 -22.07
C ARG B 359 20.35 8.44 -22.28
N LEU B 360 20.52 9.13 -23.42
CA LEU B 360 19.91 10.44 -23.64
C LEU B 360 18.51 10.30 -24.26
N GLY B 361 18.14 9.09 -24.68
CA GLY B 361 16.77 8.77 -25.06
C GLY B 361 16.55 8.83 -26.57
N LYS B 362 15.42 9.40 -26.98
CA LYS B 362 14.92 9.30 -28.36
C LYS B 362 15.58 10.34 -29.26
N GLY B 363 16.13 11.41 -28.67
CA GLY B 363 16.74 12.51 -29.41
C GLY B 363 15.75 13.65 -29.67
N PHE B 364 16.00 14.43 -30.73
CA PHE B 364 15.17 15.61 -31.05
C PHE B 364 14.63 15.49 -32.47
N MET B 365 13.41 15.99 -32.69
CA MET B 365 12.73 15.95 -33.99
C MET B 365 12.86 17.32 -34.67
N ILE B 366 13.25 17.32 -35.95
CA ILE B 366 13.40 18.57 -36.73
C ILE B 366 12.40 18.54 -37.90
N THR B 367 11.84 19.72 -38.21
CA THR B 367 10.71 19.86 -39.13
C THR B 367 10.92 21.03 -40.09
N SER B 368 10.13 21.02 -41.18
CA SER B 368 9.97 22.15 -42.10
C SER B 368 8.47 22.37 -42.35
N LYS B 369 7.99 23.58 -42.04
CA LYS B 369 6.57 23.91 -42.11
C LYS B 369 6.13 24.07 -43.57
N THR B 370 7.06 24.55 -44.41
CA THR B 370 6.80 24.77 -45.83
C THR B 370 6.63 23.43 -46.55
N LYS B 371 7.53 22.47 -46.26
CA LYS B 371 7.58 21.18 -46.93
C LYS B 371 6.65 20.16 -46.25
N ARG B 372 6.35 20.40 -44.96
CA ARG B 372 5.58 19.48 -44.10
C ARG B 372 6.31 18.14 -43.97
N LEU B 373 7.58 18.20 -43.56
CA LEU B 373 8.41 17.02 -43.30
C LEU B 373 8.90 17.06 -41.86
N LYS B 374 8.99 15.89 -41.24
CA LYS B 374 9.53 15.73 -39.88
C LYS B 374 10.50 14.55 -39.88
N ALA B 375 11.51 14.62 -38.99
CA ALA B 375 12.52 13.58 -38.86
C ALA B 375 13.10 13.61 -37.45
N GLN B 376 13.31 12.42 -36.88
CA GLN B 376 13.95 12.23 -35.58
C GLN B 376 15.47 12.10 -35.76
N ILE B 377 16.21 13.03 -35.14
CA ILE B 377 17.66 12.99 -35.02
C ILE B 377 17.99 12.14 -33.79
N PRO B 378 18.63 10.95 -33.97
CA PRO B 378 19.09 10.15 -32.84
C PRO B 378 20.19 10.86 -32.04
N CYS B 379 20.45 10.37 -30.82
CA CYS B 379 21.36 11.02 -29.88
C CYS B 379 22.81 10.92 -30.35
N PRO B 380 23.26 9.78 -30.94
CA PRO B 380 24.60 9.72 -31.55
C PRO B 380 24.85 10.81 -32.59
N ASP B 381 23.82 11.14 -33.38
CA ASP B 381 23.90 12.11 -34.47
C ASP B 381 23.38 13.48 -34.00
N LEU B 382 23.52 13.77 -32.69
CA LEU B 382 22.95 14.98 -32.09
C LEU B 382 23.77 16.20 -32.52
N PHE B 383 25.08 16.01 -32.69
CA PHE B 383 25.99 17.07 -33.13
C PHE B 383 26.37 16.86 -34.61
N SER B 384 25.42 16.34 -35.39
CA SER B 384 25.60 16.16 -36.83
C SER B 384 25.25 17.46 -37.57
N ILE B 385 24.10 18.03 -37.21
CA ILE B 385 23.64 19.30 -37.76
C ILE B 385 24.22 20.44 -36.93
N PRO B 386 24.43 21.65 -37.51
CA PRO B 386 24.83 22.83 -36.74
C PRO B 386 23.77 23.22 -35.70
N LEU B 387 24.22 23.88 -34.62
CA LEU B 387 23.38 24.15 -33.45
C LEU B 387 22.44 25.33 -33.72
N GLU B 388 22.62 26.03 -34.85
CA GLU B 388 21.72 27.08 -35.29
C GLU B 388 20.36 26.47 -35.65
N ARG B 389 20.36 25.18 -36.00
CA ARG B 389 19.17 24.44 -36.41
C ARG B 389 18.23 24.30 -35.20
N TYR B 390 18.79 23.88 -34.06
CA TYR B 390 18.01 23.65 -32.83
C TYR B 390 17.48 24.97 -32.30
N ASN B 391 16.35 24.91 -31.58
CA ASN B 391 15.72 26.10 -31.00
C ASN B 391 16.62 26.66 -29.89
N GLU B 392 16.37 27.91 -29.50
CA GLU B 392 17.25 28.67 -28.60
C GLU B 392 17.45 27.90 -27.29
N GLU B 393 16.36 27.33 -26.77
CA GLU B 393 16.35 26.56 -25.53
C GLU B 393 17.31 25.37 -25.64
N THR B 394 17.08 24.52 -26.65
CA THR B 394 17.84 23.29 -26.88
C THR B 394 19.31 23.61 -27.21
N ARG B 395 19.53 24.72 -27.93
CA ARG B 395 20.86 25.12 -28.41
C ARG B 395 21.83 25.23 -27.23
N ALA B 396 21.40 25.89 -26.15
CA ALA B 396 22.20 26.13 -24.96
C ALA B 396 22.50 24.81 -24.25
N LYS B 397 21.48 23.96 -24.14
CA LYS B 397 21.58 22.66 -23.46
C LYS B 397 22.72 21.83 -24.08
N LEU B 398 22.74 21.78 -25.43
CA LEU B 398 23.68 20.96 -26.18
C LEU B 398 25.11 21.49 -25.99
N LYS B 399 25.26 22.82 -25.90
CA LYS B 399 26.55 23.46 -25.63
C LYS B 399 27.07 23.01 -24.26
N LYS B 400 26.20 23.08 -23.25
CA LYS B 400 26.55 22.75 -21.86
C LYS B 400 26.73 21.23 -21.69
N LEU B 401 26.09 20.44 -22.55
CA LEU B 401 26.16 18.98 -22.52
C LEU B 401 27.52 18.49 -23.04
N LYS B 402 28.10 19.25 -23.98
CA LYS B 402 29.25 18.83 -24.79
C LYS B 402 30.32 18.16 -23.93
N PRO B 403 30.83 18.78 -22.84
CA PRO B 403 31.91 18.18 -22.06
C PRO B 403 31.57 16.91 -21.27
N PHE B 404 30.30 16.47 -21.30
CA PHE B 404 29.87 15.24 -20.65
C PHE B 404 29.35 14.22 -21.67
N PHE B 405 29.41 14.56 -22.96
CA PHE B 405 28.79 13.79 -24.02
C PHE B 405 29.74 12.67 -24.48
N ASN B 406 29.17 11.51 -24.79
CA ASN B 406 29.88 10.37 -25.36
C ASN B 406 29.36 10.15 -26.79
N GLU B 407 30.29 9.81 -27.70
CA GLU B 407 30.06 9.84 -29.15
C GLU B 407 29.07 8.74 -29.56
N GLU B 408 28.89 7.72 -28.72
CA GLU B 408 27.93 6.64 -28.96
C GLU B 408 26.51 7.08 -28.55
N GLY B 409 26.38 8.30 -28.02
CA GLY B 409 25.08 8.91 -27.72
C GLY B 409 24.64 8.65 -26.29
N THR B 410 25.57 8.84 -25.34
CA THR B 410 25.31 8.73 -23.90
C THR B 410 25.91 9.96 -23.20
N ALA B 411 25.75 10.03 -21.87
CA ALA B 411 26.30 11.11 -21.07
C ALA B 411 26.90 10.56 -19.77
N SER B 412 28.14 10.95 -19.48
CA SER B 412 28.78 10.66 -18.19
C SER B 412 28.00 11.39 -17.08
N LEU B 413 27.75 10.68 -15.97
CA LEU B 413 26.95 11.24 -14.88
C LEU B 413 27.41 10.63 -13.54
N SER B 414 28.64 10.98 -13.15
CA SER B 414 29.24 10.48 -11.91
C SER B 414 28.49 11.03 -10.69
N PRO B 415 28.16 12.34 -10.64
CA PRO B 415 27.42 12.88 -9.50
C PRO B 415 25.93 12.48 -9.55
N GLY B 416 25.22 12.79 -8.46
CA GLY B 416 23.77 12.65 -8.39
C GLY B 416 23.31 11.20 -8.33
N MET B 417 21.99 11.05 -8.18
CA MET B 417 21.30 9.77 -8.14
C MET B 417 20.07 9.88 -9.04
N MET B 418 20.32 9.90 -10.36
CA MET B 418 19.31 10.19 -11.38
C MET B 418 18.15 9.20 -11.24
N MET B 419 18.48 7.91 -11.15
CA MET B 419 17.50 6.81 -11.07
C MET B 419 16.83 6.80 -9.68
N GLY B 420 17.62 7.11 -8.64
CA GLY B 420 17.16 7.21 -7.25
C GLY B 420 16.43 5.95 -6.80
N MET B 421 17.20 4.95 -6.35
CA MET B 421 16.64 3.71 -5.81
C MET B 421 17.25 3.43 -4.43
N PHE B 422 17.74 4.48 -3.78
CA PHE B 422 18.22 4.46 -2.39
C PHE B 422 17.29 5.32 -1.52
N ASN B 423 15.99 5.01 -1.59
CA ASN B 423 14.94 5.73 -0.84
C ASN B 423 15.21 5.59 0.67
N MET B 424 15.45 4.36 1.11
CA MET B 424 15.66 4.03 2.52
C MET B 424 16.98 4.67 3.00
N LEU B 425 18.05 4.47 2.23
CA LEU B 425 19.38 4.92 2.62
C LEU B 425 19.46 6.45 2.59
N SER B 426 18.73 7.08 1.67
CA SER B 426 18.67 8.54 1.60
C SER B 426 17.85 9.09 2.79
N THR B 427 16.84 8.33 3.23
CA THR B 427 16.05 8.67 4.41
C THR B 427 16.93 8.63 5.67
N VAL B 428 17.82 7.63 5.74
CA VAL B 428 18.74 7.45 6.87
C VAL B 428 19.65 8.68 6.97
N LEU B 429 20.19 9.12 5.82
CA LEU B 429 21.08 10.28 5.76
C LEU B 429 20.35 11.52 6.30
N GLY B 430 19.05 11.63 5.97
CA GLY B 430 18.20 12.70 6.46
C GLY B 430 17.99 12.60 7.96
N VAL B 431 17.58 11.41 8.42
CA VAL B 431 17.33 11.15 9.85
C VAL B 431 18.61 11.46 10.65
N ALA B 432 19.78 11.13 10.08
CA ALA B 432 21.08 11.39 10.70
C ALA B 432 21.25 12.88 10.97
N ALA B 433 20.74 13.72 10.07
CA ALA B 433 20.78 15.18 10.22
C ALA B 433 19.90 15.60 11.41
N LEU B 434 18.70 15.03 11.48
CA LEU B 434 17.74 15.26 12.57
C LEU B 434 18.32 14.76 13.89
N GLY B 435 19.23 13.77 13.80
CA GLY B 435 19.90 13.16 14.95
C GLY B 435 20.86 14.09 15.68
N ILE B 436 21.33 15.16 15.02
CA ILE B 436 22.27 16.12 15.63
C ILE B 436 21.59 16.81 16.82
N LYS B 437 20.43 17.42 16.57
CA LYS B 437 19.51 18.00 17.57
C LYS B 437 19.93 19.43 17.95
N ASN B 438 21.24 19.70 18.05
CA ASN B 438 21.75 20.98 18.56
C ASN B 438 23.19 21.20 18.07
N ILE B 439 23.58 22.48 17.97
CA ILE B 439 24.93 22.90 17.61
C ILE B 439 25.41 23.97 18.60
N GLY B 440 26.59 23.71 19.21
CA GLY B 440 27.26 24.65 20.11
C GLY B 440 26.45 24.93 21.38
N ASN B 441 25.76 23.90 21.89
CA ASN B 441 24.93 23.98 23.10
C ASN B 441 24.23 25.34 23.17
N LYS B 442 23.39 25.63 22.17
CA LYS B 442 22.61 26.86 22.10
C LYS B 442 21.24 26.62 22.76
N GLU B 443 20.40 27.66 22.77
CA GLU B 443 19.14 27.68 23.51
C GLU B 443 17.99 27.14 22.66
N TYR B 444 18.28 26.13 21.82
CA TYR B 444 17.26 25.46 21.00
C TYR B 444 17.52 23.95 21.00
N LEU B 445 16.59 23.20 20.40
CA LEU B 445 16.66 21.75 20.30
C LEU B 445 15.72 21.30 19.19
N TRP B 446 16.28 20.66 18.15
CA TRP B 446 15.49 20.22 17.00
C TRP B 446 15.39 18.68 16.96
N ASP B 447 14.34 18.22 16.28
CA ASP B 447 14.03 16.81 16.03
C ASP B 447 12.79 16.80 15.12
N GLY B 448 12.77 15.90 14.14
CA GLY B 448 11.73 15.94 13.11
C GLY B 448 11.27 14.56 12.67
N LEU B 449 10.70 14.52 11.47
CA LEU B 449 10.32 13.31 10.75
C LEU B 449 10.93 13.39 9.34
N GLN B 450 11.09 12.24 8.68
CA GLN B 450 11.73 12.19 7.36
C GLN B 450 11.18 11.00 6.57
N SER B 451 10.57 11.31 5.42
CA SER B 451 10.17 10.31 4.42
C SER B 451 10.88 10.66 3.10
N SER B 452 12.10 10.12 2.95
CA SER B 452 13.01 10.43 1.85
C SER B 452 13.34 11.94 1.86
N ASP B 453 12.83 12.69 0.88
CA ASP B 453 13.17 14.09 0.69
C ASP B 453 12.25 15.01 1.51
N ASP B 454 11.05 14.50 1.83
CA ASP B 454 10.06 15.24 2.60
C ASP B 454 10.40 15.08 4.10
N PHE B 455 10.39 16.18 4.83
CA PHE B 455 10.74 16.21 6.25
C PHE B 455 9.84 17.21 6.98
N ALA B 456 9.75 17.07 8.31
CA ALA B 456 9.00 17.97 9.19
C ALA B 456 9.76 18.16 10.49
N LEU B 457 10.57 19.23 10.55
CA LEU B 457 11.46 19.52 11.68
C LEU B 457 10.69 20.29 12.76
N PHE B 458 10.59 19.68 13.96
CA PHE B 458 10.11 20.37 15.15
C PHE B 458 11.30 21.03 15.86
N VAL B 459 11.07 22.22 16.42
CA VAL B 459 12.09 22.99 17.16
C VAL B 459 11.44 23.52 18.44
N ASN B 460 11.95 23.03 19.58
CA ASN B 460 11.57 23.52 20.91
C ASN B 460 12.69 24.46 21.40
N ALA B 461 12.30 25.69 21.74
CA ALA B 461 13.25 26.72 22.16
C ALA B 461 12.55 27.73 23.08
N LYS B 462 13.27 28.81 23.42
CA LYS B 462 12.83 29.81 24.39
C LYS B 462 11.90 30.82 23.67
N ASP B 463 12.37 31.38 22.56
CA ASP B 463 11.62 32.34 21.75
C ASP B 463 11.80 32.01 20.26
N GLU B 464 10.84 32.50 19.46
CA GLU B 464 10.75 32.18 18.03
C GLU B 464 11.98 32.74 17.30
N GLU B 465 12.57 33.81 17.85
CA GLU B 465 13.80 34.39 17.34
C GLU B 465 14.93 33.35 17.49
N THR B 466 14.95 32.65 18.63
CA THR B 466 15.91 31.59 18.92
C THR B 466 15.61 30.37 18.04
N CYS B 467 14.32 29.99 17.95
CA CYS B 467 13.88 28.89 17.08
C CYS B 467 14.47 29.06 15.67
N MET B 468 14.41 30.28 15.14
CA MET B 468 14.91 30.62 13.81
C MET B 468 16.43 30.37 13.74
N GLU B 469 17.15 30.73 14.80
CA GLU B 469 18.60 30.56 14.88
C GLU B 469 18.94 29.07 14.76
N GLY B 470 18.06 28.22 15.32
CA GLY B 470 18.20 26.76 15.24
C GLY B 470 17.90 26.22 13.85
N ILE B 471 16.82 26.72 13.25
CA ILE B 471 16.42 26.33 11.88
C ILE B 471 17.55 26.70 10.91
N ASN B 472 18.14 27.90 11.12
CA ASN B 472 19.27 28.40 10.33
C ASN B 472 20.42 27.39 10.41
N ASP B 473 20.69 26.90 11.63
CA ASP B 473 21.75 25.92 11.88
C ASP B 473 21.40 24.58 11.21
N PHE B 474 20.15 24.15 11.33
CA PHE B 474 19.70 22.90 10.69
C PHE B 474 19.88 22.98 9.17
N TYR B 475 19.49 24.14 8.59
CA TYR B 475 19.67 24.42 7.17
C TYR B 475 21.14 24.25 6.79
N ARG B 476 22.03 24.88 7.57
CA ARG B 476 23.47 24.89 7.32
C ARG B 476 24.07 23.49 7.49
N THR B 477 23.51 22.71 8.42
CA THR B 477 23.96 21.34 8.68
C THR B 477 23.69 20.45 7.46
N CYS B 478 22.44 20.48 6.98
CA CYS B 478 21.99 19.67 5.84
C CYS B 478 22.91 19.89 4.62
N LYS B 479 23.32 21.15 4.43
CA LYS B 479 24.21 21.55 3.33
C LYS B 479 25.52 20.77 3.36
N LEU B 480 25.95 20.37 4.58
CA LEU B 480 27.19 19.61 4.75
C LEU B 480 26.98 18.13 4.40
N LEU B 481 25.72 17.69 4.34
CA LEU B 481 25.37 16.31 3.97
C LEU B 481 24.96 16.23 2.50
N GLY B 482 24.91 17.39 1.83
CA GLY B 482 24.44 17.50 0.45
C GLY B 482 22.93 17.53 0.37
N ILE B 483 22.28 17.93 1.47
CA ILE B 483 20.81 18.07 1.52
C ILE B 483 20.47 19.56 1.47
N ASN B 484 19.71 19.94 0.44
CA ASN B 484 19.34 21.33 0.18
C ASN B 484 17.85 21.51 0.50
N MET B 485 17.59 22.22 1.60
CA MET B 485 16.23 22.56 2.03
C MET B 485 15.67 23.65 1.11
N SER B 486 14.47 23.42 0.57
CA SER B 486 13.78 24.37 -0.29
C SER B 486 13.30 25.56 0.53
N LYS B 487 13.86 26.75 0.27
CA LYS B 487 13.46 27.97 0.96
C LYS B 487 12.10 28.46 0.42
N LYS B 488 11.83 28.12 -0.84
CA LYS B 488 10.66 28.59 -1.57
C LYS B 488 9.41 27.81 -1.15
N LYS B 489 9.57 26.49 -0.97
CA LYS B 489 8.45 25.58 -0.68
C LYS B 489 8.26 25.43 0.85
N SER B 490 9.37 25.28 1.59
CA SER B 490 9.31 25.09 3.05
C SER B 490 8.79 26.36 3.73
N TYR B 491 8.02 26.16 4.81
CA TYR B 491 7.54 27.24 5.66
C TYR B 491 7.51 26.75 7.13
N CYS B 492 7.24 27.68 8.05
CA CYS B 492 7.36 27.44 9.48
C CYS B 492 6.21 28.13 10.23
N ASN B 493 5.79 27.54 11.35
CA ASN B 493 4.71 28.07 12.19
C ASN B 493 4.77 27.42 13.58
N GLU B 494 4.00 27.97 14.52
CA GLU B 494 3.90 27.44 15.90
C GLU B 494 3.19 26.08 15.85
N THR B 495 3.70 25.12 16.65
CA THR B 495 3.30 23.71 16.58
C THR B 495 1.80 23.56 16.86
N GLY B 496 1.16 22.64 16.13
CA GLY B 496 -0.28 22.41 16.18
C GLY B 496 -0.83 21.97 14.83
N MET B 497 -0.25 22.52 13.76
CA MET B 497 -0.63 22.20 12.38
C MET B 497 0.61 22.25 11.47
N PHE B 498 0.73 21.24 10.60
CA PHE B 498 1.80 21.12 9.62
C PHE B 498 1.37 20.16 8.51
N GLU B 499 2.23 19.97 7.51
CA GLU B 499 2.00 19.05 6.40
C GLU B 499 3.24 18.16 6.20
N PHE B 500 3.01 16.86 6.02
CA PHE B 500 4.07 15.88 5.82
C PHE B 500 3.57 14.78 4.89
N THR B 501 4.17 14.71 3.68
CA THR B 501 3.84 13.72 2.65
C THR B 501 2.35 13.79 2.30
N SER B 502 1.86 15.03 2.11
CA SER B 502 0.47 15.35 1.77
C SER B 502 -0.51 14.73 2.80
N MET B 503 -0.05 14.65 4.05
CA MET B 503 -0.90 14.39 5.20
C MET B 503 -0.93 15.68 6.03
N PHE B 504 -2.14 16.20 6.24
CA PHE B 504 -2.35 17.53 6.79
C PHE B 504 -2.76 17.42 8.26
N TYR B 505 -1.88 17.89 9.15
CA TYR B 505 -2.09 17.86 10.58
C TYR B 505 -2.74 19.18 11.01
N ARG B 506 -3.84 19.08 11.76
CA ARG B 506 -4.44 20.19 12.48
C ARG B 506 -4.99 19.65 13.80
N ASP B 507 -4.15 19.66 14.84
CA ASP B 507 -4.46 19.04 16.12
C ASP B 507 -4.91 17.59 15.86
N GLY B 508 -4.24 16.94 14.89
CA GLY B 508 -4.58 15.60 14.42
C GLY B 508 -4.63 15.55 12.90
N PHE B 509 -4.15 14.45 12.31
CA PHE B 509 -4.13 14.26 10.86
C PHE B 509 -5.57 14.24 10.32
N VAL B 510 -5.89 15.18 9.43
CA VAL B 510 -7.24 15.37 8.91
C VAL B 510 -7.54 14.31 7.84
N SER B 511 -8.84 14.19 7.51
CA SER B 511 -9.32 13.40 6.38
C SER B 511 -9.13 14.21 5.08
N ASN B 512 -8.82 13.51 3.98
CA ASN B 512 -8.57 14.11 2.66
C ASN B 512 -9.05 13.18 1.55
N PHE B 513 -10.38 13.07 1.44
CA PHE B 513 -11.06 12.09 0.60
C PHE B 513 -10.68 12.27 -0.89
N ALA B 514 -10.39 13.52 -1.28
CA ALA B 514 -10.12 13.89 -2.69
C ALA B 514 -8.93 13.12 -3.27
N MET B 515 -7.87 12.96 -2.47
CA MET B 515 -6.59 12.43 -2.95
C MET B 515 -6.78 11.08 -3.66
N GLU B 516 -7.55 10.18 -3.04
CA GLU B 516 -7.67 8.79 -3.52
C GLU B 516 -9.02 8.57 -4.24
N LEU B 517 -9.63 9.66 -4.72
CA LEU B 517 -10.89 9.58 -5.46
C LEU B 517 -10.69 8.84 -6.78
N PRO B 518 -9.60 9.11 -7.54
CA PRO B 518 -9.35 8.40 -8.79
C PRO B 518 -9.34 6.86 -8.72
N SER B 519 -9.38 6.29 -7.51
CA SER B 519 -9.44 4.84 -7.34
C SER B 519 -10.88 4.31 -7.37
N PHE B 520 -11.86 5.22 -7.45
CA PHE B 520 -13.29 4.83 -7.42
C PHE B 520 -13.77 4.38 -8.82
N GLY B 521 -12.95 4.54 -9.85
CA GLY B 521 -13.28 4.14 -11.21
C GLY B 521 -13.31 2.63 -11.38
N VAL B 522 -13.59 2.18 -12.61
CA VAL B 522 -13.56 0.78 -12.98
C VAL B 522 -12.09 0.39 -13.22
N ALA B 523 -11.59 -0.54 -12.41
CA ALA B 523 -10.16 -0.85 -12.26
C ALA B 523 -9.52 -1.23 -13.60
N GLY B 524 -10.30 -1.93 -14.45
CA GLY B 524 -9.85 -2.34 -15.78
C GLY B 524 -9.16 -3.70 -15.78
N VAL B 525 -9.46 -4.54 -14.77
CA VAL B 525 -8.98 -5.91 -14.71
C VAL B 525 -9.92 -6.76 -15.59
N ASN B 526 -11.17 -6.94 -15.12
CA ASN B 526 -12.24 -7.60 -15.87
C ASN B 526 -13.56 -7.43 -15.09
N GLU B 527 -14.66 -7.96 -15.64
CA GLU B 527 -16.01 -7.75 -15.10
C GLU B 527 -16.09 -8.25 -13.65
N SER B 528 -15.73 -9.52 -13.43
CA SER B 528 -15.85 -10.18 -12.13
C SER B 528 -14.93 -9.52 -11.10
N ALA B 529 -13.71 -9.18 -11.52
CA ALA B 529 -12.69 -8.61 -10.65
C ALA B 529 -13.04 -7.17 -10.27
N ASP B 530 -13.42 -6.35 -11.26
CA ASP B 530 -13.61 -4.90 -11.09
C ASP B 530 -14.78 -4.61 -10.12
N MET B 531 -15.77 -5.50 -10.10
CA MET B 531 -16.92 -5.39 -9.20
C MET B 531 -16.43 -5.42 -7.75
N ALA B 532 -15.63 -6.45 -7.44
CA ALA B 532 -15.05 -6.65 -6.11
C ALA B 532 -14.22 -5.42 -5.73
N ILE B 533 -13.31 -5.00 -6.63
CA ILE B 533 -12.41 -3.88 -6.39
C ILE B 533 -13.27 -2.65 -6.08
N GLY B 534 -14.29 -2.42 -6.91
CA GLY B 534 -15.22 -1.31 -6.77
C GLY B 534 -15.79 -1.22 -5.37
N MET B 535 -16.40 -2.33 -4.91
CA MET B 535 -17.08 -2.36 -3.61
C MET B 535 -16.05 -2.35 -2.47
N THR B 536 -14.84 -2.87 -2.72
CA THR B 536 -13.78 -2.92 -1.71
C THR B 536 -13.21 -1.50 -1.48
N ILE B 537 -13.01 -0.76 -2.57
CA ILE B 537 -12.51 0.62 -2.49
C ILE B 537 -13.49 1.46 -1.65
N ILE B 538 -14.79 1.34 -1.97
CA ILE B 538 -15.86 2.06 -1.27
C ILE B 538 -15.78 1.71 0.23
N LYS B 539 -15.77 0.41 0.52
CA LYS B 539 -15.70 -0.13 1.88
C LYS B 539 -14.49 0.45 2.62
N ASN B 540 -13.32 0.37 2.00
CA ASN B 540 -12.06 0.81 2.61
C ASN B 540 -12.05 2.33 2.81
N ASN B 541 -12.73 3.07 1.94
CA ASN B 541 -12.77 4.54 2.02
C ASN B 541 -13.69 5.00 3.16
N MET B 542 -14.76 4.24 3.40
CA MET B 542 -15.67 4.50 4.52
C MET B 542 -14.90 4.47 5.85
N ILE B 543 -13.93 3.56 5.92
CA ILE B 543 -13.07 3.39 7.08
C ILE B 543 -12.05 4.55 7.08
N ASN B 544 -11.07 4.48 6.16
CA ASN B 544 -9.81 5.23 6.28
C ASN B 544 -10.02 6.70 5.91
N ASN B 545 -10.68 6.97 4.78
CA ASN B 545 -10.72 8.30 4.18
C ASN B 545 -11.99 9.06 4.61
N GLY B 546 -12.69 8.54 5.61
CA GLY B 546 -13.82 9.25 6.23
C GLY B 546 -14.88 9.64 5.21
N MET B 547 -15.42 8.63 4.52
CA MET B 547 -16.55 8.79 3.61
C MET B 547 -17.82 8.37 4.36
N GLY B 548 -18.78 9.30 4.44
CA GLY B 548 -20.03 9.08 5.16
C GLY B 548 -20.94 8.08 4.45
N PRO B 549 -22.02 7.61 5.12
CA PRO B 549 -22.88 6.58 4.56
C PRO B 549 -23.72 7.04 3.35
N ALA B 550 -23.92 8.35 3.21
CA ALA B 550 -24.64 8.92 2.08
C ALA B 550 -23.73 8.91 0.83
N THR B 551 -22.53 9.47 0.98
CA THR B 551 -21.52 9.50 -0.05
C THR B 551 -21.13 8.07 -0.44
N ALA B 552 -21.04 7.19 0.56
CA ALA B 552 -20.71 5.78 0.32
C ALA B 552 -21.77 5.12 -0.59
N GLN B 553 -23.04 5.31 -0.24
CA GLN B 553 -24.17 4.73 -0.96
C GLN B 553 -24.17 5.24 -2.41
N THR B 554 -23.88 6.54 -2.59
CA THR B 554 -23.82 7.15 -3.92
C THR B 554 -22.61 6.60 -4.69
N ALA B 555 -21.49 6.41 -3.99
CA ALA B 555 -20.26 5.86 -4.56
C ALA B 555 -20.55 4.50 -5.21
N ILE B 556 -21.48 3.74 -4.62
CA ILE B 556 -21.95 2.47 -5.23
C ILE B 556 -22.64 2.81 -6.56
N GLN B 557 -23.64 3.71 -6.48
CA GLN B 557 -24.46 4.10 -7.63
C GLN B 557 -23.56 4.49 -8.81
N LEU B 558 -22.69 5.47 -8.56
CA LEU B 558 -21.81 6.05 -9.58
C LEU B 558 -20.92 4.96 -10.18
N PHE B 559 -20.44 4.03 -9.35
CA PHE B 559 -19.66 2.90 -9.82
C PHE B 559 -20.53 2.05 -10.75
N ILE B 560 -21.71 1.65 -10.29
CA ILE B 560 -22.57 0.73 -11.06
C ILE B 560 -22.84 1.31 -12.44
N ALA B 561 -23.08 2.63 -12.50
CA ALA B 561 -23.29 3.33 -13.78
C ALA B 561 -22.08 3.14 -14.71
N ASP B 562 -20.90 3.52 -14.20
CA ASP B 562 -19.63 3.42 -14.92
C ASP B 562 -19.44 1.99 -15.41
N TYR B 563 -19.69 1.02 -14.53
CA TYR B 563 -19.57 -0.41 -14.81
C TYR B 563 -20.53 -0.81 -15.94
N ARG B 564 -21.77 -0.32 -15.86
CA ARG B 564 -22.81 -0.70 -16.82
C ARG B 564 -22.52 -0.08 -18.20
N TYR B 565 -21.89 1.10 -18.22
CA TYR B 565 -21.50 1.75 -19.49
C TYR B 565 -20.23 1.13 -20.08
N THR B 566 -19.23 0.90 -19.22
CA THR B 566 -17.91 0.42 -19.63
C THR B 566 -18.03 -0.98 -20.25
N TYR B 567 -18.61 -1.91 -19.48
CA TYR B 567 -18.83 -3.29 -19.90
C TYR B 567 -20.18 -3.43 -20.60
N LYS B 568 -20.78 -2.30 -20.97
CA LYS B 568 -21.98 -2.22 -21.82
C LYS B 568 -22.94 -3.33 -21.42
N CYS B 569 -23.40 -3.28 -20.16
CA CYS B 569 -24.20 -4.33 -19.55
C CYS B 569 -25.28 -3.69 -18.66
N HIS B 570 -26.14 -2.88 -19.29
CA HIS B 570 -27.22 -2.18 -18.60
C HIS B 570 -28.28 -3.21 -18.16
N ARG B 571 -29.23 -2.75 -17.34
CA ARG B 571 -30.24 -3.62 -16.76
C ARG B 571 -31.06 -4.27 -17.89
N GLY B 572 -31.43 -5.55 -17.70
CA GLY B 572 -32.15 -6.34 -18.68
C GLY B 572 -33.53 -5.76 -19.01
N ASP B 573 -34.17 -5.14 -18.00
CA ASP B 573 -35.51 -4.54 -18.16
C ASP B 573 -35.40 -3.18 -18.86
N SER B 574 -34.19 -2.61 -18.92
CA SER B 574 -33.95 -1.35 -19.62
C SER B 574 -34.12 -1.56 -21.13
N LYS B 575 -34.29 -0.45 -21.85
CA LYS B 575 -34.46 -0.46 -23.29
C LYS B 575 -33.25 0.22 -23.96
N VAL B 576 -32.11 0.22 -23.25
CA VAL B 576 -30.86 0.78 -23.77
C VAL B 576 -30.37 -0.16 -24.88
N GLU B 577 -30.44 0.30 -26.13
CA GLU B 577 -30.12 -0.51 -27.30
C GLU B 577 -28.60 -0.69 -27.38
N GLY B 578 -28.18 -1.92 -27.71
CA GLY B 578 -26.79 -2.32 -27.78
C GLY B 578 -26.65 -3.73 -28.33
N LYS B 579 -25.42 -4.11 -28.67
CA LYS B 579 -25.13 -5.41 -29.28
C LYS B 579 -25.21 -6.51 -28.21
N ARG B 580 -24.52 -6.30 -27.09
CA ARG B 580 -24.56 -7.23 -25.95
C ARG B 580 -25.93 -7.18 -25.26
N MET B 581 -26.56 -6.00 -25.29
CA MET B 581 -27.83 -5.75 -24.64
C MET B 581 -28.93 -6.64 -25.25
N LYS B 582 -28.82 -6.93 -26.55
CA LYS B 582 -29.79 -7.76 -27.27
C LYS B 582 -29.93 -9.12 -26.59
N ILE B 583 -28.79 -9.74 -26.22
CA ILE B 583 -28.78 -11.06 -25.61
C ILE B 583 -29.13 -10.95 -24.11
N ILE B 584 -28.65 -9.88 -23.47
CA ILE B 584 -28.98 -9.56 -22.07
C ILE B 584 -30.50 -9.53 -21.90
N LYS B 585 -31.17 -8.83 -22.81
CA LYS B 585 -32.63 -8.67 -22.78
C LYS B 585 -33.31 -10.02 -22.95
N GLU B 586 -32.73 -10.91 -23.77
CA GLU B 586 -33.23 -12.27 -23.95
C GLU B 586 -33.06 -13.05 -22.63
N LEU B 587 -31.88 -12.87 -21.99
CA LEU B 587 -31.57 -13.52 -20.72
C LEU B 587 -32.55 -13.05 -19.63
N TRP B 588 -32.91 -11.76 -19.67
CA TRP B 588 -33.89 -11.19 -18.74
C TRP B 588 -35.24 -11.92 -18.87
N GLU B 589 -35.68 -12.11 -20.11
CA GLU B 589 -36.99 -12.72 -20.43
C GLU B 589 -36.96 -14.22 -20.13
N ASN B 590 -35.85 -14.89 -20.47
CA ASN B 590 -35.69 -16.33 -20.28
C ASN B 590 -35.70 -16.69 -18.79
N THR B 591 -34.97 -15.93 -17.99
CA THR B 591 -34.67 -16.27 -16.60
C THR B 591 -35.88 -15.97 -15.70
N LYS B 592 -36.03 -16.80 -14.66
CA LYS B 592 -37.08 -16.65 -13.65
C LYS B 592 -36.52 -15.89 -12.45
N GLY B 593 -35.41 -16.40 -11.89
CA GLY B 593 -34.68 -15.77 -10.79
C GLY B 593 -33.78 -14.65 -11.29
N ARG B 594 -34.39 -13.52 -11.63
CA ARG B 594 -33.70 -12.38 -12.24
C ARG B 594 -32.91 -11.61 -11.17
N ASP B 595 -33.34 -11.74 -9.91
CA ASP B 595 -32.63 -11.15 -8.77
C ASP B 595 -31.30 -11.89 -8.53
N GLY B 596 -31.18 -13.10 -9.09
CA GLY B 596 -29.97 -13.92 -9.01
C GLY B 596 -28.95 -13.59 -10.10
N LEU B 597 -29.40 -12.95 -11.19
CA LEU B 597 -28.51 -12.55 -12.29
C LEU B 597 -27.52 -11.50 -11.78
N LEU B 598 -26.25 -11.64 -12.17
CA LEU B 598 -25.21 -10.65 -11.88
C LEU B 598 -25.49 -9.38 -12.69
N VAL B 599 -24.90 -8.27 -12.28
CA VAL B 599 -25.08 -6.97 -12.94
C VAL B 599 -24.57 -7.06 -14.39
N ALA B 600 -23.46 -7.78 -14.58
CA ALA B 600 -22.82 -7.94 -15.89
C ALA B 600 -23.69 -8.80 -16.82
N ASP B 601 -24.68 -9.52 -16.26
CA ASP B 601 -25.67 -10.27 -17.03
C ASP B 601 -27.00 -9.50 -17.06
N GLY B 602 -26.93 -8.17 -16.90
CA GLY B 602 -28.08 -7.28 -16.92
C GLY B 602 -28.97 -7.45 -15.72
N GLY B 603 -28.40 -7.96 -14.62
CA GLY B 603 -29.13 -8.19 -13.37
C GLY B 603 -29.17 -6.93 -12.52
N PRO B 604 -30.02 -6.89 -11.46
CA PRO B 604 -30.11 -5.72 -10.59
C PRO B 604 -28.99 -5.69 -9.54
N ASN B 605 -28.58 -4.48 -9.17
CA ASN B 605 -27.57 -4.25 -8.14
C ASN B 605 -28.23 -4.37 -6.77
N ILE B 606 -27.67 -5.23 -5.91
CA ILE B 606 -28.21 -5.51 -4.58
C ILE B 606 -27.17 -5.17 -3.50
N TYR B 607 -26.12 -4.42 -3.89
CA TYR B 607 -25.08 -3.98 -2.96
C TYR B 607 -25.58 -2.78 -2.16
N ASN B 608 -25.21 -2.75 -0.88
CA ASN B 608 -25.44 -1.63 0.03
C ASN B 608 -24.20 -1.52 0.93
N LEU B 609 -24.26 -0.65 1.94
CA LEU B 609 -23.13 -0.43 2.83
C LEU B 609 -22.70 -1.75 3.49
N ARG B 610 -23.67 -2.54 3.94
CA ARG B 610 -23.43 -3.65 4.88
C ARG B 610 -22.75 -4.84 4.18
N ASN B 611 -22.99 -5.03 2.87
CA ASN B 611 -22.57 -6.27 2.19
C ASN B 611 -21.55 -5.98 1.08
N LEU B 612 -20.77 -4.90 1.22
CA LEU B 612 -19.72 -4.54 0.25
C LEU B 612 -18.65 -5.63 0.21
N HIS B 613 -18.40 -6.28 1.35
CA HIS B 613 -17.28 -7.21 1.55
C HIS B 613 -17.59 -8.61 1.00
N ILE B 614 -18.84 -8.86 0.59
CA ILE B 614 -19.27 -10.18 0.14
C ILE B 614 -19.24 -10.23 -1.39
N PRO B 615 -18.69 -11.30 -2.00
CA PRO B 615 -18.74 -11.48 -3.45
C PRO B 615 -20.17 -11.57 -4.00
N GLU B 616 -20.37 -10.94 -5.16
CA GLU B 616 -21.67 -10.77 -5.80
C GLU B 616 -22.24 -12.15 -6.19
N ILE B 617 -21.35 -13.08 -6.51
CA ILE B 617 -21.73 -14.43 -6.92
C ILE B 617 -22.30 -15.14 -5.69
N VAL B 618 -21.65 -14.94 -4.54
CA VAL B 618 -22.01 -15.59 -3.27
C VAL B 618 -23.29 -14.93 -2.71
N LEU B 619 -23.42 -13.61 -2.92
CA LEU B 619 -24.64 -12.88 -2.52
C LEU B 619 -25.87 -13.47 -3.21
N LYS B 620 -25.75 -13.69 -4.53
CA LYS B 620 -26.87 -13.99 -5.41
C LYS B 620 -27.01 -15.50 -5.68
N TYR B 621 -26.03 -16.30 -5.22
CA TYR B 621 -25.97 -17.75 -5.54
C TYR B 621 -27.30 -18.46 -5.25
N ASN B 622 -27.93 -18.13 -4.13
CA ASN B 622 -29.08 -18.88 -3.60
C ASN B 622 -30.36 -18.57 -4.40
N LEU B 623 -30.38 -17.42 -5.08
CA LEU B 623 -31.56 -16.94 -5.81
C LEU B 623 -31.30 -16.95 -7.32
N MET B 624 -30.25 -17.67 -7.75
CA MET B 624 -29.95 -17.91 -9.16
C MET B 624 -30.86 -19.01 -9.71
N ASP B 625 -30.91 -19.12 -11.04
CA ASP B 625 -31.51 -20.27 -11.72
C ASP B 625 -30.46 -21.38 -11.81
N PRO B 626 -30.88 -22.66 -11.69
CA PRO B 626 -29.94 -23.78 -11.71
C PRO B 626 -29.19 -23.89 -13.05
N GLU B 627 -29.88 -23.59 -14.15
CA GLU B 627 -29.29 -23.61 -15.48
C GLU B 627 -28.33 -22.42 -15.64
N TYR B 628 -28.75 -21.25 -15.14
CA TYR B 628 -27.96 -20.03 -15.22
C TYR B 628 -26.66 -20.18 -14.42
N LYS B 629 -26.77 -20.68 -13.17
CA LYS B 629 -25.58 -20.82 -12.31
C LYS B 629 -24.64 -21.86 -12.93
N GLY B 630 -25.22 -22.91 -13.52
CA GLY B 630 -24.46 -23.95 -14.21
C GLY B 630 -23.63 -23.41 -15.37
N ARG B 631 -24.23 -22.49 -16.13
CA ARG B 631 -23.55 -21.81 -17.23
C ARG B 631 -22.50 -20.84 -16.68
N LEU B 632 -22.91 -20.02 -15.71
CA LEU B 632 -22.06 -18.97 -15.12
C LEU B 632 -20.82 -19.58 -14.47
N LEU B 633 -20.98 -20.77 -13.86
CA LEU B 633 -19.93 -21.42 -13.09
C LEU B 633 -19.53 -22.76 -13.72
N HIS B 634 -19.56 -22.84 -15.07
CA HIS B 634 -19.18 -24.07 -15.77
C HIS B 634 -17.69 -24.34 -15.53
N PRO B 635 -17.32 -25.52 -14.99
CA PRO B 635 -15.94 -25.78 -14.58
C PRO B 635 -14.95 -26.02 -15.74
N GLN B 636 -15.45 -26.11 -16.97
CA GLN B 636 -14.64 -26.23 -18.18
C GLN B 636 -15.01 -25.10 -19.17
N ASN B 637 -15.39 -23.94 -18.65
CA ASN B 637 -15.75 -22.79 -19.49
C ASN B 637 -14.47 -22.29 -20.18
N PRO B 638 -14.54 -21.83 -21.45
CA PRO B 638 -13.36 -21.45 -22.20
C PRO B 638 -12.85 -20.02 -21.95
N PHE B 639 -13.58 -19.25 -21.15
CA PHE B 639 -13.30 -17.84 -20.92
C PHE B 639 -12.14 -17.67 -19.93
N VAL B 640 -12.10 -18.55 -18.92
CA VAL B 640 -11.11 -18.50 -17.85
C VAL B 640 -9.87 -19.32 -18.27
N GLY B 641 -10.12 -20.55 -18.73
CA GLY B 641 -9.05 -21.47 -19.17
C GLY B 641 -8.52 -22.30 -18.02
N HIS B 642 -8.95 -23.58 -17.98
CA HIS B 642 -8.62 -24.51 -16.91
C HIS B 642 -7.37 -25.32 -17.31
N LEU B 643 -7.44 -26.65 -17.18
CA LEU B 643 -6.29 -27.54 -17.37
C LEU B 643 -6.61 -28.58 -18.46
N SER B 644 -7.39 -29.60 -18.11
CA SER B 644 -7.69 -30.74 -18.98
C SER B 644 -8.70 -31.67 -18.30
N GLU B 650 -6.84 -34.65 -23.28
CA GLU B 650 -5.47 -34.24 -23.00
C GLU B 650 -4.61 -34.46 -24.26
N ALA B 651 -4.80 -33.59 -25.25
CA ALA B 651 -4.17 -33.73 -26.57
C ALA B 651 -2.85 -32.96 -26.61
N ASP B 652 -2.91 -31.62 -26.66
CA ASP B 652 -1.72 -30.76 -26.76
C ASP B 652 -2.13 -29.31 -26.47
N ILE B 653 -2.68 -29.08 -25.27
CA ILE B 653 -3.14 -27.76 -24.84
C ILE B 653 -1.97 -27.04 -24.17
N THR B 654 -1.28 -26.18 -24.93
CA THR B 654 -0.07 -25.50 -24.47
C THR B 654 -0.06 -24.07 -24.99
N PRO B 655 -0.83 -23.14 -24.38
CA PRO B 655 -0.79 -21.72 -24.72
C PRO B 655 0.14 -20.89 -23.82
N ALA B 656 0.31 -19.60 -24.16
CA ALA B 656 1.18 -18.68 -23.42
C ALA B 656 0.46 -18.20 -22.14
N HIS B 657 0.37 -19.11 -21.17
CA HIS B 657 -0.31 -18.87 -19.90
C HIS B 657 0.55 -17.95 -19.02
N GLY B 658 -0.11 -17.06 -18.27
CA GLY B 658 0.54 -16.19 -17.29
C GLY B 658 0.34 -16.72 -15.86
N PRO B 659 1.38 -16.69 -14.99
CA PRO B 659 1.27 -17.27 -13.65
C PRO B 659 0.19 -16.60 -12.79
N VAL B 660 -0.78 -17.41 -12.32
CA VAL B 660 -1.97 -16.92 -11.63
C VAL B 660 -1.55 -16.38 -10.24
N LYS B 661 -1.79 -15.08 -10.03
CA LYS B 661 -1.32 -14.36 -8.85
C LYS B 661 -2.34 -14.49 -7.70
N LYS B 662 -1.93 -14.01 -6.53
CA LYS B 662 -2.80 -13.83 -5.36
C LYS B 662 -3.20 -12.35 -5.28
N MET B 663 -4.48 -12.05 -5.53
CA MET B 663 -5.02 -10.68 -5.44
C MET B 663 -5.88 -10.55 -4.18
N ASP B 664 -5.89 -9.34 -3.61
CA ASP B 664 -6.53 -9.06 -2.31
C ASP B 664 -8.06 -9.15 -2.44
N TYR B 665 -8.60 -8.74 -3.59
CA TYR B 665 -10.04 -8.76 -3.83
C TYR B 665 -10.56 -10.21 -3.84
N ASP B 666 -11.74 -10.41 -3.26
CA ASP B 666 -12.39 -11.73 -3.15
C ASP B 666 -13.46 -11.84 -4.24
N ALA B 667 -13.23 -12.75 -5.20
CA ALA B 667 -14.14 -12.99 -6.32
C ALA B 667 -14.11 -14.48 -6.71
N VAL B 668 -15.22 -14.96 -7.24
CA VAL B 668 -15.40 -16.36 -7.65
C VAL B 668 -14.99 -16.49 -9.13
N SER B 669 -14.37 -17.63 -9.47
CA SER B 669 -13.95 -17.93 -10.83
C SER B 669 -15.15 -18.36 -11.67
N GLY B 670 -15.66 -17.43 -12.50
CA GLY B 670 -16.80 -17.65 -13.39
C GLY B 670 -16.56 -17.07 -14.77
N THR B 671 -17.57 -17.17 -15.63
CA THR B 671 -17.44 -16.81 -17.06
C THR B 671 -17.01 -15.35 -17.24
N HIS B 672 -17.34 -14.50 -16.27
CA HIS B 672 -17.02 -13.06 -16.33
C HIS B 672 -15.58 -12.78 -15.89
N SER B 673 -14.85 -13.83 -15.48
CA SER B 673 -13.45 -13.72 -15.07
C SER B 673 -12.53 -14.00 -16.26
N TRP B 674 -12.80 -13.31 -17.38
CA TRP B 674 -12.16 -13.58 -18.67
C TRP B 674 -10.84 -12.80 -18.77
N ARG B 675 -10.12 -13.01 -19.89
CA ARG B 675 -8.90 -12.27 -20.21
C ARG B 675 -9.04 -11.66 -21.61
N THR B 676 -8.39 -10.52 -21.80
CA THR B 676 -8.42 -9.75 -23.05
C THR B 676 -7.35 -10.28 -24.01
N LYS B 677 -7.57 -10.06 -25.30
CA LYS B 677 -6.63 -10.46 -26.35
C LYS B 677 -5.40 -9.55 -26.29
N ARG B 678 -4.22 -10.12 -26.55
CA ARG B 678 -2.96 -9.41 -26.46
C ARG B 678 -2.86 -8.42 -27.62
N ASN B 679 -2.36 -7.21 -27.30
CA ASN B 679 -2.04 -6.17 -28.27
C ASN B 679 -1.22 -6.77 -29.41
N ARG B 680 -1.65 -6.52 -30.65
CA ARG B 680 -1.16 -7.23 -31.83
C ARG B 680 -0.25 -6.32 -32.67
N SER B 681 0.14 -5.17 -32.12
CA SER B 681 1.11 -4.26 -32.75
C SER B 681 2.43 -5.01 -33.06
N ILE B 682 2.73 -6.01 -32.22
CA ILE B 682 3.96 -6.80 -32.32
C ILE B 682 4.03 -7.57 -33.65
N LEU B 683 2.87 -7.91 -34.22
CA LEU B 683 2.80 -8.76 -35.42
C LEU B 683 3.35 -8.03 -36.66
N ASN B 684 3.42 -6.70 -36.61
CA ASN B 684 3.94 -5.89 -37.72
C ASN B 684 5.48 -5.82 -37.64
N THR B 685 5.98 -5.43 -36.46
CA THR B 685 7.42 -5.21 -36.23
C THR B 685 8.17 -6.54 -36.19
N ASP B 686 9.50 -6.45 -36.23
CA ASP B 686 10.39 -7.62 -36.28
C ASP B 686 10.47 -8.30 -34.90
N GLN B 687 9.81 -7.71 -33.88
CA GLN B 687 9.70 -8.32 -32.56
C GLN B 687 8.78 -9.55 -32.61
N ARG B 688 8.06 -9.73 -33.73
CA ARG B 688 7.31 -10.95 -34.05
C ARG B 688 7.98 -12.19 -33.45
N ASN B 689 9.29 -12.30 -33.65
CA ASN B 689 10.09 -13.50 -33.34
C ASN B 689 9.92 -13.91 -31.87
N MET B 690 9.79 -12.92 -30.98
CA MET B 690 9.75 -13.15 -29.53
C MET B 690 8.55 -14.04 -29.14
N ILE B 691 7.47 -13.99 -29.92
CA ILE B 691 6.26 -14.78 -29.64
C ILE B 691 6.61 -16.28 -29.60
N LEU B 692 7.43 -16.72 -30.54
CA LEU B 692 7.84 -18.12 -30.65
C LEU B 692 8.70 -18.50 -29.43
N GLU B 693 9.56 -17.58 -28.99
CA GLU B 693 10.41 -17.75 -27.82
C GLU B 693 9.53 -17.86 -26.56
N GLU B 694 8.50 -17.00 -26.48
CA GLU B 694 7.52 -17.01 -25.41
C GLU B 694 6.81 -18.37 -25.38
N GLN B 695 6.27 -18.76 -26.54
CA GLN B 695 5.48 -20.00 -26.66
C GLN B 695 6.38 -21.23 -26.43
N CYS B 696 7.69 -21.10 -26.70
CA CYS B 696 8.66 -22.17 -26.44
C CYS B 696 8.77 -22.42 -24.92
N TYR B 697 9.04 -21.36 -24.16
CA TYR B 697 9.10 -21.43 -22.70
C TYR B 697 7.75 -21.89 -22.15
N ALA B 698 6.68 -21.28 -22.66
CA ALA B 698 5.31 -21.57 -22.25
C ALA B 698 4.98 -23.05 -22.49
N LYS B 699 5.52 -23.61 -23.58
CA LYS B 699 5.34 -25.04 -23.88
C LYS B 699 5.94 -25.88 -22.74
N CYS B 700 7.18 -25.57 -22.37
CA CYS B 700 7.93 -26.29 -21.33
C CYS B 700 7.22 -26.15 -19.97
N CYS B 701 6.97 -24.90 -19.58
CA CYS B 701 6.44 -24.57 -18.26
C CYS B 701 5.09 -25.28 -18.02
N ASN B 702 4.25 -25.35 -19.06
CA ASN B 702 2.91 -25.91 -18.96
C ASN B 702 2.99 -27.43 -18.73
N LEU B 703 3.86 -28.10 -19.49
CA LEU B 703 4.08 -29.53 -19.34
C LEU B 703 4.73 -29.83 -17.98
N PHE B 704 5.65 -28.96 -17.56
CA PHE B 704 6.24 -29.06 -16.22
C PHE B 704 5.17 -28.92 -15.15
N GLU B 705 4.21 -28.00 -15.37
CA GLU B 705 3.07 -27.80 -14.46
C GLU B 705 2.14 -29.02 -14.50
N ALA B 706 2.03 -29.65 -15.67
CA ALA B 706 1.24 -30.87 -15.85
C ALA B 706 1.90 -32.03 -15.09
N CYS B 707 3.25 -32.05 -15.08
CA CYS B 707 4.03 -33.05 -14.33
C CYS B 707 3.90 -32.80 -12.82
N PHE B 708 4.12 -31.54 -12.41
CA PHE B 708 4.09 -31.13 -11.00
C PHE B 708 3.01 -30.06 -10.80
N ASN B 709 1.84 -30.49 -10.29
CA ASN B 709 0.66 -29.63 -10.13
C ASN B 709 0.91 -28.60 -9.03
N SER B 710 1.84 -28.91 -8.10
CA SER B 710 2.21 -28.06 -6.98
C SER B 710 3.02 -26.84 -7.44
N ALA B 711 3.63 -26.94 -8.64
CA ALA B 711 4.51 -25.90 -9.18
C ALA B 711 3.74 -24.59 -9.38
N SER B 712 2.45 -24.70 -9.72
CA SER B 712 1.56 -23.55 -9.88
C SER B 712 1.42 -22.81 -8.54
N TYR B 713 1.20 -23.58 -7.46
CA TYR B 713 0.97 -23.03 -6.12
C TYR B 713 2.30 -22.53 -5.51
N ARG B 714 3.24 -23.45 -5.28
CA ARG B 714 4.49 -23.12 -4.58
C ARG B 714 5.68 -23.28 -5.54
N LYS B 715 6.68 -22.39 -5.37
CA LYS B 715 7.88 -22.35 -6.19
C LYS B 715 8.64 -23.67 -6.07
N PRO B 716 8.80 -24.43 -7.17
CA PRO B 716 9.62 -25.66 -7.13
C PRO B 716 11.12 -25.33 -7.00
N VAL B 717 11.82 -26.14 -6.20
CA VAL B 717 13.23 -25.94 -5.87
C VAL B 717 14.04 -27.11 -6.44
N GLY B 718 15.25 -26.80 -6.92
CA GLY B 718 16.17 -27.79 -7.50
C GLY B 718 17.13 -27.15 -8.48
N GLN B 719 18.42 -27.48 -8.34
CA GLN B 719 19.48 -26.95 -9.20
C GLN B 719 19.73 -27.91 -10.38
N HIS B 720 19.11 -29.09 -10.33
CA HIS B 720 19.18 -30.10 -11.39
C HIS B 720 18.33 -29.66 -12.59
N SER B 721 18.36 -30.47 -13.66
CA SER B 721 17.70 -30.17 -14.93
C SER B 721 16.18 -30.37 -14.82
N MET B 722 15.42 -29.57 -15.58
CA MET B 722 13.95 -29.65 -15.64
C MET B 722 13.54 -30.99 -16.25
N LEU B 723 14.24 -31.41 -17.30
CA LEU B 723 13.98 -32.67 -18.00
C LEU B 723 14.17 -33.85 -17.03
N GLU B 724 15.29 -33.81 -16.29
CA GLU B 724 15.63 -34.82 -15.30
C GLU B 724 14.44 -35.04 -14.34
N ALA B 725 13.95 -33.93 -13.77
CA ALA B 725 12.83 -33.94 -12.83
C ALA B 725 11.59 -34.58 -13.48
N MET B 726 11.24 -34.09 -14.67
CA MET B 726 10.04 -34.51 -15.39
C MET B 726 10.12 -36.01 -15.73
N ALA B 727 11.32 -36.48 -16.11
CA ALA B 727 11.54 -37.87 -16.48
C ALA B 727 11.20 -38.80 -15.30
N HIS B 728 11.82 -38.53 -14.16
CA HIS B 728 11.71 -39.38 -12.96
C HIS B 728 10.25 -39.49 -12.51
N ARG B 729 9.56 -38.35 -12.43
CA ARG B 729 8.17 -38.28 -11.96
C ARG B 729 7.28 -39.16 -12.86
N LEU B 730 7.44 -39.01 -14.18
CA LEU B 730 6.67 -39.76 -15.16
C LEU B 730 7.04 -41.25 -15.08
N ARG B 731 8.33 -41.54 -14.88
CA ARG B 731 8.81 -42.92 -14.71
C ARG B 731 8.10 -43.56 -13.51
N MET B 732 8.11 -42.84 -12.37
CA MET B 732 7.46 -43.30 -11.15
C MET B 732 5.95 -43.50 -11.39
N ASP B 733 5.30 -42.44 -11.87
CA ASP B 733 3.86 -42.45 -12.13
C ASP B 733 3.48 -43.71 -12.92
N ALA B 734 4.25 -44.00 -13.97
CA ALA B 734 4.02 -45.15 -14.87
C ALA B 734 4.16 -46.47 -14.10
N ARG B 735 5.28 -46.62 -13.39
CA ARG B 735 5.59 -47.84 -12.64
C ARG B 735 4.45 -48.15 -11.66
N LEU B 736 4.00 -47.13 -10.93
CA LEU B 736 2.95 -47.28 -9.93
C LEU B 736 1.60 -47.51 -10.63
N ASP B 737 1.37 -46.80 -11.74
CA ASP B 737 0.14 -46.95 -12.55
C ASP B 737 0.03 -48.38 -13.09
N TYR B 738 1.17 -49.00 -13.40
CA TYR B 738 1.19 -50.38 -13.89
C TYR B 738 0.83 -51.34 -12.75
N GLU B 739 1.62 -51.29 -11.66
CA GLU B 739 1.50 -52.23 -10.55
C GLU B 739 0.14 -52.07 -9.85
N SER B 740 -0.38 -50.84 -9.79
CA SER B 740 -1.70 -50.55 -9.22
C SER B 740 -2.80 -51.18 -10.09
N GLY B 741 -2.65 -51.05 -11.41
CA GLY B 741 -3.60 -51.60 -12.39
C GLY B 741 -4.35 -50.52 -13.15
N ARG B 742 -3.86 -49.27 -13.08
CA ARG B 742 -4.39 -48.15 -13.85
C ARG B 742 -3.97 -48.28 -15.32
N MET B 743 -2.67 -48.56 -15.52
CA MET B 743 -2.07 -48.68 -16.86
C MET B 743 -1.98 -50.15 -17.25
N SER B 744 -2.05 -50.41 -18.57
CA SER B 744 -1.98 -51.75 -19.15
C SER B 744 -0.54 -52.07 -19.56
N LYS B 745 -0.32 -53.35 -19.89
CA LYS B 745 0.99 -53.87 -20.30
C LYS B 745 1.43 -53.20 -21.61
N ASP B 746 0.51 -53.16 -22.58
CA ASP B 746 0.76 -52.57 -23.90
C ASP B 746 1.15 -51.10 -23.76
N ASP B 747 0.50 -50.39 -22.82
CA ASP B 747 0.79 -48.99 -22.54
C ASP B 747 2.12 -48.86 -21.80
N PHE B 748 2.37 -49.75 -20.83
CA PHE B 748 3.59 -49.73 -20.01
C PHE B 748 4.82 -50.03 -20.87
N GLU B 749 4.65 -50.87 -21.90
CA GLU B 749 5.69 -51.12 -22.89
C GLU B 749 6.13 -49.79 -23.51
N LYS B 750 5.16 -49.03 -24.03
CA LYS B 750 5.41 -47.71 -24.65
C LYS B 750 5.98 -46.73 -23.61
N ALA B 751 5.43 -46.75 -22.40
CA ALA B 751 5.84 -45.83 -21.33
C ALA B 751 7.36 -45.87 -21.13
N MET B 752 7.89 -47.06 -20.82
CA MET B 752 9.30 -47.26 -20.52
C MET B 752 10.15 -47.08 -21.79
N ALA B 753 9.57 -47.42 -22.95
CA ALA B 753 10.25 -47.30 -24.24
C ALA B 753 10.52 -45.83 -24.57
N HIS B 754 9.46 -45.01 -24.46
CA HIS B 754 9.53 -43.57 -24.74
C HIS B 754 10.45 -42.87 -23.74
N LEU B 755 10.36 -43.27 -22.46
CA LEU B 755 11.20 -42.71 -21.39
C LEU B 755 12.67 -43.12 -21.60
N GLY B 756 12.89 -44.28 -22.21
CA GLY B 756 14.22 -44.78 -22.56
C GLY B 756 14.94 -43.88 -23.55
N GLU B 757 14.17 -43.19 -24.41
CA GLU B 757 14.69 -42.33 -25.47
C GLU B 757 15.24 -41.01 -24.90
N ILE B 758 15.04 -40.80 -23.59
CA ILE B 758 15.55 -39.64 -22.88
C ILE B 758 16.72 -40.09 -21.98
N GLY C 9 -5.48 -42.60 -16.32
CA GLY C 9 -4.10 -42.85 -16.86
C GLY C 9 -3.64 -41.73 -17.77
N MET C 10 -3.38 -40.56 -17.16
CA MET C 10 -2.87 -39.36 -17.85
C MET C 10 -1.35 -39.48 -18.08
N THR C 11 -0.73 -40.45 -17.39
CA THR C 11 0.71 -40.71 -17.44
C THR C 11 1.17 -40.93 -18.89
N LEU C 12 0.51 -41.88 -19.57
CA LEU C 12 0.86 -42.28 -20.93
C LEU C 12 0.97 -41.04 -21.83
N ALA C 13 -0.08 -40.21 -21.83
CA ALA C 13 -0.19 -39.01 -22.68
C ALA C 13 1.00 -38.08 -22.46
N LYS C 14 1.26 -37.74 -21.18
CA LYS C 14 2.32 -36.80 -20.79
C LYS C 14 3.67 -37.25 -21.39
N ILE C 15 3.99 -38.53 -21.17
CA ILE C 15 5.25 -39.12 -21.63
C ILE C 15 5.39 -38.93 -23.15
N GLU C 16 4.29 -39.17 -23.87
CA GLU C 16 4.26 -39.07 -25.32
C GLU C 16 4.38 -37.61 -25.76
N LEU C 17 3.75 -36.70 -25.02
CA LEU C 17 3.81 -35.25 -25.31
C LEU C 17 5.22 -34.72 -25.06
N LEU C 18 5.92 -35.32 -24.09
CA LEU C 18 7.33 -34.98 -23.84
C LEU C 18 8.16 -35.26 -25.10
N LYS C 19 7.90 -36.41 -25.74
CA LYS C 19 8.61 -36.86 -26.95
C LYS C 19 8.33 -35.87 -28.10
N GLN C 20 7.08 -35.42 -28.21
CA GLN C 20 6.67 -34.39 -29.18
C GLN C 20 7.48 -33.11 -28.94
N LEU C 21 7.57 -32.70 -27.67
CA LEU C 21 8.22 -31.46 -27.29
C LEU C 21 9.74 -31.54 -27.53
N LEU C 22 10.33 -32.71 -27.25
CA LEU C 22 11.79 -32.90 -27.31
C LEU C 22 12.29 -32.97 -28.76
N ARG C 23 11.38 -33.05 -29.73
CA ARG C 23 11.74 -32.98 -31.16
C ARG C 23 12.28 -31.59 -31.49
N ASP C 24 11.62 -30.55 -30.95
CA ASP C 24 12.08 -29.17 -31.09
C ASP C 24 13.37 -28.99 -30.28
N ASN C 25 14.47 -28.67 -30.96
CA ASN C 25 15.80 -28.56 -30.34
C ASN C 25 15.86 -27.30 -29.45
N GLU C 26 15.02 -26.31 -29.74
CA GLU C 26 14.88 -25.13 -28.89
C GLU C 26 14.34 -25.55 -27.52
N ALA C 27 13.24 -26.32 -27.52
CA ALA C 27 12.62 -26.83 -26.31
C ALA C 27 13.56 -27.82 -25.61
N LYS C 28 14.15 -28.71 -26.40
CA LYS C 28 15.09 -29.73 -25.92
C LYS C 28 16.17 -29.08 -25.04
N THR C 29 16.79 -28.01 -25.55
CA THR C 29 17.90 -27.33 -24.87
C THR C 29 17.39 -26.57 -23.64
N VAL C 30 16.21 -25.95 -23.75
CA VAL C 30 15.58 -25.23 -22.64
C VAL C 30 15.42 -26.19 -21.46
N LEU C 31 14.82 -27.36 -21.72
CA LEU C 31 14.55 -28.37 -20.69
C LEU C 31 15.86 -28.87 -20.07
N LYS C 32 16.91 -28.99 -20.91
CA LYS C 32 18.21 -29.53 -20.47
C LYS C 32 18.96 -28.49 -19.62
N GLN C 33 18.93 -27.22 -20.04
CA GLN C 33 19.76 -26.17 -19.44
C GLN C 33 19.05 -25.51 -18.26
N THR C 34 17.76 -25.15 -18.46
CA THR C 34 16.98 -24.45 -17.44
C THR C 34 16.77 -25.38 -16.23
N THR C 35 17.24 -24.95 -15.06
CA THR C 35 17.10 -25.70 -13.81
C THR C 35 15.66 -25.57 -13.30
N VAL C 36 15.34 -26.35 -12.25
CA VAL C 36 14.00 -26.36 -11.67
C VAL C 36 13.75 -25.01 -10.97
N ASP C 37 14.81 -24.42 -10.42
CA ASP C 37 14.75 -23.09 -9.82
C ASP C 37 14.32 -22.06 -10.88
N GLN C 38 14.96 -22.16 -12.05
CA GLN C 38 14.88 -21.17 -13.12
C GLN C 38 13.52 -21.26 -13.85
N TYR C 39 12.74 -22.31 -13.59
CA TYR C 39 11.34 -22.38 -14.02
C TYR C 39 10.62 -21.07 -13.66
N ASN C 40 10.87 -20.61 -12.42
CA ASN C 40 10.22 -19.43 -11.83
C ASN C 40 10.58 -18.14 -12.61
N ILE C 41 11.68 -18.18 -13.37
CA ILE C 41 12.14 -17.06 -14.18
C ILE C 41 11.49 -17.11 -15.57
N ILE C 42 11.47 -18.30 -16.17
CA ILE C 42 10.98 -18.47 -17.56
C ILE C 42 9.44 -18.48 -17.57
N ARG C 43 8.80 -18.82 -16.45
CA ARG C 43 7.34 -18.80 -16.37
C ARG C 43 6.85 -17.35 -16.50
N LYS C 44 7.62 -16.42 -15.93
CA LYS C 44 7.28 -15.00 -15.90
C LYS C 44 7.78 -14.29 -17.17
N PHE C 45 8.52 -15.00 -18.03
CA PHE C 45 8.97 -14.47 -19.32
C PHE C 45 7.74 -14.15 -20.19
N ASN C 46 7.62 -12.88 -20.60
CA ASN C 46 6.58 -12.43 -21.54
C ASN C 46 7.13 -11.29 -22.41
N THR C 47 6.43 -11.04 -23.51
CA THR C 47 6.82 -10.05 -24.52
C THR C 47 6.36 -8.65 -24.09
N SER C 48 5.11 -8.57 -23.63
CA SER C 48 4.37 -7.32 -23.50
C SER C 48 4.90 -6.46 -22.35
N ARG C 49 4.57 -5.16 -22.44
CA ARG C 49 4.82 -4.17 -21.38
C ARG C 49 3.71 -4.30 -20.33
N ILE C 50 3.91 -3.67 -19.17
CA ILE C 50 2.91 -3.66 -18.10
C ILE C 50 1.96 -2.47 -18.34
N GLU C 51 0.66 -2.76 -18.44
CA GLU C 51 -0.36 -1.78 -18.78
C GLU C 51 -0.50 -0.75 -17.65
N LYS C 52 -0.05 0.48 -17.90
CA LYS C 52 0.01 1.52 -16.87
C LYS C 52 -1.37 2.18 -16.69
N ASN C 53 -2.23 2.12 -17.71
CA ASN C 53 -3.55 2.76 -17.68
C ASN C 53 -4.63 1.74 -18.04
N PRO C 54 -4.84 0.70 -17.21
CA PRO C 54 -5.76 -0.39 -17.53
C PRO C 54 -7.24 0.02 -17.53
N SER C 55 -7.60 0.98 -16.68
CA SER C 55 -8.95 1.54 -16.62
C SER C 55 -9.34 2.11 -17.99
N LEU C 56 -8.43 2.89 -18.58
CA LEU C 56 -8.59 3.47 -19.91
C LEU C 56 -8.60 2.37 -20.97
N ARG C 57 -7.57 1.52 -20.94
CA ARG C 57 -7.39 0.48 -21.94
C ARG C 57 -8.61 -0.44 -22.00
N MET C 58 -9.21 -0.71 -20.83
CA MET C 58 -10.39 -1.56 -20.72
C MET C 58 -11.60 -0.85 -21.34
N LYS C 59 -11.81 0.42 -20.96
CA LYS C 59 -12.90 1.23 -21.49
C LYS C 59 -12.80 1.29 -23.02
N TRP C 60 -11.58 1.47 -23.52
CA TRP C 60 -11.31 1.54 -24.95
C TRP C 60 -11.57 0.17 -25.60
N ALA C 61 -11.04 -0.89 -24.99
CA ALA C 61 -11.04 -2.25 -25.58
C ALA C 61 -12.47 -2.80 -25.68
N MET C 62 -13.37 -2.37 -24.81
CA MET C 62 -14.74 -2.88 -24.77
C MET C 62 -15.56 -2.37 -25.96
N CYS C 63 -15.07 -1.33 -26.65
CA CYS C 63 -15.72 -0.78 -27.82
C CYS C 63 -15.27 -1.53 -29.10
N SER C 64 -14.25 -2.37 -28.99
CA SER C 64 -13.73 -3.17 -30.10
C SER C 64 -14.63 -4.38 -30.34
N ASN C 65 -14.45 -5.03 -31.50
CA ASN C 65 -15.30 -6.13 -31.96
C ASN C 65 -15.03 -7.39 -31.14
N PHE C 66 -13.75 -7.77 -31.01
CA PHE C 66 -13.35 -9.02 -30.36
C PHE C 66 -12.25 -8.74 -29.34
N PRO C 67 -12.59 -8.23 -28.12
CA PRO C 67 -11.58 -7.92 -27.11
C PRO C 67 -11.05 -9.12 -26.31
N LEU C 68 -11.88 -10.17 -26.15
CA LEU C 68 -11.57 -11.32 -25.29
C LEU C 68 -11.00 -12.47 -26.15
N ALA C 69 -10.24 -13.35 -25.48
CA ALA C 69 -9.59 -14.51 -26.10
C ALA C 69 -10.04 -15.80 -25.40
N LEU C 70 -10.69 -16.70 -26.15
CA LEU C 70 -11.06 -18.02 -25.65
C LEU C 70 -9.81 -18.90 -25.55
N THR C 71 -9.94 -20.01 -24.80
CA THR C 71 -8.91 -21.03 -24.70
C THR C 71 -9.22 -22.13 -25.73
N LYS C 72 -8.22 -22.48 -26.55
CA LYS C 72 -8.40 -23.43 -27.63
C LYS C 72 -8.87 -24.76 -27.05
N GLY C 73 -10.17 -25.04 -27.20
CA GLY C 73 -10.79 -26.25 -26.66
C GLY C 73 -12.13 -26.54 -27.32
N ASP C 74 -12.65 -27.73 -27.06
CA ASP C 74 -13.90 -28.21 -27.65
C ASP C 74 -15.08 -27.38 -27.15
N MET C 75 -14.97 -26.86 -25.91
CA MET C 75 -15.99 -26.02 -25.31
C MET C 75 -16.11 -24.71 -26.07
N ALA C 76 -14.97 -24.10 -26.40
CA ALA C 76 -14.93 -22.85 -27.19
C ALA C 76 -15.73 -23.02 -28.48
N ASN C 77 -15.67 -24.23 -29.07
CA ASN C 77 -16.31 -24.54 -30.34
C ASN C 77 -17.82 -24.79 -30.16
N ARG C 78 -18.30 -24.81 -28.92
CA ARG C 78 -19.74 -24.92 -28.64
C ARG C 78 -20.40 -23.54 -28.75
N ILE C 79 -19.58 -22.49 -28.78
CA ILE C 79 -20.05 -21.13 -29.06
C ILE C 79 -20.19 -20.99 -30.57
N PRO C 80 -21.32 -20.46 -31.09
CA PRO C 80 -21.48 -20.23 -32.53
C PRO C 80 -20.71 -18.97 -32.99
N LEU C 81 -20.37 -18.93 -34.28
CA LEU C 81 -19.62 -17.83 -34.89
C LEU C 81 -20.42 -16.53 -34.77
N GLU C 82 -21.75 -16.63 -34.91
CA GLU C 82 -22.64 -15.49 -34.69
C GLU C 82 -24.00 -15.98 -34.16
N TYR C 83 -24.76 -15.03 -33.60
CA TYR C 83 -26.09 -15.29 -33.05
C TYR C 83 -26.99 -14.09 -33.38
N LYS C 84 -28.01 -14.34 -34.22
CA LYS C 84 -29.00 -13.34 -34.63
C LYS C 84 -28.29 -12.05 -35.06
N GLY C 85 -27.36 -12.19 -36.01
CA GLY C 85 -26.64 -11.08 -36.62
C GLY C 85 -25.71 -10.38 -35.65
N ILE C 86 -25.11 -11.14 -34.73
CA ILE C 86 -24.10 -10.64 -33.81
C ILE C 86 -22.87 -11.55 -33.91
N GLN C 87 -21.76 -11.00 -34.39
CA GLN C 87 -20.48 -11.68 -34.45
C GLN C 87 -19.98 -11.95 -33.03
N LEU C 88 -20.18 -13.19 -32.56
CA LEU C 88 -19.85 -13.57 -31.19
C LEU C 88 -18.33 -13.83 -31.08
N LYS C 89 -17.76 -14.48 -32.09
CA LYS C 89 -16.33 -14.75 -32.12
C LYS C 89 -15.80 -14.72 -33.55
N THR C 90 -14.46 -14.67 -33.65
CA THR C 90 -13.76 -14.64 -34.93
C THR C 90 -12.95 -15.93 -35.10
N ASN C 91 -12.46 -16.16 -36.32
CA ASN C 91 -11.61 -17.31 -36.65
C ASN C 91 -10.18 -17.02 -36.19
N ALA C 92 -9.79 -15.75 -36.23
CA ALA C 92 -8.44 -15.30 -35.88
C ALA C 92 -8.12 -15.71 -34.44
N GLU C 93 -6.96 -16.36 -34.26
CA GLU C 93 -6.52 -16.88 -32.96
C GLU C 93 -5.69 -15.81 -32.25
N ASP C 94 -5.83 -15.76 -30.92
CA ASP C 94 -5.11 -14.83 -30.07
C ASP C 94 -3.64 -15.26 -30.00
N ILE C 95 -2.76 -14.30 -29.74
CA ILE C 95 -1.32 -14.52 -29.64
C ILE C 95 -1.04 -15.33 -28.38
N GLY C 96 -1.71 -14.97 -27.28
CA GLY C 96 -1.52 -15.59 -25.97
C GLY C 96 -2.14 -16.98 -25.88
N THR C 97 -3.48 -17.03 -25.89
CA THR C 97 -4.23 -18.25 -25.60
C THR C 97 -4.21 -19.22 -26.80
N LYS C 98 -3.79 -18.72 -27.97
CA LYS C 98 -3.76 -19.48 -29.22
C LYS C 98 -5.16 -20.04 -29.51
N GLY C 99 -6.18 -19.27 -29.13
CA GLY C 99 -7.59 -19.63 -29.31
C GLY C 99 -8.36 -18.48 -29.93
N GLN C 100 -9.52 -18.81 -30.52
CA GLN C 100 -10.36 -17.85 -31.22
C GLN C 100 -10.69 -16.67 -30.29
N MET C 101 -10.60 -15.45 -30.83
CA MET C 101 -11.00 -14.24 -30.12
C MET C 101 -12.51 -14.06 -30.26
N CYS C 102 -13.12 -13.33 -29.32
CA CYS C 102 -14.57 -13.16 -29.27
C CYS C 102 -14.95 -11.79 -28.68
N SER C 103 -16.22 -11.44 -28.83
CA SER C 103 -16.82 -10.24 -28.25
C SER C 103 -17.31 -10.55 -26.83
N ILE C 104 -17.64 -9.49 -26.10
CA ILE C 104 -18.23 -9.60 -24.76
C ILE C 104 -19.62 -10.24 -24.85
N ALA C 105 -20.27 -10.12 -26.01
CA ALA C 105 -21.57 -10.73 -26.26
C ALA C 105 -21.49 -12.26 -26.17
N ALA C 106 -20.30 -12.82 -26.43
CA ALA C 106 -20.05 -14.26 -26.29
C ALA C 106 -20.34 -14.71 -24.85
N VAL C 107 -19.77 -13.98 -23.88
CA VAL C 107 -19.96 -14.25 -22.46
C VAL C 107 -21.46 -14.32 -22.18
N THR C 108 -22.18 -13.27 -22.61
CA THR C 108 -23.61 -13.13 -22.40
C THR C 108 -24.34 -14.30 -23.06
N TRP C 109 -23.90 -14.70 -24.25
CA TRP C 109 -24.50 -15.85 -24.94
C TRP C 109 -24.32 -17.10 -24.07
N TRP C 110 -23.07 -17.39 -23.68
CA TRP C 110 -22.74 -18.59 -22.91
C TRP C 110 -23.65 -18.69 -21.66
N ASN C 111 -23.84 -17.56 -20.98
CA ASN C 111 -24.61 -17.50 -19.74
C ASN C 111 -26.11 -17.69 -20.00
N THR C 112 -26.55 -17.52 -21.26
CA THR C 112 -27.97 -17.58 -21.62
C THR C 112 -28.33 -18.93 -22.25
N TYR C 113 -27.53 -19.38 -23.24
CA TYR C 113 -27.84 -20.57 -24.03
C TYR C 113 -26.67 -21.57 -24.05
N GLY C 114 -25.65 -21.36 -23.20
CA GLY C 114 -24.48 -22.24 -23.16
C GLY C 114 -24.79 -23.57 -22.46
N PRO C 115 -23.83 -24.52 -22.43
CA PRO C 115 -24.03 -25.78 -21.72
C PRO C 115 -24.10 -25.57 -20.20
N ILE C 116 -24.87 -26.43 -19.51
CA ILE C 116 -25.11 -26.31 -18.07
C ILE C 116 -24.20 -27.32 -17.35
N GLY C 117 -23.12 -26.80 -16.76
CA GLY C 117 -22.09 -27.62 -16.10
C GLY C 117 -22.50 -28.00 -14.69
N ASP C 118 -21.67 -28.85 -14.06
CA ASP C 118 -21.91 -29.36 -12.71
C ASP C 118 -21.28 -28.40 -11.70
N THR C 119 -22.08 -27.99 -10.71
CA THR C 119 -21.65 -27.07 -9.64
C THR C 119 -21.63 -27.81 -8.30
N GLU C 120 -21.14 -29.04 -8.30
CA GLU C 120 -21.13 -29.91 -7.11
C GLU C 120 -19.92 -29.54 -6.25
N GLY C 121 -20.16 -29.35 -4.95
CA GLY C 121 -19.14 -29.03 -3.97
C GLY C 121 -18.65 -27.59 -4.06
N PHE C 122 -19.43 -26.73 -4.73
CA PHE C 122 -19.10 -25.32 -4.91
C PHE C 122 -19.18 -24.61 -3.56
N GLU C 123 -20.26 -24.87 -2.83
CA GLU C 123 -20.54 -24.27 -1.52
C GLU C 123 -19.53 -24.79 -0.48
N ARG C 124 -18.97 -25.98 -0.71
CA ARG C 124 -17.93 -26.54 0.15
C ARG C 124 -16.59 -25.86 -0.16
N VAL C 125 -16.29 -25.67 -1.44
CA VAL C 125 -15.05 -25.01 -1.88
C VAL C 125 -15.01 -23.58 -1.33
N TYR C 126 -16.11 -22.84 -1.54
CA TYR C 126 -16.17 -21.39 -1.22
C TYR C 126 -16.90 -21.17 0.13
N GLU C 127 -16.74 -22.11 1.07
CA GLU C 127 -17.42 -22.09 2.37
C GLU C 127 -17.08 -20.80 3.11
N SER C 128 -15.79 -20.43 3.07
CA SER C 128 -15.24 -19.22 3.65
C SER C 128 -16.16 -18.02 3.39
N PHE C 129 -16.53 -17.84 2.11
CA PHE C 129 -17.32 -16.68 1.69
C PHE C 129 -18.77 -16.82 2.15
N PHE C 130 -19.31 -18.04 2.06
CA PHE C 130 -20.69 -18.32 2.46
C PHE C 130 -20.87 -18.03 3.96
N LEU C 131 -19.86 -18.39 4.77
CA LEU C 131 -19.89 -18.08 6.21
C LEU C 131 -19.95 -16.55 6.40
N ARG C 132 -19.15 -15.83 5.61
CA ARG C 132 -19.06 -14.36 5.63
C ARG C 132 -20.46 -13.76 5.45
N LYS C 133 -21.22 -14.32 4.50
CA LYS C 133 -22.57 -13.88 4.17
C LYS C 133 -23.54 -14.31 5.29
N MET C 134 -23.37 -15.55 5.76
CA MET C 134 -24.19 -16.12 6.83
C MET C 134 -24.11 -15.24 8.09
N ARG C 135 -22.91 -14.73 8.39
CA ARG C 135 -22.69 -13.86 9.56
C ARG C 135 -23.46 -12.54 9.43
N LEU C 136 -23.54 -11.99 8.21
CA LEU C 136 -24.34 -10.79 7.94
C LEU C 136 -25.83 -11.13 7.99
N ASP C 137 -26.20 -12.27 7.42
CA ASP C 137 -27.60 -12.68 7.27
C ASP C 137 -28.21 -12.95 8.65
N ASN C 138 -27.54 -13.79 9.45
CA ASN C 138 -28.02 -14.14 10.78
C ASN C 138 -27.45 -13.15 11.81
N ALA C 139 -27.67 -11.85 11.56
CA ALA C 139 -27.19 -10.78 12.42
C ALA C 139 -28.38 -10.03 13.02
N THR C 140 -28.07 -9.09 13.93
CA THR C 140 -29.03 -8.17 14.51
C THR C 140 -28.37 -6.79 14.66
N TRP C 141 -29.05 -5.77 14.15
CA TRP C 141 -28.60 -4.39 14.21
C TRP C 141 -29.30 -3.66 15.36
N GLY C 142 -28.52 -2.92 16.14
CA GLY C 142 -29.03 -2.11 17.24
C GLY C 142 -29.40 -0.73 16.75
N ARG C 143 -28.96 0.29 17.49
CA ARG C 143 -29.28 1.69 17.22
C ARG C 143 -28.03 2.41 16.72
N ILE C 144 -28.23 3.39 15.84
CA ILE C 144 -27.19 4.34 15.49
C ILE C 144 -27.22 5.47 16.52
N THR C 145 -26.03 5.96 16.87
CA THR C 145 -25.83 6.96 17.90
C THR C 145 -24.84 8.01 17.36
N PHE C 146 -25.21 9.29 17.51
CA PHE C 146 -24.41 10.41 17.07
C PHE C 146 -23.69 11.00 18.28
N GLY C 147 -22.35 11.12 18.16
CA GLY C 147 -21.50 11.57 19.24
C GLY C 147 -20.04 11.23 18.97
N PRO C 148 -19.07 11.92 19.61
CA PRO C 148 -17.66 11.76 19.27
C PRO C 148 -17.15 10.34 19.52
N VAL C 149 -16.42 9.79 18.54
CA VAL C 149 -15.79 8.48 18.63
C VAL C 149 -14.28 8.66 18.40
N GLU C 150 -13.48 8.31 19.41
CA GLU C 150 -12.03 8.30 19.30
C GLU C 150 -11.61 6.95 18.71
N ARG C 151 -11.24 6.98 17.42
CA ARG C 151 -10.76 5.80 16.71
C ARG C 151 -9.24 5.69 16.93
N VAL C 152 -8.78 4.48 17.25
CA VAL C 152 -7.35 4.19 17.46
C VAL C 152 -6.90 3.23 16.35
N ARG C 153 -5.72 3.50 15.78
CA ARG C 153 -5.19 2.73 14.66
C ARG C 153 -4.38 1.56 15.21
N LYS C 154 -4.95 0.34 15.10
CA LYS C 154 -4.34 -0.88 15.65
C LYS C 154 -4.30 -1.98 14.59
N ARG C 155 -3.34 -2.90 14.76
CA ARG C 155 -3.12 -4.02 13.84
C ARG C 155 -4.09 -5.16 14.20
N VAL C 156 -5.05 -5.41 13.30
CA VAL C 156 -6.17 -6.31 13.56
C VAL C 156 -6.32 -7.32 12.41
N LEU C 157 -7.03 -8.40 12.70
CA LEU C 157 -7.33 -9.48 11.77
C LEU C 157 -8.54 -9.10 10.92
N LEU C 158 -8.41 -9.24 9.60
CA LEU C 158 -9.42 -8.79 8.64
C LEU C 158 -10.51 -9.86 8.45
N ASN C 159 -10.12 -11.14 8.53
CA ASN C 159 -11.02 -12.25 8.19
C ASN C 159 -10.88 -13.38 9.20
N PRO C 160 -12.00 -13.94 9.71
CA PRO C 160 -11.97 -15.09 10.60
C PRO C 160 -11.34 -16.33 9.93
N LEU C 161 -10.39 -16.96 10.62
CA LEU C 161 -9.70 -18.16 10.14
C LEU C 161 -10.34 -19.39 10.77
N THR C 162 -10.24 -20.53 10.07
CA THR C 162 -10.68 -21.81 10.60
C THR C 162 -9.68 -22.28 11.67
N LYS C 163 -8.39 -22.23 11.32
CA LYS C 163 -7.27 -22.42 12.24
C LYS C 163 -6.09 -21.55 11.78
N GLU C 164 -5.49 -20.81 12.72
CA GLU C 164 -4.39 -19.88 12.42
C GLU C 164 -3.05 -20.63 12.50
N MET C 165 -2.22 -20.43 11.47
CA MET C 165 -0.88 -21.00 11.38
C MET C 165 0.06 -19.96 10.77
N PRO C 166 1.39 -20.06 10.95
CA PRO C 166 2.34 -19.31 10.14
C PRO C 166 2.20 -19.64 8.65
N PRO C 167 2.66 -18.77 7.73
CA PRO C 167 2.56 -19.02 6.30
C PRO C 167 3.13 -20.38 5.88
N ASP C 168 4.30 -20.73 6.44
CA ASP C 168 5.05 -21.93 6.10
C ASP C 168 4.27 -23.18 6.57
N GLU C 169 3.80 -23.15 7.82
CA GLU C 169 3.00 -24.23 8.40
C GLU C 169 1.72 -24.42 7.58
N ALA C 170 1.06 -23.30 7.24
CA ALA C 170 -0.17 -23.34 6.44
C ALA C 170 0.11 -23.94 5.05
N SER C 171 1.19 -23.47 4.42
CA SER C 171 1.59 -23.88 3.07
C SER C 171 1.75 -25.41 2.99
N ASN C 172 2.37 -25.99 4.02
CA ASN C 172 2.64 -27.43 4.08
C ASN C 172 1.34 -28.20 4.32
N VAL C 173 0.44 -27.63 5.13
CA VAL C 173 -0.87 -28.22 5.39
C VAL C 173 -1.68 -28.23 4.09
N ILE C 174 -1.60 -27.13 3.33
CA ILE C 174 -2.29 -27.00 2.04
C ILE C 174 -1.74 -28.06 1.06
N MET C 175 -0.42 -28.26 1.09
CA MET C 175 0.26 -29.22 0.21
C MET C 175 -0.28 -30.64 0.46
N GLU C 176 -0.42 -31.01 1.74
CA GLU C 176 -0.85 -32.35 2.14
C GLU C 176 -2.27 -32.65 1.62
N ILE C 177 -3.10 -31.60 1.53
CA ILE C 177 -4.49 -31.73 1.10
C ILE C 177 -4.53 -31.99 -0.42
N LEU C 178 -3.88 -31.11 -1.19
CA LEU C 178 -4.06 -31.01 -2.65
C LEU C 178 -3.01 -31.82 -3.40
N PHE C 179 -1.73 -31.67 -3.01
CA PHE C 179 -0.59 -32.24 -3.75
C PHE C 179 0.26 -33.10 -2.81
N PRO C 180 -0.20 -34.31 -2.41
CA PRO C 180 0.52 -35.13 -1.45
C PRO C 180 1.94 -35.53 -1.89
N LYS C 181 2.08 -35.86 -3.18
CA LYS C 181 3.32 -36.41 -3.72
C LYS C 181 4.44 -35.35 -3.63
N GLU C 182 4.12 -34.10 -3.97
CA GLU C 182 5.11 -33.02 -4.02
C GLU C 182 5.08 -32.22 -2.71
N ALA C 183 5.05 -32.92 -1.57
CA ALA C 183 4.95 -32.30 -0.25
C ALA C 183 6.34 -31.97 0.30
N GLY C 184 7.30 -32.88 0.07
CA GLY C 184 8.68 -32.72 0.52
C GLY C 184 8.92 -33.48 1.82
N ILE C 185 9.69 -32.86 2.73
CA ILE C 185 10.03 -33.43 4.02
C ILE C 185 8.80 -33.34 4.94
N PRO C 186 8.34 -34.47 5.53
CA PRO C 186 7.26 -34.41 6.53
C PRO C 186 7.70 -33.66 7.80
N ARG C 187 7.02 -32.54 8.07
CA ARG C 187 7.24 -31.73 9.27
C ARG C 187 6.29 -32.25 10.36
N GLU C 188 6.62 -31.94 11.62
CA GLU C 188 5.76 -32.32 12.76
C GLU C 188 4.40 -31.65 12.61
N SER C 189 4.35 -30.49 11.94
CA SER C 189 3.12 -29.74 11.68
C SER C 189 2.07 -30.61 10.97
N THR C 190 2.52 -31.57 10.15
CA THR C 190 1.62 -32.49 9.43
C THR C 190 0.73 -33.25 10.43
N TRP C 191 1.35 -33.74 11.50
CA TRP C 191 0.67 -34.55 12.52
C TRP C 191 -0.29 -33.68 13.35
N ILE C 192 0.07 -32.40 13.56
CA ILE C 192 -0.66 -31.50 14.47
C ILE C 192 -2.04 -31.20 13.88
N HIS C 193 -2.12 -31.01 12.56
CA HIS C 193 -3.36 -30.67 11.87
C HIS C 193 -3.89 -31.87 11.07
N ARG C 194 -3.65 -33.08 11.60
CA ARG C 194 -3.97 -34.34 10.92
C ARG C 194 -5.47 -34.42 10.64
N GLU C 195 -6.30 -33.96 11.59
CA GLU C 195 -7.77 -34.03 11.47
C GLU C 195 -8.27 -32.99 10.47
N LEU C 196 -7.62 -31.81 10.43
CA LEU C 196 -7.99 -30.73 9.51
C LEU C 196 -7.77 -31.18 8.06
N ILE C 197 -6.59 -31.74 7.80
CA ILE C 197 -6.21 -32.25 6.48
C ILE C 197 -7.23 -33.31 6.06
N LYS C 198 -7.44 -34.31 6.92
CA LYS C 198 -8.38 -35.42 6.70
C LYS C 198 -9.78 -34.85 6.39
N GLU C 199 -10.22 -33.90 7.21
CA GLU C 199 -11.55 -33.28 7.06
C GLU C 199 -11.64 -32.59 5.69
N LYS C 200 -10.70 -31.68 5.41
CA LYS C 200 -10.71 -30.84 4.21
C LYS C 200 -10.64 -31.72 2.95
N ARG C 201 -9.74 -32.72 3.00
CA ARG C 201 -9.48 -33.60 1.86
C ARG C 201 -10.75 -34.39 1.50
N GLU C 202 -11.56 -34.72 2.51
CA GLU C 202 -12.84 -35.42 2.32
C GLU C 202 -13.89 -34.47 1.72
N LYS C 203 -13.89 -33.21 2.19
CA LYS C 203 -14.88 -32.22 1.76
C LYS C 203 -14.60 -31.76 0.32
N LEU C 204 -13.32 -31.59 -0.03
CA LEU C 204 -12.92 -31.10 -1.36
C LEU C 204 -12.73 -32.27 -2.34
N LYS C 205 -13.00 -33.51 -1.90
CA LYS C 205 -12.77 -34.71 -2.70
C LYS C 205 -13.65 -34.66 -3.95
N GLY C 206 -14.96 -34.50 -3.73
CA GLY C 206 -15.93 -34.30 -4.79
C GLY C 206 -15.92 -32.86 -5.28
N THR C 207 -15.17 -32.61 -6.36
CA THR C 207 -15.04 -31.28 -6.96
C THR C 207 -14.48 -31.40 -8.38
N MET C 208 -14.77 -30.39 -9.21
CA MET C 208 -14.21 -30.24 -10.54
C MET C 208 -13.69 -28.80 -10.74
N ILE C 209 -13.34 -28.15 -9.63
CA ILE C 209 -12.74 -26.80 -9.64
C ILE C 209 -11.21 -26.98 -9.70
N THR C 210 -10.54 -26.01 -10.34
CA THR C 210 -9.09 -26.06 -10.56
C THR C 210 -8.37 -26.06 -9.21
N PRO C 211 -7.38 -26.96 -8.99
CA PRO C 211 -6.67 -27.05 -7.71
C PRO C 211 -6.01 -25.76 -7.22
N ILE C 212 -5.55 -24.92 -8.16
CA ILE C 212 -4.87 -23.66 -7.84
C ILE C 212 -5.86 -22.70 -7.14
N VAL C 213 -7.14 -22.78 -7.50
CA VAL C 213 -8.20 -21.99 -6.87
C VAL C 213 -8.47 -22.55 -5.47
N LEU C 214 -8.53 -23.88 -5.37
CA LEU C 214 -8.72 -24.58 -4.10
C LEU C 214 -7.58 -24.23 -3.14
N ALA C 215 -6.36 -24.07 -3.68
CA ALA C 215 -5.17 -23.75 -2.89
C ALA C 215 -5.34 -22.38 -2.20
N TYR C 216 -5.69 -21.37 -3.00
CA TYR C 216 -5.77 -19.98 -2.51
C TYR C 216 -6.96 -19.81 -1.57
N MET C 217 -8.02 -20.62 -1.75
CA MET C 217 -9.19 -20.57 -0.89
C MET C 217 -8.84 -21.08 0.51
N LEU C 218 -8.10 -22.18 0.57
CA LEU C 218 -7.63 -22.74 1.85
C LEU C 218 -6.66 -21.76 2.51
N GLU C 219 -5.79 -21.16 1.70
CA GLU C 219 -4.82 -20.17 2.17
C GLU C 219 -5.55 -18.98 2.81
N ARG C 220 -6.69 -18.59 2.22
CA ARG C 220 -7.49 -17.46 2.69
C ARG C 220 -8.02 -17.73 4.11
N GLU C 221 -8.31 -19.01 4.41
CA GLU C 221 -8.91 -19.41 5.70
C GLU C 221 -7.89 -20.19 6.55
N LEU C 222 -6.60 -19.98 6.31
CA LEU C 222 -5.53 -20.52 7.16
C LEU C 222 -4.46 -19.46 7.43
N VAL C 223 -3.99 -18.79 6.37
CA VAL C 223 -3.07 -17.67 6.50
C VAL C 223 -3.85 -16.46 7.03
N ALA C 224 -3.26 -15.76 8.00
CA ALA C 224 -3.87 -14.63 8.67
C ALA C 224 -3.65 -13.35 7.85
N ARG C 225 -4.72 -12.60 7.63
CA ARG C 225 -4.66 -11.26 7.05
C ARG C 225 -4.77 -10.23 8.18
N ARG C 226 -3.61 -9.82 8.71
CA ARG C 226 -3.54 -8.94 9.88
C ARG C 226 -2.92 -7.61 9.43
N ARG C 227 -3.74 -6.54 9.48
CA ARG C 227 -3.35 -5.21 8.98
C ARG C 227 -3.83 -4.13 9.94
N PHE C 228 -3.20 -2.96 9.86
CA PHE C 228 -3.53 -1.80 10.69
C PHE C 228 -4.86 -1.20 10.22
N LEU C 229 -5.75 -0.90 11.17
CA LEU C 229 -7.03 -0.26 10.90
C LEU C 229 -7.41 0.66 12.05
N PRO C 230 -8.18 1.74 11.79
CA PRO C 230 -8.79 2.54 12.85
C PRO C 230 -10.01 1.80 13.43
N VAL C 231 -9.90 1.40 14.70
CA VAL C 231 -10.92 0.65 15.41
C VAL C 231 -11.32 1.45 16.67
N ALA C 232 -12.47 1.08 17.24
CA ALA C 232 -13.00 1.71 18.43
C ALA C 232 -13.93 0.75 19.18
N GLY C 233 -13.31 -0.15 19.97
CA GLY C 233 -14.01 -1.02 20.90
C GLY C 233 -14.49 -2.33 20.27
N ALA C 234 -13.88 -2.71 19.14
CA ALA C 234 -14.22 -3.96 18.44
C ALA C 234 -13.02 -4.42 17.61
N THR C 235 -12.35 -5.49 18.09
CA THR C 235 -11.13 -6.04 17.49
C THR C 235 -11.42 -7.38 16.79
N SER C 236 -12.44 -8.10 17.25
CA SER C 236 -12.77 -9.44 16.74
C SER C 236 -12.98 -9.37 15.22
N ALA C 237 -12.42 -10.35 14.50
CA ALA C 237 -12.42 -10.38 13.03
C ALA C 237 -13.84 -10.22 12.49
N GLU C 238 -14.78 -10.99 13.07
CA GLU C 238 -16.19 -11.00 12.63
C GLU C 238 -16.82 -9.61 12.82
N PHE C 239 -16.21 -8.78 13.67
CA PHE C 239 -16.57 -7.35 13.80
C PHE C 239 -15.79 -6.51 12.78
N ILE C 240 -14.49 -6.77 12.65
CA ILE C 240 -13.60 -6.01 11.77
C ILE C 240 -14.13 -6.07 10.32
N GLU C 241 -14.60 -7.25 9.89
CA GLU C 241 -15.06 -7.43 8.50
C GLU C 241 -16.21 -6.46 8.19
N MET C 242 -16.94 -6.03 9.23
CA MET C 242 -18.06 -5.08 9.13
C MET C 242 -17.66 -3.71 9.69
N LEU C 243 -16.36 -3.40 9.72
CA LEU C 243 -15.84 -2.19 10.39
C LEU C 243 -16.44 -0.92 9.80
N HIS C 244 -16.73 -0.96 8.49
CA HIS C 244 -17.27 0.22 7.77
C HIS C 244 -18.65 0.61 8.31
N CYS C 245 -19.42 -0.37 8.78
CA CYS C 245 -20.77 -0.13 9.29
C CYS C 245 -20.80 -0.04 10.83
N LEU C 246 -19.66 -0.26 11.48
CA LEU C 246 -19.59 -0.29 12.95
C LEU C 246 -19.59 1.13 13.51
N GLN C 247 -18.75 2.01 12.96
CA GLN C 247 -18.69 3.40 13.42
C GLN C 247 -17.97 4.28 12.39
N GLY C 248 -18.15 5.60 12.56
CA GLY C 248 -17.29 6.63 11.99
C GLY C 248 -16.64 7.44 13.10
N GLU C 249 -16.19 8.66 12.77
CA GLU C 249 -15.54 9.55 13.74
C GLU C 249 -16.59 10.16 14.68
N ASN C 250 -17.82 10.34 14.19
CA ASN C 250 -18.85 11.14 14.85
C ASN C 250 -20.16 10.36 15.00
N TRP C 251 -20.10 9.03 14.89
CA TRP C 251 -21.30 8.18 15.00
C TRP C 251 -20.88 6.74 15.27
N ARG C 252 -21.83 5.94 15.77
CA ARG C 252 -21.58 4.55 16.15
C ARG C 252 -22.86 3.74 15.97
N GLN C 253 -22.71 2.53 15.40
CA GLN C 253 -23.82 1.62 15.09
C GLN C 253 -23.58 0.28 15.80
N ILE C 254 -24.59 -0.18 16.56
CA ILE C 254 -24.53 -1.46 17.25
C ILE C 254 -24.86 -2.58 16.24
N TYR C 255 -24.04 -3.63 16.25
CA TYR C 255 -24.17 -4.75 15.30
C TYR C 255 -23.74 -6.05 16.00
N HIS C 256 -24.57 -7.09 15.87
CA HIS C 256 -24.28 -8.41 16.43
C HIS C 256 -24.10 -9.44 15.32
N PRO C 257 -22.88 -9.95 15.08
CA PRO C 257 -22.66 -11.02 14.09
C PRO C 257 -23.49 -12.28 14.33
N GLY C 258 -23.29 -13.29 13.48
CA GLY C 258 -24.02 -14.55 13.54
C GLY C 258 -23.13 -15.72 13.89
N GLY C 259 -23.74 -16.91 13.95
CA GLY C 259 -23.04 -18.18 14.18
C GLY C 259 -22.59 -18.33 15.62
N ASN C 260 -21.28 -18.27 15.83
CA ASN C 260 -20.65 -18.50 17.13
C ASN C 260 -19.74 -17.33 17.47
N LYS C 261 -19.37 -17.24 18.76
CA LYS C 261 -18.37 -16.30 19.24
C LYS C 261 -17.51 -17.01 20.30
N LEU C 262 -16.19 -16.79 20.20
CA LEU C 262 -15.19 -17.49 21.00
C LEU C 262 -15.30 -17.06 22.47
N THR C 263 -15.03 -18.00 23.38
CA THR C 263 -15.15 -17.79 24.82
C THR C 263 -13.97 -16.94 25.32
N GLU C 264 -12.81 -17.12 24.68
CA GLU C 264 -11.61 -16.31 24.97
C GLU C 264 -11.86 -14.84 24.61
N SER C 265 -12.54 -14.61 23.48
CA SER C 265 -12.88 -13.25 23.03
C SER C 265 -13.94 -12.64 23.96
N ARG C 266 -14.87 -13.48 24.45
CA ARG C 266 -15.82 -13.07 25.49
C ARG C 266 -15.06 -12.68 26.76
N SER C 267 -14.08 -13.51 27.14
CA SER C 267 -13.29 -13.35 28.36
C SER C 267 -12.56 -12.00 28.39
N GLN C 268 -11.82 -11.70 27.32
CA GLN C 268 -10.91 -10.53 27.30
C GLN C 268 -11.74 -9.25 27.18
N SER C 269 -12.89 -9.31 26.51
CA SER C 269 -13.79 -8.17 26.38
C SER C 269 -14.49 -7.91 27.72
N MET C 270 -14.82 -8.99 28.42
CA MET C 270 -15.43 -8.97 29.75
C MET C 270 -14.53 -8.22 30.73
N ILE C 271 -13.22 -8.47 30.65
CA ILE C 271 -12.22 -7.82 31.50
C ILE C 271 -12.26 -6.31 31.27
N VAL C 272 -12.17 -5.89 30.00
CA VAL C 272 -12.08 -4.48 29.61
C VAL C 272 -13.27 -3.71 30.21
N ALA C 273 -14.47 -4.30 30.11
CA ALA C 273 -15.70 -3.70 30.64
C ALA C 273 -15.55 -3.43 32.14
N CYS C 274 -15.20 -4.49 32.88
CA CYS C 274 -15.06 -4.45 34.35
C CYS C 274 -14.08 -3.34 34.77
N ARG C 275 -12.97 -3.22 34.04
CA ARG C 275 -11.94 -2.21 34.33
C ARG C 275 -12.51 -0.80 34.12
N LYS C 276 -13.23 -0.61 33.01
CA LYS C 276 -13.84 0.67 32.65
C LYS C 276 -14.88 1.08 33.72
N ILE C 277 -15.67 0.11 34.19
CA ILE C 277 -16.69 0.36 35.22
C ILE C 277 -16.01 0.86 36.50
N ILE C 278 -15.01 0.10 36.96
CA ILE C 278 -14.25 0.41 38.18
C ILE C 278 -13.56 1.77 38.03
N ARG C 279 -12.96 2.01 36.86
CA ARG C 279 -12.17 3.23 36.62
C ARG C 279 -13.05 4.48 36.75
N ARG C 280 -14.34 4.35 36.42
CA ARG C 280 -15.31 5.46 36.51
C ARG C 280 -15.96 5.50 37.89
N SER C 281 -16.23 4.32 38.47
CA SER C 281 -16.94 4.21 39.75
C SER C 281 -16.13 4.79 40.91
N ILE C 282 -14.80 4.69 40.83
CA ILE C 282 -13.85 5.11 41.87
C ILE C 282 -14.13 6.55 42.32
N VAL C 283 -14.47 7.42 41.35
CA VAL C 283 -14.55 8.86 41.56
C VAL C 283 -15.84 9.24 42.31
N ALA C 284 -16.90 8.43 42.15
CA ALA C 284 -18.18 8.67 42.82
C ALA C 284 -18.07 8.31 44.30
N SER C 285 -18.83 9.03 45.14
CA SER C 285 -19.03 8.65 46.55
C SER C 285 -19.98 7.45 46.61
N ASN C 286 -19.55 6.39 47.32
CA ASN C 286 -20.16 5.06 47.27
C ASN C 286 -19.93 4.45 45.89
N PRO C 287 -18.66 4.17 45.50
CA PRO C 287 -18.36 3.54 44.22
C PRO C 287 -19.17 2.26 43.93
N LEU C 288 -19.40 1.44 44.96
CA LEU C 288 -20.14 0.18 44.80
C LEU C 288 -21.53 0.46 44.24
N GLU C 289 -22.16 1.56 44.67
CA GLU C 289 -23.49 1.96 44.19
C GLU C 289 -23.48 2.04 42.66
N LEU C 290 -22.54 2.83 42.13
CA LEU C 290 -22.43 3.13 40.71
C LEU C 290 -21.95 1.89 39.95
N ALA C 291 -20.99 1.16 40.53
CA ALA C 291 -20.46 -0.06 39.97
C ALA C 291 -21.61 -1.04 39.65
N VAL C 292 -22.51 -1.22 40.62
CA VAL C 292 -23.66 -2.12 40.48
C VAL C 292 -24.62 -1.56 39.43
N GLU C 293 -24.89 -0.24 39.50
CA GLU C 293 -25.81 0.44 38.58
C GLU C 293 -25.45 0.10 37.14
N ILE C 294 -24.16 0.23 36.81
CA ILE C 294 -23.67 0.08 35.44
C ILE C 294 -23.62 -1.41 35.05
N ALA C 295 -22.96 -2.21 35.90
CA ALA C 295 -22.66 -3.62 35.62
C ALA C 295 -23.91 -4.40 35.19
N ASN C 296 -25.05 -4.11 35.84
CA ASN C 296 -26.31 -4.80 35.57
C ASN C 296 -26.82 -4.48 34.17
N LYS C 297 -26.53 -3.25 33.69
CA LYS C 297 -27.00 -2.77 32.39
C LYS C 297 -25.88 -2.84 31.34
N THR C 298 -24.71 -3.34 31.73
CA THR C 298 -23.59 -3.55 30.79
C THR C 298 -23.81 -4.86 30.03
N VAL C 299 -23.84 -4.75 28.70
CA VAL C 299 -23.99 -5.87 27.78
C VAL C 299 -22.70 -6.03 26.98
N ILE C 300 -22.30 -7.28 26.77
CA ILE C 300 -21.17 -7.64 25.90
C ILE C 300 -21.75 -8.35 24.66
N ASP C 301 -21.62 -7.67 23.52
CA ASP C 301 -22.31 -8.04 22.29
C ASP C 301 -23.80 -8.15 22.62
N THR C 302 -24.27 -9.36 22.95
CA THR C 302 -25.69 -9.60 23.30
C THR C 302 -25.83 -10.14 24.73
N GLU C 303 -24.73 -10.68 25.30
CA GLU C 303 -24.78 -11.37 26.59
C GLU C 303 -24.53 -10.36 27.71
N PRO C 304 -25.39 -10.30 28.75
CA PRO C 304 -25.15 -9.42 29.91
C PRO C 304 -23.84 -9.75 30.65
N LEU C 305 -23.22 -8.71 31.23
CA LEU C 305 -21.95 -8.84 31.94
C LEU C 305 -22.10 -9.80 33.14
N LYS C 306 -23.17 -9.60 33.92
CA LYS C 306 -23.48 -10.43 35.10
C LYS C 306 -23.58 -11.90 34.70
N SER C 307 -24.21 -12.16 33.55
CA SER C 307 -24.37 -13.51 33.00
C SER C 307 -23.01 -14.03 32.52
N CYS C 308 -22.23 -13.15 31.88
CA CYS C 308 -20.90 -13.50 31.35
C CYS C 308 -19.97 -13.93 32.49
N LEU C 309 -19.93 -13.13 33.56
CA LEU C 309 -19.05 -13.36 34.71
C LEU C 309 -19.40 -14.68 35.42
N ALA C 310 -20.69 -15.03 35.41
CA ALA C 310 -21.19 -16.29 35.98
C ALA C 310 -20.70 -17.48 35.14
N ALA C 311 -20.79 -17.35 33.81
CA ALA C 311 -20.53 -18.43 32.87
C ALA C 311 -19.02 -18.66 32.71
N ILE C 312 -18.26 -17.57 32.53
CA ILE C 312 -16.81 -17.65 32.31
C ILE C 312 -16.11 -17.89 33.65
N ASP C 313 -15.19 -18.87 33.65
CA ASP C 313 -14.37 -19.20 34.81
C ASP C 313 -12.94 -18.68 34.56
N GLY C 314 -12.72 -17.41 34.91
CA GLY C 314 -11.44 -16.73 34.72
C GLY C 314 -11.61 -15.23 34.78
N GLY C 315 -10.50 -14.50 34.65
CA GLY C 315 -10.50 -13.04 34.63
C GLY C 315 -9.65 -12.45 35.75
N ASP C 316 -9.39 -11.13 35.65
CA ASP C 316 -8.47 -10.42 36.53
C ASP C 316 -9.22 -9.90 37.76
N VAL C 317 -8.53 -9.04 38.53
CA VAL C 317 -9.03 -8.47 39.78
C VAL C 317 -10.39 -7.79 39.54
N ALA C 318 -10.46 -7.00 38.46
CA ALA C 318 -11.66 -6.24 38.10
C ALA C 318 -12.89 -7.15 37.98
N CYS C 319 -12.70 -8.30 37.33
CA CYS C 319 -13.78 -9.28 37.12
C CYS C 319 -14.32 -9.76 38.47
N ASP C 320 -13.40 -10.10 39.39
CA ASP C 320 -13.74 -10.59 40.72
C ASP C 320 -14.40 -9.48 41.56
N ILE C 321 -13.86 -8.26 41.48
CA ILE C 321 -14.44 -7.12 42.21
C ILE C 321 -15.92 -6.99 41.81
N ILE C 322 -16.18 -6.91 40.49
CA ILE C 322 -17.53 -6.72 39.98
C ILE C 322 -18.38 -7.97 40.31
N ARG C 323 -17.76 -9.15 40.23
CA ARG C 323 -18.42 -10.41 40.60
C ARG C 323 -18.94 -10.30 42.04
N ALA C 324 -18.08 -9.83 42.95
CA ALA C 324 -18.44 -9.63 44.35
C ALA C 324 -19.53 -8.55 44.47
N ALA C 325 -19.36 -7.46 43.72
CA ALA C 325 -20.30 -6.34 43.71
C ALA C 325 -21.71 -6.81 43.28
N LEU C 326 -21.75 -7.79 42.36
CA LEU C 326 -23.02 -8.34 41.86
C LEU C 326 -23.54 -9.44 42.81
N GLY C 327 -22.62 -10.18 43.43
CA GLY C 327 -22.94 -11.26 44.36
C GLY C 327 -22.75 -12.64 43.73
N LEU C 328 -21.53 -12.86 43.20
CA LEU C 328 -21.13 -14.10 42.54
C LEU C 328 -19.78 -14.55 43.13
N LYS C 329 -19.56 -15.86 43.17
CA LYS C 329 -18.32 -16.40 43.71
C LYS C 329 -17.14 -15.85 42.90
N ILE C 330 -16.23 -15.15 43.58
CA ILE C 330 -14.99 -14.66 42.98
C ILE C 330 -14.12 -15.89 42.66
N ARG C 331 -13.41 -15.82 41.52
CA ARG C 331 -12.43 -16.82 41.13
C ARG C 331 -11.03 -16.19 41.24
N GLN C 332 -10.15 -16.83 42.01
CA GLN C 332 -8.78 -16.35 42.18
C GLN C 332 -7.94 -16.82 40.97
N ARG C 333 -8.60 -17.38 39.95
CA ARG C 333 -7.96 -17.91 38.75
C ARG C 333 -7.47 -16.75 37.87
N GLN C 334 -6.18 -16.79 37.54
CA GLN C 334 -5.51 -15.84 36.65
C GLN C 334 -5.01 -16.59 35.42
N ARG C 335 -4.56 -15.84 34.41
CA ARG C 335 -3.99 -16.39 33.18
C ARG C 335 -2.77 -15.56 32.76
N PHE C 336 -1.81 -16.24 32.13
CA PHE C 336 -0.61 -15.64 31.56
C PHE C 336 -0.31 -16.34 30.23
N GLY C 337 -1.18 -16.07 29.25
CA GLY C 337 -1.16 -16.76 27.97
C GLY C 337 -1.57 -18.21 28.11
N ARG C 338 -0.59 -19.11 28.03
CA ARG C 338 -0.81 -20.56 28.09
C ARG C 338 -0.89 -21.03 29.55
N LEU C 339 -0.23 -20.29 30.46
CA LEU C 339 -0.19 -20.60 31.89
C LEU C 339 -1.50 -20.13 32.54
N GLU C 340 -2.08 -20.97 33.41
CA GLU C 340 -3.26 -20.65 34.20
C GLU C 340 -2.96 -20.88 35.69
N LEU C 341 -3.03 -19.80 36.49
CA LEU C 341 -2.68 -19.84 37.90
C LEU C 341 -3.95 -19.68 38.74
N LYS C 342 -3.84 -20.06 40.02
CA LYS C 342 -4.86 -19.81 41.03
C LYS C 342 -4.16 -19.65 42.38
N ARG C 343 -4.15 -18.42 42.91
CA ARG C 343 -3.42 -18.06 44.12
C ARG C 343 -4.04 -18.76 45.33
N ILE C 344 -3.20 -19.25 46.23
CA ILE C 344 -3.62 -19.85 47.51
C ILE C 344 -3.12 -18.97 48.66
N SER C 345 -1.82 -18.63 48.65
CA SER C 345 -1.20 -17.77 49.65
C SER C 345 -0.38 -16.66 48.97
N GLY C 346 -0.33 -15.49 49.61
CA GLY C 346 0.49 -14.35 49.16
C GLY C 346 -0.35 -13.13 48.84
N ARG C 347 0.34 -12.02 48.52
CA ARG C 347 -0.27 -10.76 48.15
C ARG C 347 0.62 -10.04 47.12
N GLY C 348 0.06 -9.70 45.96
CA GLY C 348 0.79 -9.09 44.86
C GLY C 348 0.88 -7.58 44.99
N PHE C 349 2.10 -7.04 44.79
CA PHE C 349 2.37 -5.61 44.82
C PHE C 349 3.15 -5.21 43.56
N LYS C 350 2.42 -4.95 42.47
CA LYS C 350 3.01 -4.56 41.19
C LYS C 350 3.60 -3.15 41.30
N ASN C 351 4.83 -2.98 40.79
CA ASN C 351 5.57 -1.72 40.91
C ASN C 351 6.56 -1.59 39.75
N ASP C 352 6.47 -0.48 39.00
CA ASP C 352 7.25 -0.25 37.79
C ASP C 352 8.71 0.04 38.16
N GLU C 353 9.64 -0.75 37.60
CA GLU C 353 11.09 -0.58 37.80
C GLU C 353 11.81 -0.77 36.46
N GLU C 354 13.06 -0.30 36.41
CA GLU C 354 13.89 -0.32 35.20
C GLU C 354 14.76 -1.58 35.20
N ILE C 355 14.27 -2.62 34.51
CA ILE C 355 14.96 -3.91 34.41
C ILE C 355 15.99 -3.83 33.27
N LEU C 356 17.22 -4.29 33.54
CA LEU C 356 18.27 -4.40 32.54
C LEU C 356 18.27 -5.84 32.01
N ILE C 357 18.11 -5.99 30.69
CA ILE C 357 18.00 -7.32 30.06
C ILE C 357 19.38 -7.75 29.51
N GLY C 358 19.51 -9.05 29.25
CA GLY C 358 20.77 -9.74 28.95
C GLY C 358 21.56 -9.10 27.81
N ASN C 359 20.88 -8.71 26.73
CA ASN C 359 21.54 -8.20 25.53
C ASN C 359 22.28 -6.88 25.84
N GLY C 360 21.68 -6.06 26.71
CA GLY C 360 22.31 -4.82 27.21
C GLY C 360 21.44 -3.61 26.93
N THR C 361 20.20 -3.66 27.41
CA THR C 361 19.26 -2.54 27.34
C THR C 361 18.36 -2.57 28.58
N ILE C 362 17.65 -1.44 28.80
CA ILE C 362 16.82 -1.23 29.97
C ILE C 362 15.36 -1.10 29.51
N GLN C 363 14.46 -1.80 30.22
CA GLN C 363 13.03 -1.81 29.94
C GLN C 363 12.25 -1.56 31.24
N LYS C 364 11.17 -0.79 31.14
CA LYS C 364 10.30 -0.47 32.26
C LYS C 364 9.23 -1.57 32.38
N ILE C 365 9.38 -2.42 33.41
CA ILE C 365 8.47 -3.53 33.69
C ILE C 365 7.89 -3.34 35.11
N GLY C 366 6.69 -3.87 35.31
CA GLY C 366 6.05 -3.94 36.63
C GLY C 366 6.44 -5.21 37.36
N ILE C 367 7.16 -5.07 38.47
CA ILE C 367 7.65 -6.18 39.29
C ILE C 367 6.71 -6.36 40.49
N TRP C 368 6.46 -7.62 40.85
CA TRP C 368 5.54 -8.01 41.91
C TRP C 368 6.33 -8.45 43.14
N ASP C 369 6.14 -7.73 44.25
CA ASP C 369 6.80 -8.01 45.53
C ASP C 369 6.04 -9.12 46.26
N GLY C 370 6.65 -9.61 47.36
CA GLY C 370 5.99 -10.53 48.29
C GLY C 370 6.14 -11.99 47.87
N GLU C 371 6.06 -12.87 48.86
CA GLU C 371 6.06 -14.32 48.65
C GLU C 371 4.64 -14.75 48.29
N GLU C 372 4.50 -15.51 47.19
CA GLU C 372 3.20 -15.95 46.68
C GLU C 372 3.31 -17.41 46.22
N GLU C 373 2.19 -18.14 46.38
CA GLU C 373 2.05 -19.52 45.93
C GLU C 373 0.80 -19.64 45.04
N PHE C 374 0.95 -20.34 43.91
CA PHE C 374 -0.11 -20.52 42.92
C PHE C 374 -0.20 -22.00 42.50
N HIS C 375 -1.38 -22.38 41.98
CA HIS C 375 -1.59 -23.67 41.34
C HIS C 375 -1.41 -23.51 39.82
N VAL C 376 -0.17 -23.70 39.35
CA VAL C 376 0.18 -23.57 37.94
C VAL C 376 -0.34 -24.79 37.16
N ARG C 377 -0.63 -24.59 35.88
CA ARG C 377 -1.20 -25.61 34.99
C ARG C 377 -0.82 -25.29 33.54
N CYS C 378 -0.64 -26.35 32.74
CA CYS C 378 -0.39 -26.23 31.30
C CYS C 378 -0.88 -27.51 30.60
N GLY C 379 -2.16 -27.51 30.19
CA GLY C 379 -2.80 -28.64 29.52
C GLY C 379 -2.99 -29.82 30.46
N GLU C 380 -2.27 -30.92 30.17
CA GLU C 380 -2.32 -32.13 30.97
C GLU C 380 -1.41 -32.00 32.20
N CYS C 381 -0.34 -31.20 32.07
CA CYS C 381 0.63 -30.99 33.15
C CYS C 381 0.06 -30.03 34.20
N ARG C 382 0.50 -30.21 35.45
CA ARG C 382 0.07 -29.42 36.61
C ARG C 382 1.27 -29.19 37.53
N GLY C 383 1.08 -28.39 38.59
CA GLY C 383 2.13 -28.13 39.57
C GLY C 383 1.76 -27.03 40.56
N ILE C 384 2.70 -26.73 41.46
CA ILE C 384 2.59 -25.65 42.44
C ILE C 384 3.89 -24.83 42.40
N LEU C 385 3.73 -23.50 42.36
CA LEU C 385 4.83 -22.55 42.20
C LEU C 385 4.88 -21.60 43.41
N LYS C 386 6.08 -21.44 43.99
CA LYS C 386 6.37 -20.46 45.02
C LYS C 386 7.45 -19.49 44.52
N LYS C 387 7.14 -18.19 44.56
CA LYS C 387 8.01 -17.15 44.00
C LYS C 387 8.12 -15.97 44.97
N SER C 388 9.07 -15.08 44.69
CA SER C 388 9.31 -13.83 45.41
C SER C 388 9.75 -12.75 44.41
N LYS C 389 10.02 -11.53 44.92
CA LYS C 389 10.38 -10.38 44.09
C LYS C 389 11.58 -10.72 43.20
N MET C 390 11.29 -10.99 41.92
CA MET C 390 12.28 -11.26 40.87
C MET C 390 13.15 -12.47 41.23
N LYS C 391 12.50 -13.52 41.76
CA LYS C 391 13.17 -14.78 42.05
C LYS C 391 12.13 -15.90 42.19
N LEU C 392 12.36 -17.02 41.48
CA LEU C 392 11.63 -18.26 41.68
C LEU C 392 12.24 -18.99 42.88
N GLU C 393 11.44 -19.21 43.93
CA GLU C 393 11.91 -19.86 45.14
C GLU C 393 11.91 -21.39 44.91
N LYS C 394 10.71 -21.94 44.64
CA LYS C 394 10.56 -23.39 44.42
C LYS C 394 9.38 -23.63 43.47
N LEU C 395 9.46 -24.75 42.73
CA LEU C 395 8.44 -25.16 41.76
C LEU C 395 8.30 -26.68 41.76
N LEU C 396 7.15 -27.16 42.27
CA LEU C 396 6.75 -28.57 42.18
C LEU C 396 5.91 -28.74 40.91
N ILE C 397 6.10 -29.85 40.20
CA ILE C 397 5.32 -30.14 38.98
C ILE C 397 4.89 -31.61 38.97
N ASN C 398 3.90 -31.89 38.10
CA ASN C 398 3.33 -33.21 37.89
C ASN C 398 4.10 -33.90 36.75
N SER C 399 3.58 -35.04 36.28
CA SER C 399 4.13 -35.76 35.13
C SER C 399 3.02 -36.08 34.13
N ALA C 400 3.13 -35.52 32.92
CA ALA C 400 2.17 -35.71 31.84
C ALA C 400 2.92 -35.72 30.50
N LYS C 401 2.52 -34.86 29.55
CA LYS C 401 3.17 -34.79 28.23
C LYS C 401 4.54 -34.11 28.37
N LYS C 402 5.53 -34.67 27.66
CA LYS C 402 6.92 -34.25 27.70
C LYS C 402 7.06 -32.78 27.25
N GLU C 403 6.24 -32.39 26.27
CA GLU C 403 6.26 -31.03 25.69
C GLU C 403 5.44 -30.07 26.57
N ASP C 404 4.35 -30.58 27.18
CA ASP C 404 3.49 -29.78 28.06
C ASP C 404 4.24 -29.45 29.36
N MET C 405 5.00 -30.44 29.87
CA MET C 405 5.86 -30.26 31.05
C MET C 405 6.95 -29.23 30.75
N ARG C 406 7.52 -29.32 29.55
CA ARG C 406 8.60 -28.44 29.08
C ARG C 406 8.13 -26.98 29.07
N ASP C 407 6.89 -26.74 28.63
CA ASP C 407 6.33 -25.40 28.46
C ASP C 407 6.10 -24.74 29.83
N LEU C 408 5.50 -25.50 30.77
CA LEU C 408 5.13 -25.02 32.10
C LEU C 408 6.36 -24.49 32.84
N ILE C 409 7.48 -25.23 32.72
CA ILE C 409 8.75 -24.88 33.36
C ILE C 409 9.18 -23.49 32.86
N ILE C 410 9.14 -23.29 31.53
CA ILE C 410 9.54 -22.03 30.89
C ILE C 410 8.59 -20.92 31.34
N LEU C 411 7.27 -21.18 31.23
CA LEU C 411 6.23 -20.22 31.59
C LEU C 411 6.43 -19.74 33.04
N CYS C 412 6.59 -20.70 33.95
CA CYS C 412 6.71 -20.42 35.39
C CYS C 412 7.97 -19.60 35.70
N MET C 413 9.06 -19.89 34.99
CA MET C 413 10.33 -19.18 35.14
C MET C 413 10.18 -17.71 34.71
N VAL C 414 9.44 -17.48 33.62
CA VAL C 414 9.16 -16.14 33.11
C VAL C 414 8.23 -15.40 34.07
N PHE C 415 7.11 -16.05 34.42
CA PHE C 415 6.09 -15.49 35.34
C PHE C 415 6.76 -15.00 36.64
N SER C 416 7.80 -15.72 37.09
CA SER C 416 8.52 -15.41 38.32
C SER C 416 9.26 -14.07 38.21
N GLN C 417 9.66 -13.70 36.99
CA GLN C 417 10.40 -12.46 36.70
C GLN C 417 11.80 -12.55 37.32
N ASP C 418 12.37 -13.75 37.30
CA ASP C 418 13.66 -14.03 37.93
C ASP C 418 14.74 -13.18 37.25
N THR C 419 15.67 -12.64 38.05
CA THR C 419 16.77 -11.83 37.55
C THR C 419 17.64 -12.65 36.57
N ARG C 420 17.71 -13.97 36.80
CA ARG C 420 18.42 -14.91 35.93
C ARG C 420 17.80 -14.94 34.53
N MET C 421 16.46 -15.03 34.49
CA MET C 421 15.68 -15.14 33.24
C MET C 421 15.87 -13.89 32.38
N PHE C 422 15.91 -12.70 33.00
CA PHE C 422 16.13 -11.43 32.32
C PHE C 422 17.57 -11.35 31.76
N GLN C 423 18.52 -12.00 32.46
CA GLN C 423 19.93 -11.97 32.10
C GLN C 423 20.20 -12.92 30.92
N GLY C 424 19.29 -13.87 30.68
CA GLY C 424 19.39 -14.85 29.60
C GLY C 424 18.76 -14.39 28.29
N VAL C 425 18.35 -13.11 28.23
CA VAL C 425 17.81 -12.51 27.01
C VAL C 425 18.98 -12.19 26.08
N ARG C 426 19.23 -13.08 25.11
CA ARG C 426 20.32 -12.94 24.15
C ARG C 426 19.78 -13.09 22.72
N GLY C 427 19.65 -11.95 22.02
CA GLY C 427 19.10 -11.88 20.68
C GLY C 427 18.34 -10.58 20.49
N GLU C 428 17.46 -10.57 19.47
CA GLU C 428 16.61 -9.42 19.17
C GLU C 428 15.23 -9.64 19.80
N ILE C 429 14.91 -8.81 20.80
CA ILE C 429 13.59 -8.78 21.44
C ILE C 429 13.02 -7.36 21.26
N ASN C 430 11.72 -7.28 20.98
CA ASN C 430 11.03 -6.03 20.68
C ASN C 430 9.95 -5.80 21.75
N PHE C 431 10.09 -4.69 22.49
CA PHE C 431 9.09 -4.23 23.46
C PHE C 431 8.27 -3.07 22.87
N LEU C 432 8.74 -2.53 21.74
CA LEU C 432 8.06 -1.48 20.99
C LEU C 432 7.95 -1.92 19.52
N ASN C 433 6.76 -1.77 18.92
CA ASN C 433 6.50 -2.27 17.57
C ASN C 433 6.93 -1.20 16.53
N ARG C 434 6.78 -1.54 15.25
CA ARG C 434 7.27 -0.75 14.12
C ARG C 434 6.61 0.65 14.08
N ALA C 435 5.37 0.72 14.58
CA ALA C 435 4.60 1.98 14.67
C ALA C 435 4.80 2.65 16.05
N GLY C 436 5.85 2.25 16.77
CA GLY C 436 6.25 2.86 18.03
C GLY C 436 5.19 2.73 19.13
N GLN C 437 4.42 1.64 19.09
CA GLN C 437 3.44 1.32 20.11
C GLN C 437 4.02 0.24 21.04
N LEU C 438 3.51 0.21 22.28
CA LEU C 438 4.02 -0.64 23.34
C LEU C 438 3.54 -2.08 23.15
N LEU C 439 4.47 -3.03 23.32
CA LEU C 439 4.18 -4.45 23.41
C LEU C 439 4.48 -4.89 24.85
N SER C 440 3.56 -5.68 25.43
CA SER C 440 3.64 -6.08 26.84
C SER C 440 4.93 -6.88 27.08
N PRO C 441 5.90 -6.33 27.83
CA PRO C 441 7.21 -6.96 28.01
C PRO C 441 7.12 -8.41 28.50
N MET C 442 6.24 -8.66 29.48
CA MET C 442 6.11 -9.96 30.12
C MET C 442 5.55 -10.99 29.13
N TYR C 443 4.65 -10.53 28.25
CA TYR C 443 4.05 -11.39 27.21
C TYR C 443 5.00 -11.55 26.02
N GLN C 444 5.88 -10.56 25.80
CA GLN C 444 6.91 -10.65 24.77
C GLN C 444 8.01 -11.64 25.20
N LEU C 445 8.41 -11.56 26.48
CA LEU C 445 9.41 -12.46 27.05
C LEU C 445 8.87 -13.89 27.09
N GLN C 446 7.56 -14.04 27.25
CA GLN C 446 6.90 -15.34 27.23
C GLN C 446 7.07 -16.01 25.86
N ARG C 447 6.86 -15.22 24.80
CA ARG C 447 6.94 -15.71 23.41
C ARG C 447 8.40 -16.02 23.04
N TYR C 448 9.34 -15.17 23.49
CA TYR C 448 10.75 -15.29 23.11
C TYR C 448 11.34 -16.61 23.62
N PHE C 449 11.24 -16.84 24.93
CA PHE C 449 11.90 -17.96 25.62
C PHE C 449 11.15 -19.28 25.36
N LEU C 450 9.94 -19.21 24.80
CA LEU C 450 9.16 -20.39 24.43
C LEU C 450 9.81 -21.07 23.20
N ASN C 451 10.55 -20.27 22.41
CA ASN C 451 11.30 -20.76 21.25
C ASN C 451 12.71 -21.16 21.68
N ARG C 452 13.49 -20.18 22.14
CA ARG C 452 14.90 -20.38 22.53
C ARG C 452 14.97 -20.75 24.02
N SER C 453 14.68 -22.02 24.32
CA SER C 453 14.66 -22.55 25.68
C SER C 453 16.05 -23.03 26.11
N ASN C 454 16.86 -23.47 25.13
CA ASN C 454 18.20 -24.01 25.39
C ASN C 454 19.09 -22.94 26.04
N ASP C 455 18.90 -21.68 25.64
CA ASP C 455 19.65 -20.54 26.18
C ASP C 455 19.19 -20.23 27.61
N LEU C 456 17.87 -20.33 27.84
CA LEU C 456 17.26 -20.06 29.15
C LEU C 456 17.81 -21.01 30.21
N PHE C 457 17.79 -22.32 29.91
CA PHE C 457 18.18 -23.36 30.86
C PHE C 457 19.66 -23.24 31.22
N ASP C 458 20.50 -22.93 30.23
CA ASP C 458 21.95 -22.81 30.43
C ASP C 458 22.29 -21.60 31.29
N GLN C 459 21.52 -20.51 31.11
CA GLN C 459 21.75 -19.25 31.83
C GLN C 459 21.07 -19.25 33.20
N TRP C 460 20.46 -20.39 33.58
CA TRP C 460 19.69 -20.50 34.81
C TRP C 460 20.56 -21.11 35.93
N GLY C 461 21.01 -22.36 35.71
CA GLY C 461 21.79 -23.11 36.69
C GLY C 461 21.28 -24.52 36.87
N TYR C 462 22.04 -25.34 37.59
CA TYR C 462 21.72 -26.74 37.84
C TYR C 462 22.20 -27.15 39.25
N GLU C 463 21.64 -28.24 39.76
CA GLU C 463 21.96 -28.74 41.12
C GLU C 463 21.55 -30.22 41.23
N GLU C 464 21.78 -30.81 42.41
CA GLU C 464 21.42 -32.19 42.71
C GLU C 464 19.89 -32.34 42.76
N SER C 465 19.39 -33.48 42.28
CA SER C 465 17.96 -33.80 42.26
C SER C 465 17.48 -34.16 43.66
N PRO C 466 16.16 -34.05 43.95
CA PRO C 466 15.62 -34.46 45.24
C PRO C 466 15.66 -35.98 45.44
N LYS C 467 15.77 -36.41 46.70
CA LYS C 467 15.91 -37.81 47.07
C LYS C 467 14.80 -38.18 48.07
N ALA C 468 13.59 -37.68 47.82
CA ALA C 468 12.41 -37.91 48.66
C ALA C 468 11.66 -39.15 48.17
N SER C 469 10.39 -39.29 48.61
CA SER C 469 9.55 -40.43 48.28
C SER C 469 9.20 -40.44 46.78
N GLU C 470 8.41 -39.46 46.35
CA GLU C 470 7.91 -39.39 44.96
C GLU C 470 8.53 -38.21 44.22
N LEU C 471 9.63 -37.65 44.75
CA LEU C 471 10.31 -36.48 44.18
C LEU C 471 11.60 -36.93 43.50
N HIS C 472 11.63 -36.84 42.16
CA HIS C 472 12.81 -37.11 41.34
C HIS C 472 12.86 -36.11 40.18
N GLY C 473 14.04 -35.52 39.97
CA GLY C 473 14.23 -34.34 39.10
C GLY C 473 14.43 -34.71 37.63
N ILE C 474 14.24 -33.72 36.76
CA ILE C 474 14.40 -33.86 35.30
C ILE C 474 15.33 -32.75 34.80
N ASN C 475 16.07 -33.05 33.72
CA ASN C 475 17.12 -32.17 33.18
C ASN C 475 16.61 -31.50 31.88
N GLU C 476 17.54 -30.96 31.09
CA GLU C 476 17.25 -30.21 29.86
C GLU C 476 16.46 -31.08 28.86
N SER C 477 16.81 -32.36 28.78
CA SER C 477 16.21 -33.30 27.81
C SER C 477 14.74 -33.60 28.17
N MET C 478 14.35 -33.29 29.42
CA MET C 478 13.00 -33.49 29.95
C MET C 478 12.77 -34.99 30.22
N ASN C 479 13.80 -35.63 30.77
CA ASN C 479 13.75 -37.01 31.28
C ASN C 479 14.32 -37.02 32.70
N ALA C 480 13.96 -38.06 33.47
CA ALA C 480 14.43 -38.23 34.85
C ALA C 480 15.96 -38.21 34.88
N SER C 481 16.54 -37.34 35.71
CA SER C 481 17.98 -37.08 35.71
C SER C 481 18.46 -36.70 37.13
N ASP C 482 19.77 -36.87 37.34
CA ASP C 482 20.42 -36.56 38.62
C ASP C 482 20.57 -35.04 38.76
N TYR C 483 20.93 -34.38 37.66
CA TYR C 483 20.99 -32.92 37.60
C TYR C 483 19.59 -32.37 37.27
N THR C 484 19.20 -31.30 37.98
CA THR C 484 17.94 -30.58 37.72
C THR C 484 18.16 -29.08 37.98
N LEU C 485 17.26 -28.26 37.42
CA LEU C 485 17.38 -26.80 37.46
C LEU C 485 17.03 -26.29 38.87
N LYS C 486 17.72 -25.22 39.28
CA LYS C 486 17.72 -24.74 40.67
C LYS C 486 16.30 -24.30 41.05
N GLY C 487 15.59 -25.22 41.72
CA GLY C 487 14.22 -24.99 42.22
C GLY C 487 13.17 -25.73 41.41
N VAL C 488 13.53 -26.91 40.87
CA VAL C 488 12.62 -27.73 40.07
C VAL C 488 12.53 -29.13 40.71
N VAL C 489 11.30 -29.60 40.90
CA VAL C 489 10.99 -30.91 41.49
C VAL C 489 9.75 -31.49 40.81
N VAL C 490 9.78 -32.81 40.56
CA VAL C 490 8.69 -33.54 39.89
C VAL C 490 8.08 -34.54 40.87
N THR C 491 6.75 -34.55 40.98
CA THR C 491 6.01 -35.41 41.91
C THR C 491 5.06 -36.33 41.11
N ARG C 492 4.46 -37.30 41.82
CA ARG C 492 3.55 -38.29 41.25
C ARG C 492 2.09 -37.97 41.62
N ASN C 493 1.87 -36.85 42.32
CA ASN C 493 0.55 -36.44 42.81
C ASN C 493 0.17 -35.10 42.15
N VAL C 494 -1.14 -34.91 41.93
CA VAL C 494 -1.67 -33.74 41.21
C VAL C 494 -1.60 -32.52 42.13
N THR C 503 -14.00 -20.32 47.53
CA THR C 503 -15.04 -21.12 48.18
C THR C 503 -15.42 -20.51 49.54
N GLU C 504 -14.48 -19.78 50.14
CA GLU C 504 -14.69 -19.07 51.41
C GLU C 504 -15.48 -17.79 51.14
N LYS C 505 -16.35 -17.41 52.10
CA LYS C 505 -17.27 -16.28 51.94
C LYS C 505 -16.48 -14.97 51.98
N VAL C 506 -16.82 -14.07 51.05
CA VAL C 506 -16.18 -12.75 50.90
C VAL C 506 -17.28 -11.69 50.88
N SER C 507 -16.92 -10.47 51.29
CA SER C 507 -17.80 -9.29 51.16
C SER C 507 -16.98 -8.10 50.67
N ILE C 508 -17.67 -7.18 49.99
CA ILE C 508 -17.06 -6.06 49.29
C ILE C 508 -17.50 -4.75 49.96
N THR C 509 -16.52 -3.87 50.23
CA THR C 509 -16.78 -2.56 50.80
C THR C 509 -17.39 -1.65 49.74
N LYS C 510 -18.12 -0.62 50.18
CA LYS C 510 -18.76 0.33 49.27
C LYS C 510 -17.68 1.07 48.46
N ASN C 511 -16.47 1.13 49.03
CA ASN C 511 -15.30 1.78 48.44
C ASN C 511 -14.52 0.78 47.56
N LEU C 512 -15.12 -0.40 47.29
CA LEU C 512 -14.57 -1.45 46.42
C LEU C 512 -13.26 -2.02 47.00
N SER C 513 -13.42 -2.84 48.04
CA SER C 513 -12.36 -3.69 48.59
C SER C 513 -12.98 -5.01 49.04
N LEU C 514 -12.37 -6.13 48.63
CA LEU C 514 -12.84 -7.45 49.02
C LEU C 514 -12.22 -7.84 50.37
N ILE C 515 -13.03 -7.70 51.42
CA ILE C 515 -12.63 -8.03 52.79
C ILE C 515 -13.04 -9.48 53.07
N LYS C 516 -12.22 -10.19 53.84
CA LYS C 516 -12.49 -11.56 54.23
C LYS C 516 -13.31 -11.53 55.52
N ARG C 517 -13.76 -12.71 55.97
CA ARG C 517 -14.58 -12.84 57.17
C ARG C 517 -13.77 -12.44 58.41
N THR C 518 -12.44 -12.65 58.34
CA THR C 518 -11.52 -12.29 59.42
C THR C 518 -11.34 -10.78 59.45
N GLY C 519 -10.96 -10.19 58.30
CA GLY C 519 -10.69 -8.76 58.21
C GLY C 519 -9.65 -8.41 57.16
N GLU C 520 -8.75 -9.36 56.85
CA GLU C 520 -7.74 -9.17 55.81
C GLU C 520 -8.43 -9.05 54.45
N VAL C 521 -7.82 -8.29 53.53
CA VAL C 521 -8.40 -8.00 52.22
C VAL C 521 -7.70 -8.86 51.17
N ILE C 522 -8.47 -9.30 50.16
CA ILE C 522 -7.93 -10.09 49.04
C ILE C 522 -7.57 -9.13 47.91
N MET C 523 -8.51 -8.24 47.57
CA MET C 523 -8.39 -7.32 46.43
C MET C 523 -8.96 -5.95 46.81
N GLY C 524 -8.55 -4.95 46.01
CA GLY C 524 -9.06 -3.59 46.09
C GLY C 524 -9.09 -2.95 44.72
N ALA C 525 -9.76 -1.79 44.62
CA ALA C 525 -9.86 -1.04 43.38
C ALA C 525 -8.47 -0.56 42.93
N ASN C 526 -7.53 -0.48 43.88
CA ASN C 526 -6.18 0.00 43.64
C ASN C 526 -5.32 -1.10 43.01
N ASP C 527 -5.85 -2.34 42.97
CA ASP C 527 -5.09 -3.51 42.52
C ASP C 527 -5.35 -3.81 41.04
N VAL C 528 -6.42 -3.23 40.46
CA VAL C 528 -6.77 -3.45 39.05
C VAL C 528 -5.77 -2.71 38.16
N SER C 529 -5.61 -3.21 36.93
CA SER C 529 -4.65 -2.66 35.97
C SER C 529 -5.16 -1.31 35.45
N GLU C 530 -4.22 -0.37 35.27
CA GLU C 530 -4.51 0.98 34.82
C GLU C 530 -4.76 1.00 33.31
N LEU C 531 -4.18 0.02 32.60
CA LEU C 531 -4.20 -0.06 31.14
C LEU C 531 -5.65 -0.11 30.63
N GLU C 532 -5.93 0.73 29.62
CA GLU C 532 -7.18 0.75 28.87
C GLU C 532 -6.89 0.23 27.47
N SER C 533 -7.54 -0.88 27.08
CA SER C 533 -7.29 -1.53 25.79
C SER C 533 -8.60 -1.75 25.04
N GLN C 534 -8.49 -1.98 23.73
CA GLN C 534 -9.62 -2.18 22.82
C GLN C 534 -10.27 -3.52 23.13
N ALA C 535 -11.58 -3.49 23.43
CA ALA C 535 -12.37 -4.70 23.66
C ALA C 535 -12.44 -5.51 22.36
N GLN C 536 -12.53 -6.84 22.50
CA GLN C 536 -12.54 -7.75 21.36
C GLN C 536 -13.94 -7.74 20.72
N LEU C 537 -14.97 -7.86 21.57
CA LEU C 537 -16.38 -7.72 21.18
C LEU C 537 -16.85 -6.31 21.56
N MET C 538 -18.07 -5.97 21.14
CA MET C 538 -18.64 -4.64 21.30
C MET C 538 -19.29 -4.54 22.69
N ILE C 539 -18.82 -3.59 23.51
CA ILE C 539 -19.35 -3.33 24.85
C ILE C 539 -20.46 -2.27 24.72
N THR C 540 -21.66 -2.62 25.22
CA THR C 540 -22.79 -1.69 25.27
C THR C 540 -23.14 -1.41 26.75
N TYR C 541 -23.51 -0.16 27.03
CA TYR C 541 -23.97 0.26 28.36
C TYR C 541 -25.41 0.76 28.26
N ASP C 542 -26.36 -0.07 28.71
CA ASP C 542 -27.78 0.14 28.46
C ASP C 542 -28.36 1.17 29.45
N THR C 543 -27.60 2.25 29.71
CA THR C 543 -27.99 3.31 30.62
C THR C 543 -27.82 4.66 29.94
N PRO C 544 -28.70 5.64 30.22
CA PRO C 544 -28.42 7.03 29.84
C PRO C 544 -27.05 7.42 30.42
N LYS C 545 -26.38 8.36 29.75
CA LYS C 545 -25.03 8.78 30.11
C LYS C 545 -24.11 7.55 30.16
N MET C 546 -24.07 6.83 29.03
CA MET C 546 -23.19 5.70 28.80
C MET C 546 -21.80 6.18 28.38
N TRP C 547 -21.73 7.41 27.84
CA TRP C 547 -20.49 8.08 27.42
C TRP C 547 -19.46 8.12 28.55
N GLU C 548 -19.91 7.98 29.80
CA GLU C 548 -19.10 8.18 30.99
C GLU C 548 -17.92 7.19 31.02
N MET C 549 -18.08 6.00 30.43
CA MET C 549 -16.99 5.03 30.33
C MET C 549 -16.29 5.14 28.96
N GLY C 550 -16.24 6.35 28.39
CA GLY C 550 -15.60 6.61 27.11
C GLY C 550 -14.10 6.77 27.25
N THR C 551 -13.45 7.25 26.18
CA THR C 551 -12.04 7.63 26.19
C THR C 551 -11.93 9.05 26.76
N THR C 552 -10.70 9.55 26.88
CA THR C 552 -10.42 10.89 27.40
C THR C 552 -11.14 11.93 26.54
N LYS C 553 -10.87 11.89 25.23
CA LYS C 553 -11.34 12.89 24.28
C LYS C 553 -12.87 12.80 24.11
N GLU C 554 -13.43 11.61 24.30
CA GLU C 554 -14.88 11.40 24.24
C GLU C 554 -15.55 12.09 25.44
N LEU C 555 -15.01 11.81 26.63
CA LEU C 555 -15.51 12.37 27.88
C LEU C 555 -15.34 13.90 27.89
N VAL C 556 -14.17 14.37 27.43
CA VAL C 556 -13.82 15.80 27.41
C VAL C 556 -14.85 16.57 26.59
N GLN C 557 -15.18 16.05 25.40
CA GLN C 557 -16.02 16.74 24.43
C GLN C 557 -17.48 16.78 24.91
N ASN C 558 -17.98 15.62 25.36
CA ASN C 558 -19.36 15.48 25.84
C ASN C 558 -19.60 16.38 27.06
N THR C 559 -18.59 16.53 27.92
CA THR C 559 -18.68 17.37 29.11
C THR C 559 -18.87 18.83 28.68
N TYR C 560 -17.92 19.35 27.88
CA TYR C 560 -17.92 20.74 27.45
C TYR C 560 -19.17 21.06 26.61
N GLN C 561 -19.71 20.05 25.91
CA GLN C 561 -20.98 20.19 25.18
C GLN C 561 -22.13 20.41 26.18
N TRP C 562 -22.16 19.59 27.23
CA TRP C 562 -23.16 19.65 28.29
C TRP C 562 -23.07 21.00 29.02
N VAL C 563 -21.86 21.56 29.12
CA VAL C 563 -21.65 22.89 29.72
C VAL C 563 -22.30 23.95 28.83
N LEU C 564 -22.01 23.92 27.53
CA LEU C 564 -22.56 24.87 26.55
C LEU C 564 -24.08 24.77 26.51
N LYS C 565 -24.60 23.53 26.53
CA LYS C 565 -26.03 23.29 26.51
C LYS C 565 -26.72 24.06 27.65
N ASN C 566 -26.18 23.91 28.86
CA ASN C 566 -26.79 24.45 30.09
C ASN C 566 -26.00 25.67 30.59
N LEU C 567 -25.34 26.38 29.67
CA LEU C 567 -24.52 27.56 30.00
C LEU C 567 -25.42 28.69 30.54
N VAL C 568 -26.67 28.72 30.07
CA VAL C 568 -27.66 29.72 30.49
C VAL C 568 -27.92 29.57 32.00
N THR C 569 -28.09 28.32 32.45
CA THR C 569 -28.45 27.99 33.82
C THR C 569 -27.20 27.98 34.71
N LEU C 570 -26.17 27.24 34.27
CA LEU C 570 -24.96 27.00 35.08
C LEU C 570 -24.27 28.32 35.41
N LYS C 571 -24.22 29.25 34.45
CA LYS C 571 -23.56 30.55 34.63
C LYS C 571 -24.37 31.42 35.59
N ALA C 572 -25.71 31.35 35.48
CA ALA C 572 -26.62 32.13 36.31
C ALA C 572 -26.57 31.63 37.76
N GLN C 573 -26.72 30.32 37.94
CA GLN C 573 -26.69 29.66 39.25
C GLN C 573 -25.36 29.95 39.96
N PHE C 574 -24.27 30.06 39.21
CA PHE C 574 -22.94 30.33 39.74
C PHE C 574 -22.90 31.72 40.40
N LEU C 575 -23.59 32.69 39.80
CA LEU C 575 -23.59 34.08 40.25
C LEU C 575 -24.44 34.24 41.53
N LEU C 576 -25.28 33.24 41.83
CA LEU C 576 -26.10 33.19 43.04
C LEU C 576 -25.36 32.35 44.10
N GLY C 577 -25.71 31.05 44.20
CA GLY C 577 -24.98 30.09 45.03
C GLY C 577 -23.62 29.76 44.43
N LYS C 578 -22.62 29.63 45.29
CA LYS C 578 -21.21 29.51 44.88
C LYS C 578 -20.92 28.08 44.39
N GLU C 579 -21.04 27.11 45.31
CA GLU C 579 -20.59 25.73 45.11
C GLU C 579 -21.77 24.77 44.93
N ASP C 580 -22.97 25.33 44.70
CA ASP C 580 -24.20 24.56 44.53
C ASP C 580 -24.11 23.73 43.24
N MET C 581 -23.49 24.31 42.20
CA MET C 581 -23.52 23.76 40.84
C MET C 581 -22.11 23.32 40.40
N PHE C 582 -21.21 23.09 41.36
CA PHE C 582 -19.89 22.52 41.07
C PHE C 582 -19.98 21.00 41.05
N GLN C 583 -20.93 20.44 41.81
CA GLN C 583 -21.15 19.01 41.91
C GLN C 583 -22.21 18.59 40.88
N TRP C 584 -21.74 18.17 39.70
CA TRP C 584 -22.59 17.69 38.61
C TRP C 584 -22.02 16.38 38.06
N ASP C 585 -22.92 15.54 37.54
CA ASP C 585 -22.64 14.15 37.16
C ASP C 585 -21.65 14.11 35.99
N ALA C 586 -21.70 15.13 35.12
CA ALA C 586 -20.77 15.26 33.99
C ALA C 586 -19.35 15.51 34.51
N PHE C 587 -19.23 16.41 35.49
CA PHE C 587 -17.94 16.80 36.05
C PHE C 587 -17.35 15.66 36.89
N GLU C 588 -18.24 14.79 37.42
CA GLU C 588 -17.83 13.57 38.12
C GLU C 588 -17.13 12.64 37.12
N ALA C 589 -17.80 12.36 36.01
CA ALA C 589 -17.23 11.57 34.92
C ALA C 589 -15.92 12.23 34.44
N PHE C 590 -15.94 13.57 34.33
CA PHE C 590 -14.79 14.33 33.85
C PHE C 590 -13.59 14.15 34.79
N GLU C 591 -13.83 13.97 36.10
CA GLU C 591 -12.74 13.80 37.08
C GLU C 591 -11.93 12.53 36.78
N SER C 592 -12.62 11.47 36.33
CA SER C 592 -12.04 10.13 36.16
C SER C 592 -10.99 10.10 35.03
N ILE C 593 -10.92 11.16 34.23
CA ILE C 593 -9.91 11.30 33.16
C ILE C 593 -8.80 12.26 33.60
N ILE C 594 -8.88 12.78 34.83
CA ILE C 594 -7.83 13.63 35.41
C ILE C 594 -6.91 12.73 36.24
N PRO C 595 -5.56 12.92 36.17
CA PRO C 595 -4.66 12.20 37.08
C PRO C 595 -5.03 12.54 38.53
N GLN C 596 -5.41 11.50 39.30
CA GLN C 596 -5.95 11.64 40.65
C GLN C 596 -4.97 12.43 41.54
N LYS C 597 -3.67 12.29 41.27
CA LYS C 597 -2.61 12.92 42.07
C LYS C 597 -2.48 14.41 41.76
N MET C 598 -3.28 14.93 40.81
CA MET C 598 -3.28 16.36 40.46
C MET C 598 -4.70 16.95 40.40
N ALA C 599 -5.73 16.10 40.55
CA ALA C 599 -7.15 16.53 40.45
C ALA C 599 -7.46 17.61 41.50
N GLY C 600 -7.11 17.33 42.76
CA GLY C 600 -7.36 18.22 43.88
C GLY C 600 -6.86 19.64 43.62
N GLN C 601 -5.60 19.73 43.18
CA GLN C 601 -4.91 21.01 43.00
C GLN C 601 -5.55 21.80 41.84
N TYR C 602 -5.98 21.10 40.79
CA TYR C 602 -6.63 21.73 39.63
C TYR C 602 -7.93 22.42 40.06
N SER C 603 -8.70 21.77 40.95
CA SER C 603 -9.96 22.32 41.48
C SER C 603 -9.69 23.55 42.35
N GLY C 604 -8.63 23.47 43.17
CA GLY C 604 -8.17 24.59 43.98
C GLY C 604 -7.86 25.81 43.13
N PHE C 605 -7.25 25.56 41.96
CA PHE C 605 -6.87 26.59 41.02
C PHE C 605 -8.11 27.14 40.30
N ALA C 606 -8.92 26.24 39.74
CA ALA C 606 -10.03 26.58 38.84
C ALA C 606 -11.09 27.41 39.60
N ARG C 607 -11.50 26.93 40.77
CA ARG C 607 -12.52 27.59 41.61
C ARG C 607 -12.07 29.01 41.98
N ALA C 608 -10.77 29.15 42.28
CA ALA C 608 -10.16 30.40 42.70
C ALA C 608 -10.22 31.43 41.57
N VAL C 609 -10.05 30.96 40.32
CA VAL C 609 -10.13 31.81 39.14
C VAL C 609 -11.60 32.12 38.84
N LEU C 610 -12.45 31.08 38.89
CA LEU C 610 -13.91 31.21 38.69
C LEU C 610 -14.48 32.29 39.62
N LYS C 611 -14.24 32.15 40.93
CA LYS C 611 -14.76 33.07 41.94
C LYS C 611 -14.18 34.48 41.73
N GLN C 612 -12.90 34.53 41.31
CA GLN C 612 -12.17 35.78 41.06
C GLN C 612 -12.87 36.59 39.97
N MET C 613 -13.43 35.90 38.96
CA MET C 613 -14.19 36.54 37.90
C MET C 613 -15.50 37.11 38.48
N ARG C 614 -16.26 36.25 39.17
CA ARG C 614 -17.55 36.63 39.78
C ARG C 614 -17.36 37.88 40.65
N ASP C 615 -16.42 37.80 41.59
CA ASP C 615 -16.29 38.79 42.68
C ASP C 615 -15.75 40.12 42.12
N GLN C 616 -14.67 40.07 41.34
CA GLN C 616 -13.98 41.28 40.86
C GLN C 616 -14.60 41.80 39.55
N GLU C 617 -15.59 41.07 39.01
CA GLU C 617 -16.45 41.52 37.89
C GLU C 617 -15.80 41.21 36.53
N VAL C 618 -14.50 40.89 36.54
CA VAL C 618 -13.71 40.69 35.32
C VAL C 618 -13.96 39.27 34.81
N MET C 619 -15.03 39.11 34.02
CA MET C 619 -15.54 37.81 33.58
C MET C 619 -14.95 37.45 32.21
N LYS C 620 -15.07 36.17 31.85
CA LYS C 620 -14.62 35.60 30.58
C LYS C 620 -15.32 34.26 30.38
N THR C 621 -16.31 34.24 29.48
CA THR C 621 -17.28 33.15 29.37
C THR C 621 -16.60 31.87 28.85
N ASP C 622 -15.64 32.02 27.93
CA ASP C 622 -14.88 30.88 27.39
C ASP C 622 -14.03 30.25 28.49
N GLN C 623 -13.38 31.11 29.29
CA GLN C 623 -12.50 30.69 30.38
C GLN C 623 -13.34 30.06 31.50
N PHE C 624 -14.55 30.60 31.73
CA PHE C 624 -15.52 30.00 32.64
C PHE C 624 -15.81 28.55 32.22
N ILE C 625 -16.17 28.39 30.94
CA ILE C 625 -16.49 27.10 30.33
C ILE C 625 -15.30 26.16 30.47
N LYS C 626 -14.09 26.67 30.16
CA LYS C 626 -12.87 25.86 30.11
C LYS C 626 -12.61 25.20 31.46
N LEU C 627 -12.75 25.96 32.55
CA LEU C 627 -12.27 25.58 33.88
C LEU C 627 -13.38 24.94 34.72
N LEU C 628 -14.65 25.26 34.44
CA LEU C 628 -15.78 24.85 35.31
C LEU C 628 -15.73 23.35 35.62
N PRO C 629 -15.53 22.45 34.63
CA PRO C 629 -15.49 21.01 34.89
C PRO C 629 -14.44 20.55 35.92
N PHE C 630 -13.31 21.27 35.99
CA PHE C 630 -12.22 20.95 36.91
C PHE C 630 -12.63 21.20 38.37
N CYS C 631 -13.64 22.07 38.56
CA CYS C 631 -14.17 22.43 39.88
C CYS C 631 -15.19 21.39 40.35
N PHE C 632 -14.69 20.18 40.68
CA PHE C 632 -15.52 19.09 41.22
C PHE C 632 -14.78 18.42 42.37
N SER C 633 -13.54 17.98 42.10
CA SER C 633 -12.64 17.41 43.10
C SER C 633 -12.53 18.36 44.29
N PRO C 634 -12.64 17.86 45.54
CA PRO C 634 -12.40 18.71 46.72
C PRO C 634 -11.06 19.42 46.59
N PRO C 635 -11.01 20.77 46.73
CA PRO C 635 -9.78 21.54 46.49
C PRO C 635 -8.59 21.09 47.38
N LYS C 636 -7.38 21.38 46.90
CA LYS C 636 -6.14 21.11 47.62
C LYS C 636 -5.19 22.29 47.40
N LEU C 637 -5.21 23.24 48.34
CA LEU C 637 -4.40 24.45 48.28
C LEU C 637 -3.00 24.14 48.82
N ARG C 638 -2.09 25.11 48.70
CA ARG C 638 -0.76 25.01 49.29
C ARG C 638 -0.88 25.20 50.81
N SER C 639 0.25 25.12 51.52
CA SER C 639 0.28 25.20 52.97
C SER C 639 -0.02 26.62 53.46
N ASN C 640 0.21 27.62 52.60
CA ASN C 640 0.07 29.03 52.97
C ASN C 640 -1.28 29.59 52.49
N GLY C 641 -2.23 28.71 52.17
CA GLY C 641 -3.60 29.11 51.83
C GLY C 641 -3.81 29.31 50.34
N GLU C 642 -2.81 29.91 49.67
CA GLU C 642 -2.90 30.26 48.25
C GLU C 642 -2.97 28.99 47.40
N PRO C 643 -3.82 28.94 46.35
CA PRO C 643 -3.91 27.77 45.48
C PRO C 643 -2.64 27.52 44.62
N TYR C 644 -2.56 26.31 44.06
CA TYR C 644 -1.54 25.95 43.09
C TYR C 644 -1.86 26.65 41.75
N GLN C 645 -0.82 27.12 41.06
CA GLN C 645 -0.95 27.78 39.76
C GLN C 645 -0.46 26.81 38.67
N PHE C 646 -1.06 26.90 37.48
CA PHE C 646 -0.80 25.96 36.38
C PHE C 646 -0.78 26.70 35.05
N LEU C 647 0.11 26.25 34.15
CA LEU C 647 0.16 26.70 32.76
C LEU C 647 -0.77 25.83 31.91
N LYS C 648 -0.67 24.51 32.11
CA LYS C 648 -1.54 23.54 31.44
C LYS C 648 -2.10 22.55 32.46
N LEU C 649 -3.20 21.90 32.08
CA LEU C 649 -3.88 20.89 32.90
C LEU C 649 -3.79 19.55 32.18
N VAL C 650 -2.83 18.72 32.58
CA VAL C 650 -2.55 17.43 31.95
C VAL C 650 -3.64 16.43 32.37
N LEU C 651 -4.11 15.64 31.41
CA LEU C 651 -5.17 14.65 31.59
C LEU C 651 -4.69 13.28 31.10
N LYS C 652 -5.45 12.23 31.45
CA LYS C 652 -5.10 10.83 31.16
C LYS C 652 -5.05 10.60 29.66
N GLY C 653 -3.95 9.99 29.19
CA GLY C 653 -3.75 9.61 27.78
C GLY C 653 -2.47 10.17 27.22
N GLY C 654 -2.44 10.34 25.89
CA GLY C 654 -1.28 10.83 25.15
C GLY C 654 -0.97 12.29 25.47
N GLY C 655 0.22 12.73 25.06
CA GLY C 655 0.76 14.04 25.39
C GLY C 655 -0.07 15.20 24.83
N GLU C 656 -1.04 14.87 23.98
CA GLU C 656 -1.92 15.86 23.35
C GLU C 656 -3.27 15.91 24.08
N ASN C 657 -3.45 15.06 25.10
CA ASN C 657 -4.65 15.07 25.92
C ASN C 657 -4.45 16.05 27.09
N PHE C 658 -4.38 17.35 26.80
CA PHE C 658 -4.17 18.37 27.82
C PHE C 658 -4.94 19.64 27.46
N ILE C 659 -5.34 20.38 28.51
CA ILE C 659 -5.96 21.69 28.40
C ILE C 659 -4.89 22.74 28.72
N GLU C 660 -5.04 23.94 28.14
CA GLU C 660 -4.17 25.09 28.43
C GLU C 660 -4.96 26.10 29.25
N VAL C 661 -4.25 26.94 30.01
CA VAL C 661 -4.88 27.98 30.84
C VAL C 661 -4.90 29.28 30.03
N ARG C 662 -3.75 29.67 29.48
CA ARG C 662 -3.56 30.96 28.83
C ARG C 662 -3.89 30.83 27.34
N LYS C 663 -3.21 29.90 26.65
CA LYS C 663 -3.38 29.65 25.23
C LYS C 663 -4.57 28.71 25.00
N GLY C 664 -4.79 28.37 23.73
CA GLY C 664 -5.58 27.22 23.33
C GLY C 664 -4.75 25.95 23.30
N SER C 665 -5.43 24.81 23.38
CA SER C 665 -4.81 23.49 23.44
C SER C 665 -5.43 22.58 22.38
N PRO C 666 -4.80 21.42 22.07
CA PRO C 666 -5.37 20.47 21.11
C PRO C 666 -6.79 19.98 21.42
N LEU C 667 -7.20 20.08 22.69
CA LEU C 667 -8.53 19.64 23.14
C LEU C 667 -9.52 20.82 23.14
N PHE C 668 -9.04 22.03 23.46
CA PHE C 668 -9.90 23.19 23.72
C PHE C 668 -9.21 24.47 23.24
N SER C 669 -9.91 25.28 22.44
CA SER C 669 -9.41 26.58 21.99
C SER C 669 -10.58 27.45 21.49
N TYR C 670 -10.49 28.75 21.76
CA TYR C 670 -11.53 29.71 21.42
C TYR C 670 -10.99 30.73 20.42
N ASN C 671 -11.77 30.98 19.35
CA ASN C 671 -11.49 32.01 18.36
C ASN C 671 -12.43 33.18 18.60
N PRO C 672 -11.95 34.30 19.18
CA PRO C 672 -12.79 35.48 19.40
C PRO C 672 -13.32 36.12 18.11
N GLN C 673 -12.48 36.17 17.06
CA GLN C 673 -12.83 36.79 15.79
C GLN C 673 -14.18 36.27 15.28
N THR C 674 -14.30 34.93 15.24
CA THR C 674 -15.46 34.23 14.74
C THR C 674 -16.43 33.89 15.88
N GLU C 675 -15.97 34.06 17.13
CA GLU C 675 -16.68 33.66 18.35
C GLU C 675 -17.00 32.16 18.27
N VAL C 676 -15.99 31.37 17.88
CA VAL C 676 -16.12 29.93 17.65
C VAL C 676 -15.23 29.19 18.65
N LEU C 677 -15.84 28.23 19.35
CA LEU C 677 -15.16 27.35 20.29
C LEU C 677 -14.88 26.01 19.59
N THR C 678 -13.63 25.56 19.67
CA THR C 678 -13.19 24.32 19.01
C THR C 678 -12.86 23.27 20.07
N ILE C 679 -13.72 22.25 20.19
CA ILE C 679 -13.56 21.17 21.17
C ILE C 679 -13.27 19.86 20.41
N CYS C 680 -12.01 19.40 20.48
CA CYS C 680 -11.55 18.15 19.88
C CYS C 680 -11.84 18.13 18.38
N GLY C 681 -11.66 19.29 17.72
CA GLY C 681 -11.83 19.43 16.27
C GLY C 681 -13.27 19.65 15.84
N ARG C 682 -14.20 19.73 16.80
CA ARG C 682 -15.59 20.07 16.53
C ARG C 682 -15.80 21.55 16.86
N MET C 683 -16.55 22.25 16.01
CA MET C 683 -16.68 23.70 16.04
C MET C 683 -18.09 24.10 16.50
N MET C 684 -18.15 24.78 17.65
CA MET C 684 -19.37 25.29 18.25
C MET C 684 -19.28 26.82 18.32
N SER C 685 -20.42 27.49 18.18
CA SER C 685 -20.50 28.95 18.16
C SER C 685 -20.88 29.47 19.55
N LEU C 686 -20.22 30.54 19.99
CA LEU C 686 -20.56 31.25 21.23
C LEU C 686 -21.21 32.60 20.90
N LYS C 687 -21.66 32.77 19.65
CA LYS C 687 -22.45 33.93 19.25
C LYS C 687 -23.77 33.90 20.02
N GLY C 688 -24.12 35.03 20.63
CA GLY C 688 -25.33 35.15 21.45
C GLY C 688 -25.05 34.91 22.92
N LYS C 689 -24.22 33.90 23.22
CA LYS C 689 -23.83 33.54 24.58
C LYS C 689 -22.45 34.15 24.88
N ILE C 690 -22.39 35.48 24.85
CA ILE C 690 -21.17 36.25 25.10
C ILE C 690 -21.57 37.68 25.48
N GLU C 691 -20.85 38.26 26.46
CA GLU C 691 -21.13 39.60 26.97
C GLU C 691 -20.48 40.65 26.04
N ASP C 692 -20.99 41.88 26.11
CA ASP C 692 -20.60 42.97 25.21
C ASP C 692 -19.28 43.59 25.68
N GLU C 693 -19.12 43.71 27.00
CA GLU C 693 -17.95 44.35 27.63
C GLU C 693 -16.76 43.38 27.66
N GLU C 694 -17.04 42.10 27.39
CA GLU C 694 -16.10 40.99 27.52
C GLU C 694 -15.07 41.00 26.38
N ARG C 695 -15.42 41.61 25.23
CA ARG C 695 -14.59 41.56 24.01
C ARG C 695 -13.16 42.02 24.33
N ASN C 696 -13.03 43.26 24.81
CA ASN C 696 -11.73 43.90 25.05
C ASN C 696 -11.20 43.51 26.43
N ARG C 697 -12.09 43.00 27.29
CA ARG C 697 -11.75 42.53 28.64
C ARG C 697 -10.68 41.44 28.53
N SER C 698 -9.48 41.73 29.06
CA SER C 698 -8.30 40.89 28.90
C SER C 698 -8.49 39.54 29.62
N MET C 699 -7.64 38.58 29.25
CA MET C 699 -7.63 37.23 29.81
C MET C 699 -6.71 37.19 31.04
N GLY C 700 -5.75 38.12 31.11
CA GLY C 700 -4.73 38.17 32.17
C GLY C 700 -5.30 37.99 33.56
N ASN C 701 -6.56 38.38 33.76
CA ASN C 701 -7.23 38.35 35.05
C ASN C 701 -7.62 36.91 35.41
N ALA C 702 -8.13 36.15 34.43
CA ALA C 702 -8.60 34.77 34.65
C ALA C 702 -7.56 33.77 34.14
N VAL C 703 -6.32 33.91 34.62
CA VAL C 703 -5.19 33.07 34.19
C VAL C 703 -4.38 32.60 35.41
N LEU C 704 -4.23 33.49 36.40
CA LEU C 704 -3.63 33.15 37.69
C LEU C 704 -4.62 33.46 38.81
N ALA C 705 -4.78 32.50 39.73
CA ALA C 705 -5.67 32.61 40.89
C ALA C 705 -5.11 33.65 41.88
N GLY C 706 -5.93 34.64 42.21
CA GLY C 706 -5.55 35.75 43.08
C GLY C 706 -4.55 36.68 42.40
N PHE C 707 -4.75 36.92 41.10
CA PHE C 707 -3.90 37.82 40.32
C PHE C 707 -4.78 38.59 39.33
N LEU C 708 -4.52 39.90 39.18
CA LEU C 708 -5.29 40.78 38.30
C LEU C 708 -4.34 41.71 37.52
N VAL C 709 -4.79 42.18 36.36
CA VAL C 709 -3.99 43.03 35.48
C VAL C 709 -3.91 44.44 36.09
N SER C 710 -2.77 45.12 35.89
CA SER C 710 -2.58 46.51 36.31
C SER C 710 -2.33 47.42 35.09
N GLY C 711 -1.35 47.04 34.26
CA GLY C 711 -1.01 47.75 33.03
C GLY C 711 -0.42 46.81 31.99
N LYS C 712 0.64 47.28 31.32
CA LYS C 712 1.35 46.51 30.29
C LYS C 712 2.83 46.35 30.71
N TYR C 713 3.49 45.36 30.10
CA TYR C 713 4.91 45.03 30.30
C TYR C 713 5.72 46.27 30.73
N ASP C 714 6.34 46.16 31.90
CA ASP C 714 7.24 47.18 32.46
C ASP C 714 8.66 46.62 32.48
N PRO C 715 9.54 47.01 31.53
CA PRO C 715 10.92 46.51 31.48
C PRO C 715 11.70 46.59 32.80
N ASP C 716 11.27 47.48 33.71
CA ASP C 716 11.89 47.63 35.04
C ASP C 716 11.66 46.37 35.88
N LEU C 717 10.50 45.72 35.72
CA LEU C 717 10.14 44.52 36.49
C LEU C 717 10.99 43.31 36.03
N GLY C 718 11.43 43.34 34.77
CA GLY C 718 12.35 42.34 34.21
C GLY C 718 11.62 41.36 33.31
N ASP C 719 12.10 40.12 33.31
CA ASP C 719 11.61 39.07 32.42
C ASP C 719 10.29 38.50 32.97
N PHE C 720 9.73 37.53 32.26
CA PHE C 720 8.48 36.85 32.65
C PHE C 720 8.78 35.83 33.76
N LYS C 721 7.85 35.71 34.71
CA LYS C 721 8.03 34.84 35.89
C LYS C 721 7.35 33.48 35.62
N THR C 722 7.99 32.41 36.12
CA THR C 722 7.47 31.05 36.03
C THR C 722 6.30 30.90 37.01
N ILE C 723 5.67 29.72 36.99
CA ILE C 723 4.63 29.37 37.96
C ILE C 723 5.18 29.59 39.37
N GLU C 724 6.31 28.94 39.65
CA GLU C 724 7.02 28.98 40.94
C GLU C 724 7.20 30.43 41.39
N GLU C 725 7.89 31.22 40.55
CA GLU C 725 8.27 32.61 40.87
C GLU C 725 7.03 33.43 41.22
N LEU C 726 5.92 33.18 40.52
CA LEU C 726 4.64 33.86 40.75
C LEU C 726 4.00 33.38 42.06
N GLU C 727 4.07 32.06 42.31
CA GLU C 727 3.55 31.47 43.55
C GLU C 727 4.34 32.00 44.75
N LYS C 728 5.62 32.34 44.54
CA LYS C 728 6.49 32.86 45.61
C LYS C 728 6.54 34.39 45.58
N LEU C 729 5.39 35.05 45.36
CA LEU C 729 5.27 36.51 45.47
C LEU C 729 4.42 36.85 46.69
N LYS C 730 4.68 38.04 47.26
CA LYS C 730 3.94 38.58 48.40
C LYS C 730 2.78 39.44 47.88
N PRO C 731 1.53 39.22 48.34
CA PRO C 731 0.38 39.98 47.86
C PRO C 731 0.62 41.50 47.81
N GLY C 732 0.49 42.07 46.61
CA GLY C 732 0.77 43.49 46.37
C GLY C 732 1.90 43.69 45.37
N GLU C 733 2.71 42.64 45.16
CA GLU C 733 3.84 42.68 44.22
C GLU C 733 3.32 42.49 42.79
N LYS C 734 3.88 43.28 41.86
CA LYS C 734 3.55 43.24 40.43
C LYS C 734 4.58 42.34 39.72
N ALA C 735 4.22 41.91 38.50
CA ALA C 735 5.04 40.97 37.73
C ALA C 735 4.66 41.03 36.24
N ASN C 736 5.51 40.42 35.41
CA ASN C 736 5.32 40.32 33.96
C ASN C 736 4.91 38.89 33.59
N ILE C 737 3.85 38.77 32.77
CA ILE C 737 3.28 37.50 32.34
C ILE C 737 3.03 37.55 30.84
N LEU C 738 3.18 36.39 30.18
CA LEU C 738 2.91 36.20 28.76
C LEU C 738 1.76 35.19 28.60
N LEU C 739 0.65 35.63 28.01
CA LEU C 739 -0.56 34.82 27.87
C LEU C 739 -0.35 33.82 26.72
N TYR C 740 -0.36 34.33 25.48
CA TYR C 740 0.07 33.61 24.30
C TYR C 740 1.15 34.47 23.63
N GLN C 741 1.68 34.00 22.49
CA GLN C 741 2.77 34.68 21.80
C GLN C 741 2.35 36.12 21.47
N GLY C 742 3.26 37.06 21.79
CA GLY C 742 3.13 38.49 21.44
C GLY C 742 2.03 39.20 22.19
N LYS C 743 1.75 38.77 23.43
CA LYS C 743 0.73 39.39 24.29
C LYS C 743 1.24 39.45 25.73
N PRO C 744 2.21 40.34 26.06
CA PRO C 744 2.62 40.58 27.44
C PRO C 744 1.54 41.32 28.25
N VAL C 745 1.42 40.98 29.54
CA VAL C 745 0.44 41.59 30.44
C VAL C 745 1.06 41.74 31.84
N LYS C 746 0.95 42.94 32.41
CA LYS C 746 1.49 43.28 33.74
C LYS C 746 0.39 43.07 34.79
N VAL C 747 0.70 42.26 35.80
CA VAL C 747 -0.28 41.72 36.74
C VAL C 747 0.24 41.83 38.17
N VAL C 748 -0.68 42.09 39.10
CA VAL C 748 -0.41 42.24 40.54
C VAL C 748 -1.03 41.04 41.27
N LYS C 749 -0.56 40.81 42.50
CA LYS C 749 -1.10 39.79 43.42
C LYS C 749 -1.99 40.49 44.46
PA M7G D 1 0.84 -9.24 33.68
O1A M7G D 1 1.45 -10.06 32.62
O2A M7G D 1 1.69 -8.47 34.62
O3A M7G D 1 -0.20 -8.25 32.99
O5' M7G D 1 -0.13 -10.18 34.54
PB M7G D 1 -1.25 -7.16 33.57
O1B M7G D 1 -2.59 -7.87 33.70
O2B M7G D 1 -0.72 -6.69 34.90
O3B M7G D 1 -1.27 -5.99 32.46
C5' M7G D 1 -1.17 -10.87 33.84
C4' M7G D 1 -2.01 -11.65 34.82
O4' M7G D 1 -1.12 -12.46 35.65
C3' M7G D 1 -2.83 -10.84 35.84
O3' M7G D 1 -4.02 -11.52 36.20
C2' M7G D 1 -1.86 -10.67 36.98
O2' M7G D 1 -2.52 -10.50 38.23
C1' M7G D 1 -1.16 -12.01 36.99
N9 M7G D 1 0.20 -11.92 37.51
C8 M7G D 1 1.34 -11.70 36.83
N7 M7G D 1 2.39 -11.73 37.65
CM7 M7G D 1 3.79 -11.56 37.23
C5 M7G D 1 1.92 -11.94 38.92
C6 M7G D 1 2.58 -12.06 40.18
O6 M7G D 1 3.78 -11.98 40.40
N1 M7G D 1 1.69 -12.28 41.21
C2 M7G D 1 0.33 -12.39 41.06
N2 M7G D 1 -0.38 -12.61 42.17
N3 M7G D 1 -0.28 -12.29 39.89
C4 M7G D 1 0.55 -12.06 38.85
P PO4 G . -30.15 29.84 -5.65
O1 PO4 G . -29.30 28.67 -6.09
O2 PO4 G . -31.52 29.72 -6.29
O3 PO4 G . -30.29 29.83 -4.15
O4 PO4 G . -29.49 31.12 -6.11
P PO4 H . 12.28 20.25 -6.96
O1 PO4 H . 13.51 19.38 -6.90
O2 PO4 H . 11.24 19.60 -7.86
O3 PO4 H . 12.66 21.60 -7.53
O4 PO4 H . 11.71 20.42 -5.57
P PO4 I . -27.79 3.23 -16.65
O1 PO4 I . -28.25 1.80 -16.50
O2 PO4 I . -26.44 3.25 -17.32
O3 PO4 I . -27.68 3.87 -15.28
O4 PO4 I . -28.78 4.01 -17.49
#